data_6CG1
#
_entry.id   6CG1
#
_cell.length_a   57.582
_cell.length_b   101.651
_cell.length_c   142.430
_cell.angle_alpha   90.000
_cell.angle_beta   99.730
_cell.angle_gamma   90.000
#
_symmetry.space_group_name_H-M   'P 1 21 1'
#
loop_
_entity.id
_entity.type
_entity.pdbx_description
1 polymer 'Lysine-specific demethylase 4A'
2 non-polymer 'NICKEL (II) ION'
3 non-polymer 'ZINC ION'
4 non-polymer '3-{[(4-fluorophenyl)methyl]amino}pyridine-4-carboxylic acid'
5 water water
#
_entity_poly.entity_id   1
_entity_poly.type   'polypeptide(L)'
_entity_poly.pdbx_seq_one_letter_code
;SETLNPSARIMTFYPTMEEFRNFSRYIAYIESQGAHRAGLAKVVPPKEWKPRASYDDIDDLVIPAPIQQLVTGQSGLFTQ
YNIQKKAMTVREFRKIANSDKYCTPRYSEFEELERKYWKNLTFNPPIYGADVNGTLYEKHVDEWNIGRLRTILDLVEKES
GITIEGVNTPYLYFGMWKTSFAWHTEDMDLYSINYLHFGEPKSWYSVPPEHGKRLERLAKGFFPGSAQSCEAFLRHKMTL
ISPLMLKKYGIPFDKVTQEAGEFMITFPYGYHAGFNHGFNCAESTNFATRRWIEYGKQAVLCSCRKDMVKISMDVFVRKF
QPERYKLWKAGKDNTVIDHTLPTPEAAEFL
;
_entity_poly.pdbx_strand_id   A,B,C,D
#
# COMPACT_ATOMS: atom_id res chain seq x y z
N SER A 1 -29.42 -50.51 50.39
CA SER A 1 -30.76 -50.95 50.93
C SER A 1 -31.96 -50.34 50.16
N GLU A 2 -31.92 -49.02 49.93
CA GLU A 2 -32.66 -48.36 48.84
C GLU A 2 -31.71 -48.24 47.61
N THR A 3 -30.43 -47.96 47.89
CA THR A 3 -29.30 -48.09 46.94
C THR A 3 -29.38 -49.37 46.05
N LEU A 4 -29.49 -50.52 46.72
CA LEU A 4 -29.61 -51.83 46.06
C LEU A 4 -31.06 -52.21 45.69
N ASN A 5 -32.07 -51.48 46.22
CA ASN A 5 -33.52 -51.88 46.18
C ASN A 5 -34.03 -52.07 44.78
N PRO A 6 -34.31 -53.33 44.41
CA PRO A 6 -34.53 -53.68 43.01
C PRO A 6 -35.93 -53.37 42.49
N SER A 7 -36.83 -53.01 43.41
CA SER A 7 -38.08 -52.38 43.02
C SER A 7 -37.76 -51.10 42.23
N ALA A 8 -36.61 -50.47 42.54
CA ALA A 8 -35.97 -49.37 41.79
C ALA A 8 -34.71 -49.68 40.91
N ARG A 9 -34.47 -50.93 40.54
CA ARG A 9 -33.40 -51.23 39.58
C ARG A 9 -33.99 -51.36 38.21
N ILE A 10 -33.15 -51.11 37.20
CA ILE A 10 -33.58 -51.03 35.83
C ILE A 10 -33.98 -52.44 35.37
N MET A 11 -35.21 -52.57 34.83
CA MET A 11 -35.69 -53.83 34.31
C MET A 11 -35.64 -53.86 32.78
N THR A 12 -35.55 -55.07 32.25
CA THR A 12 -35.54 -55.39 30.82
C THR A 12 -36.73 -56.34 30.54
N PHE A 13 -37.40 -56.11 29.42
CA PHE A 13 -38.58 -56.83 29.00
C PHE A 13 -38.43 -57.36 27.61
N TYR A 14 -38.99 -58.54 27.39
CA TYR A 14 -38.82 -59.28 26.12
C TYR A 14 -40.17 -59.61 25.57
N PRO A 15 -40.96 -58.60 25.13
CA PRO A 15 -42.33 -58.85 24.65
C PRO A 15 -42.44 -59.72 23.41
N THR A 16 -43.60 -60.31 23.19
CA THR A 16 -43.87 -61.09 22.00
C THR A 16 -44.49 -60.20 20.98
N MET A 17 -44.55 -60.69 19.74
CA MET A 17 -45.08 -59.92 18.64
C MET A 17 -46.55 -59.48 18.91
N GLU A 18 -47.35 -60.33 19.56
CA GLU A 18 -48.67 -59.91 20.07
C GLU A 18 -48.57 -58.85 21.16
N GLU A 19 -47.70 -59.03 22.15
CA GLU A 19 -47.60 -58.01 23.21
C GLU A 19 -47.12 -56.62 22.67
N PHE A 20 -46.36 -56.65 21.57
CA PHE A 20 -45.57 -55.54 21.08
C PHE A 20 -46.38 -54.55 20.26
N ARG A 21 -47.40 -55.05 19.57
CA ARG A 21 -48.15 -54.31 18.57
C ARG A 21 -48.82 -53.08 19.09
N ASN A 22 -49.25 -53.15 20.36
CA ASN A 22 -49.94 -52.03 21.04
C ASN A 22 -48.99 -51.30 22.00
N PHE A 23 -48.51 -50.13 21.61
CA PHE A 23 -47.48 -49.43 22.39
C PHE A 23 -47.94 -48.95 23.75
N SER A 24 -49.03 -48.22 23.78
CA SER A 24 -49.55 -47.60 25.01
C SER A 24 -49.88 -48.61 26.08
N ARG A 25 -50.38 -49.75 25.64
CA ARG A 25 -50.76 -50.85 26.50
C ARG A 25 -49.53 -51.49 27.07
N TYR A 26 -48.54 -51.69 26.24
CA TYR A 26 -47.32 -52.34 26.72
C TYR A 26 -46.63 -51.44 27.72
N ILE A 27 -46.72 -50.11 27.56
CA ILE A 27 -46.14 -49.18 28.56
C ILE A 27 -46.88 -49.29 29.88
N ALA A 28 -48.20 -49.38 29.82
CA ALA A 28 -49.01 -49.62 30.99
C ALA A 28 -48.60 -50.91 31.69
N TYR A 29 -48.36 -51.95 30.89
CA TYR A 29 -47.89 -53.24 31.38
C TYR A 29 -46.58 -53.17 32.12
N ILE A 30 -45.54 -52.61 31.52
CA ILE A 30 -44.24 -52.53 32.24
C ILE A 30 -44.30 -51.67 33.47
N GLU A 31 -45.20 -50.69 33.49
CA GLU A 31 -45.48 -49.95 34.74
C GLU A 31 -46.20 -50.79 35.79
N SER A 32 -47.09 -51.70 35.36
CA SER A 32 -47.76 -52.62 36.33
C SER A 32 -46.74 -53.48 37.02
N GLN A 33 -45.61 -53.73 36.35
CA GLN A 33 -44.45 -54.43 36.94
C GLN A 33 -43.43 -53.52 37.74
N GLY A 34 -43.75 -52.26 38.02
CA GLY A 34 -42.78 -51.40 38.73
C GLY A 34 -41.63 -50.77 37.92
N ALA A 35 -41.58 -50.98 36.60
CA ALA A 35 -40.50 -50.51 35.70
C ALA A 35 -40.13 -49.03 35.87
N HIS A 36 -41.17 -48.27 36.18
CA HIS A 36 -41.11 -46.86 36.27
C HIS A 36 -40.37 -46.38 37.45
N ARG A 37 -40.13 -47.24 38.43
CA ARG A 37 -39.43 -46.80 39.64
C ARG A 37 -37.91 -46.56 39.46
N ALA A 38 -37.32 -47.25 38.50
CA ALA A 38 -35.90 -47.09 38.18
C ALA A 38 -35.70 -45.78 37.40
N GLY A 39 -36.75 -45.37 36.68
CA GLY A 39 -36.73 -44.14 35.86
C GLY A 39 -36.30 -44.42 34.42
N LEU A 40 -35.88 -45.66 34.14
CA LEU A 40 -35.49 -46.10 32.84
C LEU A 40 -35.78 -47.62 32.67
N ALA A 41 -36.22 -48.07 31.50
CA ALA A 41 -36.41 -49.53 31.22
C ALA A 41 -35.96 -49.88 29.85
N LYS A 42 -35.56 -51.14 29.68
CA LYS A 42 -35.18 -51.65 28.37
C LYS A 42 -36.22 -52.59 27.83
N VAL A 43 -36.52 -52.45 26.55
CA VAL A 43 -37.47 -53.30 25.89
C VAL A 43 -36.78 -53.85 24.67
N VAL A 44 -36.67 -55.16 24.63
CA VAL A 44 -36.07 -55.85 23.50
C VAL A 44 -37.20 -56.27 22.55
N PRO A 45 -37.17 -55.79 21.35
CA PRO A 45 -38.30 -56.18 20.54
C PRO A 45 -38.16 -57.67 20.06
N PRO A 46 -39.25 -58.25 19.56
CA PRO A 46 -39.22 -59.58 18.98
C PRO A 46 -38.24 -59.67 17.85
N LYS A 47 -37.59 -60.82 17.73
CA LYS A 47 -36.51 -61.09 16.79
C LYS A 47 -36.92 -60.86 15.32
N GLU A 48 -38.16 -61.19 14.98
CA GLU A 48 -38.67 -60.95 13.62
C GLU A 48 -38.71 -59.49 13.22
N TRP A 49 -39.06 -58.63 14.19
CA TRP A 49 -39.36 -57.22 13.94
C TRP A 49 -38.15 -56.38 13.56
N LYS A 50 -38.35 -55.56 12.53
CA LYS A 50 -37.30 -54.67 12.01
C LYS A 50 -37.88 -53.33 11.49
N PRO A 51 -37.42 -52.20 12.07
CA PRO A 51 -37.89 -50.89 11.58
C PRO A 51 -37.43 -50.52 10.13
N ARG A 52 -36.35 -51.11 9.63
CA ARG A 52 -35.82 -50.81 8.28
C ARG A 52 -35.08 -52.04 7.67
N ALA A 53 -34.97 -52.12 6.34
CA ALA A 53 -34.32 -53.27 5.69
C ALA A 53 -32.84 -53.24 5.94
N SER A 54 -32.21 -52.11 5.58
CA SER A 54 -30.77 -51.90 5.78
C SER A 54 -30.41 -50.41 5.94
N TYR A 55 -29.24 -50.16 6.52
CA TYR A 55 -28.72 -48.83 6.79
C TYR A 55 -27.52 -48.48 5.91
N ASP A 56 -27.51 -49.04 4.70
CA ASP A 56 -26.40 -48.86 3.75
C ASP A 56 -26.57 -47.63 2.85
N ASP A 57 -27.83 -47.24 2.66
CA ASP A 57 -28.25 -46.08 1.90
C ASP A 57 -28.47 -44.80 2.77
N ILE A 58 -27.58 -44.45 3.69
CA ILE A 58 -27.71 -43.15 4.43
C ILE A 58 -26.41 -42.37 4.52
N ASP A 59 -25.41 -42.73 3.71
CA ASP A 59 -24.12 -42.01 3.65
C ASP A 59 -24.29 -40.48 3.41
N ASP A 60 -25.33 -40.14 2.64
CA ASP A 60 -25.55 -38.77 2.17
C ASP A 60 -26.39 -37.94 3.10
N LEU A 61 -26.97 -38.58 4.12
CA LEU A 61 -27.88 -37.91 5.04
C LEU A 61 -27.16 -36.75 5.69
N VAL A 62 -27.84 -35.61 5.71
CA VAL A 62 -27.20 -34.39 6.23
C VAL A 62 -27.48 -34.19 7.71
N ILE A 63 -26.40 -33.94 8.43
CA ILE A 63 -26.45 -33.59 9.83
C ILE A 63 -26.24 -32.08 9.80
N PRO A 64 -27.33 -31.28 9.81
CA PRO A 64 -27.21 -29.83 9.66
C PRO A 64 -26.30 -29.16 10.69
N ALA A 65 -26.35 -29.58 11.94
CA ALA A 65 -25.66 -28.86 13.02
C ALA A 65 -24.85 -29.77 13.99
N PRO A 66 -23.78 -30.41 13.48
CA PRO A 66 -22.90 -31.24 14.32
C PRO A 66 -22.39 -30.46 15.49
N ILE A 67 -22.36 -31.04 16.68
CA ILE A 67 -21.85 -30.25 17.80
C ILE A 67 -20.58 -30.89 18.33
N GLN A 68 -19.58 -30.08 18.64
CA GLN A 68 -18.36 -30.57 19.24
C GLN A 68 -18.48 -30.38 20.74
N GLN A 69 -18.18 -31.42 21.51
CA GLN A 69 -18.48 -31.46 22.96
C GLN A 69 -17.22 -31.25 23.78
N LEU A 70 -17.10 -30.02 24.29
CA LEU A 70 -15.96 -29.57 25.06
C LEU A 70 -16.32 -29.73 26.53
N VAL A 71 -15.51 -30.45 27.27
CA VAL A 71 -15.79 -30.74 28.65
C VAL A 71 -14.64 -30.22 29.49
N THR A 72 -15.04 -29.54 30.58
CA THR A 72 -14.16 -28.92 31.57
C THR A 72 -14.58 -29.32 32.99
N GLY A 73 -13.60 -29.72 33.74
CA GLY A 73 -13.77 -30.02 35.14
C GLY A 73 -12.79 -31.07 35.58
N GLN A 74 -13.04 -31.57 36.78
CA GLN A 74 -12.13 -32.40 37.53
C GLN A 74 -12.91 -33.15 38.62
N SER A 75 -12.28 -34.12 39.26
CA SER A 75 -12.90 -34.76 40.42
C SER A 75 -14.36 -35.17 40.19
N GLY A 76 -14.68 -35.76 39.04
CA GLY A 76 -16.02 -36.28 38.80
C GLY A 76 -17.16 -35.30 38.51
N LEU A 77 -16.86 -33.98 38.48
CA LEU A 77 -17.81 -32.91 38.17
C LEU A 77 -17.40 -32.13 36.94
N PHE A 78 -18.31 -32.00 35.98
CA PHE A 78 -17.97 -31.40 34.71
C PHE A 78 -19.12 -30.62 34.14
N THR A 79 -18.73 -29.68 33.29
CA THR A 79 -19.63 -28.86 32.49
C THR A 79 -19.23 -29.10 31.03
N GLN A 80 -20.24 -29.35 30.23
CA GLN A 80 -20.12 -29.68 28.85
C GLN A 80 -20.58 -28.45 28.05
N TYR A 81 -19.73 -27.95 27.17
CA TYR A 81 -20.04 -26.87 26.29
C TYR A 81 -20.09 -27.38 24.88
N ASN A 82 -21.09 -26.90 24.17
CA ASN A 82 -21.29 -27.16 22.74
C ASN A 82 -20.66 -26.09 21.83
N ILE A 83 -20.02 -26.55 20.76
CA ILE A 83 -19.69 -25.71 19.63
C ILE A 83 -20.40 -26.34 18.46
N GLN A 84 -21.27 -25.59 17.81
CA GLN A 84 -21.80 -25.99 16.53
C GLN A 84 -20.67 -25.89 15.50
N LYS A 85 -20.32 -27.05 14.91
CA LYS A 85 -19.44 -27.18 13.75
C LYS A 85 -20.36 -27.08 12.56
N LYS A 86 -19.76 -26.99 11.36
CA LYS A 86 -20.58 -26.85 10.13
C LYS A 86 -21.15 -28.21 9.64
N ALA A 87 -22.15 -28.11 8.75
CA ALA A 87 -22.88 -29.25 8.24
C ALA A 87 -21.97 -30.20 7.51
N MET A 88 -22.35 -31.48 7.63
CA MET A 88 -21.54 -32.61 7.21
C MET A 88 -22.48 -33.80 7.07
N THR A 89 -22.09 -34.77 6.23
CA THR A 89 -22.89 -35.96 5.95
C THR A 89 -22.60 -37.07 6.93
N VAL A 90 -23.48 -38.06 6.97
CA VAL A 90 -23.22 -39.31 7.74
C VAL A 90 -21.88 -39.94 7.34
N ARG A 91 -21.57 -39.93 6.03
CA ARG A 91 -20.28 -40.50 5.57
C ARG A 91 -19.10 -39.75 6.15
N GLU A 92 -19.12 -38.42 6.14
CA GLU A 92 -17.99 -37.68 6.71
C GLU A 92 -17.93 -37.97 8.18
N PHE A 93 -19.10 -38.01 8.82
CA PHE A 93 -19.17 -38.31 10.25
C PHE A 93 -18.59 -39.68 10.54
N ARG A 94 -19.09 -40.71 9.85
CA ARG A 94 -18.57 -42.08 10.09
C ARG A 94 -17.05 -42.14 9.98
N LYS A 95 -16.52 -41.51 8.92
CA LYS A 95 -15.07 -41.45 8.68
C LYS A 95 -14.34 -40.86 9.87
N ILE A 96 -14.83 -39.70 10.34
CA ILE A 96 -14.24 -39.09 11.54
C ILE A 96 -14.38 -40.07 12.72
N ALA A 97 -15.57 -40.64 12.92
CA ALA A 97 -15.85 -41.55 14.06
C ALA A 97 -14.97 -42.82 14.10
N ASN A 98 -14.95 -43.51 12.94
CA ASN A 98 -14.14 -44.73 12.77
C ASN A 98 -12.67 -44.44 12.53
N SER A 99 -12.26 -43.16 12.47
CA SER A 99 -10.84 -42.78 12.29
C SER A 99 -10.04 -43.21 13.48
N ASP A 100 -8.74 -43.17 13.31
CA ASP A 100 -7.78 -43.59 14.33
C ASP A 100 -7.71 -42.57 15.48
N LYS A 101 -8.09 -41.31 15.24
CA LYS A 101 -8.03 -40.36 16.33
C LYS A 101 -9.21 -40.46 17.34
N TYR A 102 -10.39 -40.82 16.84
CA TYR A 102 -11.65 -40.77 17.58
C TYR A 102 -12.36 -42.13 17.79
N CYS A 103 -11.66 -43.25 17.60
CA CYS A 103 -12.29 -44.58 17.65
C CYS A 103 -12.24 -45.11 19.06
N THR A 104 -13.01 -46.16 19.29
CA THR A 104 -13.14 -46.68 20.61
C THR A 104 -11.82 -47.29 21.04
N PRO A 105 -11.34 -46.96 22.24
CA PRO A 105 -10.15 -47.68 22.69
C PRO A 105 -10.43 -49.16 22.92
N ARG A 106 -9.35 -49.88 23.20
CA ARG A 106 -9.40 -51.31 23.50
C ARG A 106 -10.00 -51.50 24.94
N TYR A 107 -10.86 -52.52 25.10
CA TYR A 107 -11.39 -52.89 26.45
C TYR A 107 -11.89 -54.35 26.55
N SER A 108 -11.79 -54.92 27.76
CA SER A 108 -12.18 -56.30 28.01
C SER A 108 -13.63 -56.40 28.47
N GLU A 109 -13.95 -55.77 29.59
CA GLU A 109 -15.34 -55.74 30.13
C GLU A 109 -15.87 -54.28 30.07
N PHE A 110 -17.20 -54.10 30.07
CA PHE A 110 -17.80 -52.76 30.01
C PHE A 110 -17.14 -51.79 31.03
N GLU A 111 -16.87 -52.27 32.24
CA GLU A 111 -16.31 -51.40 33.29
C GLU A 111 -14.93 -50.78 33.00
N GLU A 112 -14.12 -51.39 32.13
CA GLU A 112 -12.83 -50.80 31.74
C GLU A 112 -13.08 -49.57 30.88
N LEU A 113 -14.01 -49.72 29.93
CA LEU A 113 -14.42 -48.61 29.07
C LEU A 113 -15.07 -47.43 29.82
N GLU A 114 -15.80 -47.74 30.90
CA GLU A 114 -16.38 -46.75 31.77
C GLU A 114 -15.29 -45.92 32.46
N ARG A 115 -14.28 -46.59 33.04
CA ARG A 115 -13.10 -45.90 33.58
C ARG A 115 -12.47 -44.96 32.54
N LYS A 116 -12.34 -45.41 31.29
CA LYS A 116 -11.74 -44.60 30.23
C LYS A 116 -12.57 -43.42 29.80
N TYR A 117 -13.89 -43.58 29.75
CA TYR A 117 -14.77 -42.42 29.61
C TYR A 117 -14.52 -41.38 30.73
N TRP A 118 -14.60 -41.76 32.00
CA TRP A 118 -14.45 -40.80 33.14
C TRP A 118 -13.03 -40.22 33.37
N LYS A 119 -12.02 -40.91 32.86
CA LYS A 119 -10.64 -40.44 32.88
C LYS A 119 -10.37 -39.50 31.67
N ASN A 120 -10.95 -39.77 30.51
CA ASN A 120 -10.64 -39.04 29.28
C ASN A 120 -11.73 -38.12 28.70
N LEU A 121 -12.84 -37.88 29.39
CA LEU A 121 -13.88 -37.06 28.75
C LEU A 121 -13.50 -35.58 28.49
N THR A 122 -12.50 -35.03 29.21
CA THR A 122 -12.03 -33.66 29.00
C THR A 122 -10.94 -33.57 27.91
N PHE A 123 -10.39 -34.71 27.47
CA PHE A 123 -9.40 -34.71 26.36
C PHE A 123 -10.08 -35.01 25.05
N ASN A 124 -9.50 -34.52 23.96
CA ASN A 124 -9.77 -35.07 22.63
C ASN A 124 -11.27 -34.95 22.21
N PRO A 125 -11.81 -33.74 22.16
CA PRO A 125 -13.25 -33.46 22.02
C PRO A 125 -14.00 -34.08 20.86
N PRO A 126 -14.99 -34.96 21.16
CA PRO A 126 -15.71 -35.66 20.10
C PRO A 126 -16.79 -34.80 19.44
N ILE A 127 -17.32 -35.32 18.35
CA ILE A 127 -18.34 -34.64 17.57
C ILE A 127 -19.57 -35.52 17.60
N TYR A 128 -20.71 -34.94 18.04
CA TYR A 128 -21.99 -35.66 18.14
C TYR A 128 -22.87 -35.11 17.10
N GLY A 129 -23.46 -35.96 16.28
CA GLY A 129 -24.41 -35.51 15.30
C GLY A 129 -25.80 -35.54 15.88
N ALA A 130 -26.07 -34.65 16.83
CA ALA A 130 -27.31 -34.70 17.58
C ALA A 130 -28.45 -33.87 17.00
N ASP A 131 -29.65 -34.17 17.50
CA ASP A 131 -30.86 -33.35 17.25
C ASP A 131 -31.14 -33.18 15.78
N VAL A 132 -30.88 -34.20 14.97
CA VAL A 132 -31.11 -34.18 13.52
C VAL A 132 -32.57 -34.52 13.38
N ASN A 133 -33.34 -33.73 12.64
CA ASN A 133 -34.76 -34.00 12.45
C ASN A 133 -34.82 -35.10 11.42
N GLY A 134 -35.42 -36.22 11.78
CA GLY A 134 -35.68 -37.26 10.80
C GLY A 134 -36.09 -38.52 11.51
N THR A 135 -36.41 -39.52 10.70
CA THR A 135 -36.76 -40.87 11.14
C THR A 135 -36.11 -41.83 10.18
N LEU A 136 -35.55 -42.91 10.70
CA LEU A 136 -35.01 -44.00 9.88
C LEU A 136 -35.98 -45.17 9.70
N TYR A 137 -37.21 -45.05 10.18
CA TYR A 137 -38.21 -46.11 10.04
C TYR A 137 -38.84 -46.06 8.68
N GLU A 138 -38.89 -47.21 7.99
CA GLU A 138 -39.56 -47.30 6.68
C GLU A 138 -41.02 -46.98 6.89
N LYS A 139 -41.68 -46.49 5.84
CA LYS A 139 -43.06 -45.98 5.89
C LYS A 139 -44.10 -47.00 6.36
N HIS A 140 -43.82 -48.28 6.12
CA HIS A 140 -44.75 -49.40 6.39
C HIS A 140 -44.87 -49.88 7.84
N VAL A 141 -43.94 -49.45 8.70
CA VAL A 141 -43.80 -50.01 10.05
C VAL A 141 -44.83 -49.50 11.06
N ASP A 142 -45.63 -50.40 11.60
CA ASP A 142 -46.74 -50.01 12.49
C ASP A 142 -46.51 -50.30 13.96
N GLU A 143 -45.41 -50.96 14.31
CA GLU A 143 -45.15 -51.27 15.69
C GLU A 143 -44.04 -50.33 16.21
N TRP A 144 -44.31 -49.67 17.34
CA TRP A 144 -43.34 -48.81 18.02
C TRP A 144 -42.67 -47.80 17.06
N ASN A 145 -43.50 -47.16 16.24
CA ASN A 145 -43.01 -46.19 15.24
C ASN A 145 -42.81 -44.87 16.00
N ILE A 146 -41.55 -44.54 16.22
CA ILE A 146 -41.23 -43.33 16.96
C ILE A 146 -41.96 -42.11 16.34
N GLY A 147 -41.95 -42.00 15.00
CA GLY A 147 -42.72 -40.97 14.26
C GLY A 147 -44.21 -40.85 14.52
N ARG A 148 -44.85 -41.87 15.10
CA ARG A 148 -46.30 -41.86 15.31
C ARG A 148 -46.77 -42.87 16.37
N LEU A 149 -46.49 -42.54 17.63
CA LEU A 149 -46.80 -43.40 18.77
C LEU A 149 -48.23 -43.42 19.30
N ARG A 150 -49.04 -42.43 18.90
CA ARG A 150 -50.47 -42.41 19.27
C ARG A 150 -50.79 -42.22 20.74
N THR A 151 -49.89 -41.57 21.47
CA THR A 151 -50.17 -41.27 22.88
C THR A 151 -51.05 -40.01 23.03
N ILE A 152 -51.48 -39.74 24.25
CA ILE A 152 -52.06 -38.45 24.62
C ILE A 152 -51.17 -37.20 24.36
N LEU A 153 -49.87 -37.38 24.17
CA LEU A 153 -49.05 -36.24 23.77
C LEU A 153 -49.55 -35.61 22.46
N ASP A 154 -50.18 -36.41 21.60
CA ASP A 154 -50.71 -35.95 20.31
C ASP A 154 -51.65 -34.76 20.33
N LEU A 155 -52.30 -34.56 21.46
CA LEU A 155 -53.10 -33.38 21.75
C LEU A 155 -52.45 -32.01 21.50
N VAL A 156 -51.16 -31.90 21.71
CA VAL A 156 -50.47 -30.66 21.53
C VAL A 156 -50.59 -30.26 20.07
N GLU A 157 -50.27 -31.22 19.19
CA GLU A 157 -50.43 -30.95 17.75
C GLU A 157 -51.89 -30.88 17.35
N LYS A 158 -52.71 -31.80 17.84
CA LYS A 158 -54.12 -31.87 17.38
C LYS A 158 -55.00 -30.73 17.80
N GLU A 159 -54.97 -30.38 19.06
CA GLU A 159 -55.83 -29.34 19.57
C GLU A 159 -55.10 -28.02 19.48
N SER A 160 -53.93 -27.95 20.14
CA SER A 160 -53.15 -26.70 20.21
C SER A 160 -52.49 -26.24 18.87
N GLY A 161 -52.39 -27.09 17.86
CA GLY A 161 -51.75 -26.75 16.60
C GLY A 161 -50.24 -26.55 16.60
N ILE A 162 -49.50 -27.16 17.52
CA ILE A 162 -48.08 -26.83 17.76
C ILE A 162 -47.10 -27.99 17.50
N THR A 163 -46.04 -27.71 16.77
CA THR A 163 -44.97 -28.67 16.47
C THR A 163 -43.80 -28.29 17.34
N ILE A 164 -43.24 -29.27 18.05
CA ILE A 164 -42.06 -29.05 18.87
C ILE A 164 -40.99 -30.06 18.52
N GLU A 165 -39.92 -29.58 17.91
CA GLU A 165 -38.83 -30.38 17.37
C GLU A 165 -38.25 -31.31 18.41
N GLY A 166 -38.29 -32.61 18.08
CA GLY A 166 -37.69 -33.60 18.97
C GLY A 166 -38.56 -34.05 20.13
N VAL A 167 -39.76 -33.46 20.26
CA VAL A 167 -40.67 -33.74 21.37
C VAL A 167 -41.92 -34.41 20.85
N ASN A 168 -42.50 -33.74 19.88
CA ASN A 168 -43.59 -34.20 19.03
C ASN A 168 -43.09 -34.80 17.73
N THR A 169 -41.81 -34.74 17.46
CA THR A 169 -41.28 -35.21 16.21
C THR A 169 -40.05 -35.96 16.60
N PRO A 170 -39.53 -36.79 15.71
CA PRO A 170 -38.40 -37.55 16.06
C PRO A 170 -37.12 -36.89 15.73
N TYR A 171 -36.12 -37.23 16.50
CA TYR A 171 -34.77 -36.80 16.32
C TYR A 171 -33.84 -37.99 16.16
N LEU A 172 -32.72 -37.77 15.47
CA LEU A 172 -31.69 -38.75 15.33
C LEU A 172 -30.45 -38.26 15.95
N TYR A 173 -29.64 -39.18 16.44
CA TYR A 173 -28.40 -38.86 17.10
C TYR A 173 -27.35 -39.77 16.51
N PHE A 174 -26.39 -39.21 15.79
CA PHE A 174 -25.23 -39.96 15.36
C PHE A 174 -24.09 -39.80 16.36
N GLY A 175 -23.76 -40.91 17.04
CA GLY A 175 -22.73 -40.90 18.07
C GLY A 175 -21.34 -41.31 17.63
N MET A 176 -20.37 -40.99 18.44
CA MET A 176 -19.04 -41.53 18.27
C MET A 176 -18.56 -41.74 19.69
N TRP A 177 -17.46 -42.44 19.82
CA TRP A 177 -16.90 -42.73 21.13
C TRP A 177 -16.80 -41.48 21.98
N LYS A 178 -17.31 -41.57 23.22
CA LYS A 178 -17.18 -40.49 24.22
C LYS A 178 -18.13 -39.30 24.02
N THR A 179 -18.96 -39.33 22.99
CA THR A 179 -20.10 -38.42 22.96
C THR A 179 -21.05 -38.75 24.11
N SER A 180 -21.64 -37.70 24.67
CA SER A 180 -22.24 -37.68 26.02
C SER A 180 -23.62 -37.04 25.98
N PHE A 181 -24.51 -37.51 26.84
CA PHE A 181 -25.69 -36.76 27.19
C PHE A 181 -25.58 -36.54 28.72
N ALA A 182 -25.63 -35.27 29.11
CA ALA A 182 -25.57 -34.83 30.50
C ALA A 182 -26.82 -35.18 31.32
N TRP A 183 -26.69 -35.10 32.65
CA TRP A 183 -27.87 -35.30 33.56
C TRP A 183 -29.10 -34.41 33.22
N HIS A 184 -30.22 -35.03 32.84
CA HIS A 184 -31.49 -34.31 32.65
C HIS A 184 -32.69 -35.24 32.84
N THR A 185 -33.83 -34.61 33.07
CA THR A 185 -35.12 -35.19 32.81
C THR A 185 -35.57 -34.60 31.54
N GLU A 186 -36.66 -35.12 31.01
CA GLU A 186 -37.18 -34.67 29.73
C GLU A 186 -37.87 -33.32 29.87
N ASP A 187 -38.07 -32.65 28.73
CA ASP A 187 -38.91 -31.49 28.67
C ASP A 187 -40.31 -31.77 29.22
N MET A 188 -40.75 -30.88 30.14
CA MET A 188 -42.03 -31.00 30.83
C MET A 188 -42.17 -32.29 31.62
N ASP A 189 -41.01 -32.86 31.96
CA ASP A 189 -40.90 -34.20 32.57
C ASP A 189 -41.74 -35.27 31.90
N LEU A 190 -41.67 -35.28 30.59
CA LEU A 190 -42.27 -36.26 29.75
C LEU A 190 -41.56 -37.64 29.84
N TYR A 191 -42.20 -38.67 29.27
CA TYR A 191 -41.54 -39.90 28.98
C TYR A 191 -40.68 -39.67 27.72
N SER A 192 -39.66 -40.50 27.54
CA SER A 192 -39.00 -40.62 26.26
C SER A 192 -38.84 -42.08 25.78
N ILE A 193 -38.65 -42.22 24.47
CA ILE A 193 -38.37 -43.50 23.85
C ILE A 193 -37.16 -43.32 22.99
N ASN A 194 -36.22 -44.28 23.07
CA ASN A 194 -34.98 -44.23 22.34
C ASN A 194 -34.69 -45.59 21.73
N TYR A 195 -34.44 -45.62 20.44
CA TYR A 195 -34.24 -46.88 19.70
C TYR A 195 -32.89 -46.82 19.06
N LEU A 196 -32.03 -47.77 19.35
CA LEU A 196 -30.66 -47.72 18.85
C LEU A 196 -30.66 -48.46 17.54
N HIS A 197 -30.55 -47.75 16.44
CA HIS A 197 -30.77 -48.37 15.11
C HIS A 197 -29.69 -49.33 14.73
N PHE A 198 -28.45 -48.88 14.82
CA PHE A 198 -27.28 -49.67 14.48
C PHE A 198 -26.11 -49.13 15.22
N GLY A 199 -25.04 -49.94 15.23
CA GLY A 199 -23.73 -49.48 15.59
C GLY A 199 -23.34 -49.87 16.98
N GLU A 200 -22.37 -49.18 17.51
CA GLU A 200 -21.80 -49.53 18.80
C GLU A 200 -22.80 -49.15 19.93
N PRO A 201 -22.53 -49.61 21.13
CA PRO A 201 -23.62 -49.45 22.11
C PRO A 201 -23.74 -48.04 22.74
N LYS A 202 -24.79 -47.85 23.52
CA LYS A 202 -24.99 -46.65 24.30
C LYS A 202 -25.20 -47.04 25.75
N SER A 203 -24.32 -46.52 26.62
CA SER A 203 -24.49 -46.69 28.07
C SER A 203 -25.25 -45.55 28.78
N TRP A 204 -26.08 -45.94 29.74
CA TRP A 204 -27.00 -45.08 30.47
C TRP A 204 -26.84 -45.20 31.97
N TYR A 205 -27.02 -44.07 32.62
CA TYR A 205 -27.19 -43.98 34.05
C TYR A 205 -28.57 -43.42 34.31
N SER A 206 -29.23 -43.89 35.37
CA SER A 206 -30.55 -43.47 35.71
C SER A 206 -30.60 -43.26 37.21
N VAL A 207 -31.34 -42.28 37.65
CA VAL A 207 -31.62 -42.05 39.05
C VAL A 207 -33.14 -42.16 39.18
N PRO A 208 -33.62 -42.99 40.13
CA PRO A 208 -35.03 -43.18 40.41
C PRO A 208 -35.74 -41.91 40.64
N PRO A 209 -36.93 -41.73 40.01
CA PRO A 209 -37.70 -40.51 40.22
C PRO A 209 -37.93 -40.21 41.71
N GLU A 210 -38.11 -41.23 42.54
CA GLU A 210 -38.23 -40.95 44.00
C GLU A 210 -36.98 -40.43 44.72
N HIS A 211 -35.82 -40.42 44.08
CA HIS A 211 -34.61 -39.76 44.63
C HIS A 211 -34.07 -38.64 43.78
N GLY A 212 -34.86 -38.13 42.86
CA GLY A 212 -34.40 -37.09 41.93
C GLY A 212 -34.10 -35.79 42.64
N LYS A 213 -34.92 -35.44 43.64
CA LYS A 213 -34.66 -34.27 44.48
C LYS A 213 -33.28 -34.32 45.10
N ARG A 214 -32.83 -35.50 45.51
CA ARG A 214 -31.46 -35.69 46.02
C ARG A 214 -30.40 -35.25 45.02
N LEU A 215 -30.56 -35.64 43.76
CA LEU A 215 -29.60 -35.28 42.72
C LEU A 215 -29.64 -33.79 42.46
N GLU A 216 -30.84 -33.22 42.42
CA GLU A 216 -31.01 -31.77 42.27
C GLU A 216 -30.27 -31.00 43.37
N ARG A 217 -30.39 -31.44 44.64
CA ARG A 217 -29.73 -30.75 45.78
C ARG A 217 -28.26 -30.91 45.64
N LEU A 218 -27.82 -32.09 45.23
CA LEU A 218 -26.39 -32.29 44.99
C LEU A 218 -25.81 -31.36 43.93
N ALA A 219 -26.50 -31.25 42.78
CA ALA A 219 -26.02 -30.38 41.69
C ALA A 219 -26.01 -28.93 42.15
N LYS A 220 -27.02 -28.55 42.90
CA LYS A 220 -27.15 -27.19 43.39
C LYS A 220 -25.97 -26.78 44.28
N GLY A 221 -25.66 -27.64 45.24
CA GLY A 221 -24.47 -27.59 46.04
C GLY A 221 -23.15 -27.45 45.33
N PHE A 222 -22.97 -28.19 44.26
CA PHE A 222 -21.73 -28.12 43.50
C PHE A 222 -21.65 -27.03 42.46
N PHE A 223 -22.79 -26.48 42.04
CA PHE A 223 -22.83 -25.39 41.05
C PHE A 223 -23.73 -24.29 41.59
N PRO A 224 -23.33 -23.67 42.73
CA PRO A 224 -24.16 -22.64 43.37
C PRO A 224 -24.44 -21.44 42.44
N GLY A 225 -23.45 -20.99 41.67
CA GLY A 225 -23.69 -19.94 40.67
C GLY A 225 -24.78 -20.31 39.66
N SER A 226 -24.68 -21.52 39.09
CA SER A 226 -25.64 -21.96 38.08
C SER A 226 -27.05 -22.02 38.63
N ALA A 227 -27.17 -22.50 39.86
CA ALA A 227 -28.46 -22.64 40.48
C ALA A 227 -29.08 -21.28 40.88
N GLN A 228 -28.26 -20.30 41.28
CA GLN A 228 -28.77 -18.91 41.54
C GLN A 228 -29.38 -18.28 40.31
N SER A 229 -28.79 -18.57 39.15
CA SER A 229 -29.22 -18.02 37.87
C SER A 229 -30.49 -18.66 37.26
N CYS A 230 -30.74 -19.93 37.55
CA CYS A 230 -31.85 -20.67 36.90
C CYS A 230 -32.22 -21.79 37.85
N GLU A 231 -33.50 -21.91 38.14
CA GLU A 231 -33.90 -22.96 39.07
C GLU A 231 -34.25 -24.27 38.36
N ALA A 232 -33.92 -24.41 37.09
CA ALA A 232 -33.95 -25.73 36.45
C ALA A 232 -32.70 -25.89 35.59
N PHE A 233 -31.54 -25.54 36.13
CA PHE A 233 -30.29 -25.46 35.29
C PHE A 233 -29.84 -26.80 34.69
N LEU A 234 -30.13 -27.92 35.37
CA LEU A 234 -29.93 -29.23 34.78
C LEU A 234 -30.54 -29.32 33.39
N ARG A 235 -31.61 -28.58 33.14
CA ARG A 235 -32.27 -28.64 31.85
C ARG A 235 -31.43 -28.04 30.74
N HIS A 236 -30.38 -27.27 31.05
CA HIS A 236 -29.42 -26.81 30.03
C HIS A 236 -28.66 -27.96 29.34
N LYS A 237 -28.74 -29.16 29.95
CA LYS A 237 -28.01 -30.36 29.56
C LYS A 237 -26.50 -30.15 29.43
N MET A 238 -25.93 -29.47 30.43
CA MET A 238 -24.50 -29.20 30.47
C MET A 238 -23.75 -29.86 31.61
N THR A 239 -24.42 -30.59 32.50
CA THR A 239 -23.81 -30.99 33.75
C THR A 239 -23.58 -32.49 33.79
N LEU A 240 -22.33 -32.87 33.98
CA LEU A 240 -21.91 -34.25 34.01
C LEU A 240 -21.39 -34.55 35.37
N ILE A 241 -21.84 -35.66 35.94
CA ILE A 241 -21.46 -36.08 37.29
C ILE A 241 -21.17 -37.57 37.23
N SER A 242 -19.98 -37.96 37.69
CA SER A 242 -19.59 -39.35 37.58
C SER A 242 -20.27 -40.26 38.61
N PRO A 243 -20.38 -41.56 38.28
CA PRO A 243 -20.82 -42.58 39.26
C PRO A 243 -20.15 -42.53 40.59
N LEU A 244 -18.85 -42.28 40.61
CA LEU A 244 -18.13 -42.19 41.87
C LEU A 244 -18.64 -41.06 42.79
N MET A 245 -18.98 -39.93 42.24
CA MET A 245 -19.55 -38.84 43.02
C MET A 245 -20.94 -39.17 43.60
N LEU A 246 -21.78 -39.73 42.75
CA LEU A 246 -23.08 -40.22 43.14
C LEU A 246 -22.99 -41.20 44.28
N LYS A 247 -22.08 -42.19 44.17
CA LYS A 247 -21.87 -43.16 45.26
C LYS A 247 -21.42 -42.45 46.52
N LYS A 248 -20.43 -41.58 46.39
CA LYS A 248 -19.85 -40.84 47.50
C LYS A 248 -20.89 -40.03 48.28
N TYR A 249 -21.81 -39.37 47.59
CA TYR A 249 -22.84 -38.55 48.26
C TYR A 249 -24.15 -39.30 48.46
N GLY A 250 -24.17 -40.60 48.22
CA GLY A 250 -25.32 -41.41 48.55
C GLY A 250 -26.55 -41.16 47.71
N ILE A 251 -26.32 -41.02 46.40
CA ILE A 251 -27.40 -40.94 45.45
C ILE A 251 -27.55 -42.28 44.84
N PRO A 252 -28.72 -42.92 45.03
CA PRO A 252 -29.02 -44.17 44.32
C PRO A 252 -29.11 -43.98 42.81
N PHE A 253 -28.46 -44.88 42.07
CA PHE A 253 -28.47 -44.88 40.63
C PHE A 253 -28.23 -46.27 40.14
N ASP A 254 -28.64 -46.58 38.91
CA ASP A 254 -28.31 -47.83 38.24
C ASP A 254 -27.75 -47.52 36.85
N LYS A 255 -27.18 -48.54 36.20
CA LYS A 255 -26.61 -48.45 34.86
C LYS A 255 -27.00 -49.60 33.99
N VAL A 256 -26.96 -49.37 32.71
CA VAL A 256 -27.38 -50.33 31.74
C VAL A 256 -26.80 -49.93 30.42
N THR A 257 -26.43 -50.91 29.63
CA THR A 257 -25.98 -50.68 28.29
C THR A 257 -27.03 -51.10 27.28
N GLN A 258 -27.29 -50.22 26.33
CA GLN A 258 -28.27 -50.45 25.25
C GLN A 258 -27.52 -50.86 23.99
N GLU A 259 -28.00 -51.91 23.34
CA GLU A 259 -27.25 -52.48 22.21
C GLU A 259 -28.12 -52.27 21.06
N ALA A 260 -27.53 -52.37 19.88
CA ALA A 260 -28.24 -52.14 18.68
C ALA A 260 -29.44 -53.05 18.63
N GLY A 261 -30.55 -52.52 18.16
CA GLY A 261 -31.79 -53.18 18.13
C GLY A 261 -32.67 -53.11 19.34
N GLU A 262 -32.23 -52.44 20.41
CA GLU A 262 -32.96 -52.31 21.65
C GLU A 262 -33.52 -50.87 21.88
N PHE A 263 -34.72 -50.82 22.44
CA PHE A 263 -35.35 -49.62 22.92
C PHE A 263 -34.99 -49.34 24.38
N MET A 264 -34.83 -48.06 24.72
CA MET A 264 -34.87 -47.58 26.11
C MET A 264 -36.03 -46.60 26.33
N ILE A 265 -36.67 -46.69 27.49
CA ILE A 265 -37.83 -45.88 27.83
C ILE A 265 -37.44 -45.10 29.05
N THR A 266 -37.59 -43.78 29.03
CA THR A 266 -37.36 -43.04 30.29
C THR A 266 -38.71 -42.57 30.81
N PHE A 267 -38.82 -42.47 32.11
CA PHE A 267 -40.06 -42.17 32.77
C PHE A 267 -40.04 -40.77 33.34
N PRO A 268 -41.25 -40.20 33.59
CA PRO A 268 -41.35 -38.84 34.13
C PRO A 268 -40.52 -38.69 35.34
N TYR A 269 -39.78 -37.58 35.35
CA TYR A 269 -38.87 -37.16 36.40
C TYR A 269 -37.77 -38.20 36.58
N GLY A 270 -37.50 -38.99 35.52
CA GLY A 270 -36.36 -39.94 35.52
C GLY A 270 -35.07 -39.27 35.08
N TYR A 271 -34.19 -38.95 36.02
CA TYR A 271 -32.93 -38.35 35.60
C TYR A 271 -32.02 -39.39 34.96
N HIS A 272 -31.52 -39.07 33.77
CA HIS A 272 -30.58 -39.95 33.09
C HIS A 272 -29.38 -39.18 32.49
N ALA A 273 -28.29 -39.90 32.22
CA ALA A 273 -27.10 -39.40 31.54
C ALA A 273 -26.40 -40.59 30.93
N GLY A 274 -25.41 -40.34 30.09
CA GLY A 274 -24.75 -41.44 29.41
C GLY A 274 -23.75 -41.07 28.32
N PHE A 275 -23.33 -42.09 27.59
CA PHE A 275 -22.24 -41.95 26.62
C PHE A 275 -22.29 -43.04 25.56
N ASN A 276 -21.85 -42.71 24.35
CA ASN A 276 -21.83 -43.68 23.27
C ASN A 276 -20.47 -44.38 23.26
N HIS A 277 -20.49 -45.63 22.82
CA HIS A 277 -19.30 -46.49 22.88
C HIS A 277 -18.44 -46.32 21.66
N GLY A 278 -19.08 -45.92 20.58
CA GLY A 278 -18.42 -45.72 19.32
C GLY A 278 -19.51 -45.28 18.38
N PHE A 279 -19.30 -45.53 17.10
CA PHE A 279 -20.17 -45.02 16.07
C PHE A 279 -21.54 -45.70 16.08
N ASN A 280 -22.60 -44.88 16.19
CA ASN A 280 -23.95 -45.40 16.28
C ASN A 280 -24.99 -44.38 15.79
N CYS A 281 -26.21 -44.84 15.70
CA CYS A 281 -27.30 -44.00 15.30
C CYS A 281 -28.52 -44.36 16.13
N ALA A 282 -29.00 -43.41 16.93
CA ALA A 282 -30.25 -43.59 17.68
C ALA A 282 -31.34 -42.66 17.20
N GLU A 283 -32.58 -43.08 17.35
CA GLU A 283 -33.79 -42.29 17.09
C GLU A 283 -34.60 -42.12 18.43
N SER A 284 -35.04 -40.88 18.75
CA SER A 284 -35.83 -40.62 19.94
C SER A 284 -37.01 -39.64 19.75
N THR A 285 -37.92 -39.68 20.70
CA THR A 285 -38.96 -38.64 20.83
C THR A 285 -39.50 -38.73 22.27
N ASN A 286 -40.36 -37.78 22.65
CA ASN A 286 -41.13 -37.86 23.87
C ASN A 286 -42.52 -38.40 23.66
N PHE A 287 -43.11 -38.88 24.73
CA PHE A 287 -44.48 -39.34 24.67
C PHE A 287 -45.06 -39.20 26.06
N ALA A 288 -46.36 -39.48 26.19
CA ALA A 288 -47.09 -39.35 27.45
C ALA A 288 -48.09 -40.46 27.70
N THR A 289 -48.47 -40.56 28.98
CA THR A 289 -49.62 -41.35 29.44
C THR A 289 -50.39 -40.46 30.39
N ARG A 290 -51.51 -40.97 30.89
CA ARG A 290 -52.33 -40.19 31.83
C ARG A 290 -51.62 -39.76 33.09
N ARG A 291 -50.75 -40.60 33.63
CA ARG A 291 -49.89 -40.27 34.77
C ARG A 291 -49.04 -39.05 34.55
N TRP A 292 -48.56 -38.86 33.32
CA TRP A 292 -47.69 -37.72 33.03
C TRP A 292 -48.34 -36.39 33.41
N ILE A 293 -49.66 -36.30 33.31
CA ILE A 293 -50.32 -34.97 33.33
C ILE A 293 -49.94 -34.15 34.56
N GLU A 294 -49.95 -34.77 35.72
CA GLU A 294 -49.61 -34.07 36.97
C GLU A 294 -48.12 -33.68 37.03
N TYR A 295 -47.23 -34.57 36.55
CA TYR A 295 -45.81 -34.23 36.42
C TYR A 295 -45.68 -32.98 35.52
N GLY A 296 -46.43 -32.99 34.42
CA GLY A 296 -46.50 -31.82 33.53
C GLY A 296 -46.89 -30.50 34.22
N LYS A 297 -47.90 -30.58 35.08
CA LYS A 297 -48.38 -29.42 35.83
C LYS A 297 -47.34 -28.95 36.81
N GLN A 298 -46.59 -29.89 37.38
CA GLN A 298 -45.62 -29.57 38.40
C GLN A 298 -44.21 -29.33 37.90
N ALA A 299 -43.92 -29.60 36.64
CA ALA A 299 -42.58 -29.54 36.12
C ALA A 299 -41.97 -28.15 36.35
N VAL A 300 -40.77 -28.12 36.94
CA VAL A 300 -40.04 -26.88 37.12
C VAL A 300 -39.17 -26.61 35.89
N LEU A 301 -39.45 -25.50 35.20
CA LEU A 301 -38.91 -25.21 33.90
C LEU A 301 -37.75 -24.26 34.01
N CYS A 302 -36.94 -24.21 32.95
CA CYS A 302 -35.81 -23.29 32.85
C CYS A 302 -36.38 -21.88 32.93
N SER A 303 -35.76 -21.06 33.78
CA SER A 303 -36.23 -19.70 34.08
C SER A 303 -35.26 -18.65 33.57
N CYS A 304 -34.49 -19.01 32.54
CA CYS A 304 -33.41 -18.15 32.05
C CYS A 304 -33.24 -18.08 30.49
N ARG A 305 -34.06 -18.74 29.70
CA ARG A 305 -34.00 -18.65 28.21
C ARG A 305 -35.44 -18.67 27.68
N VAL A 309 -38.37 -24.93 26.13
CA VAL A 309 -39.58 -25.73 25.83
C VAL A 309 -40.61 -25.67 26.93
N LYS A 310 -41.83 -25.27 26.54
CA LYS A 310 -42.93 -25.15 27.49
C LYS A 310 -44.19 -25.62 26.81
N ILE A 311 -44.92 -26.50 27.45
CA ILE A 311 -46.17 -27.01 26.89
C ILE A 311 -47.32 -26.51 27.75
N SER A 312 -48.31 -25.93 27.09
CA SER A 312 -49.54 -25.49 27.76
C SER A 312 -50.37 -26.73 28.21
N MET A 313 -50.57 -26.87 29.52
CA MET A 313 -51.28 -28.02 30.10
C MET A 313 -52.80 -27.93 30.10
N ASP A 314 -53.34 -26.76 29.73
CA ASP A 314 -54.78 -26.48 29.86
C ASP A 314 -55.51 -27.57 29.07
N VAL A 315 -55.03 -27.77 27.85
CA VAL A 315 -55.65 -28.71 26.94
C VAL A 315 -55.72 -30.12 27.59
N PHE A 316 -54.71 -30.48 28.39
CA PHE A 316 -54.70 -31.75 29.17
C PHE A 316 -55.60 -31.79 30.38
N VAL A 317 -55.69 -30.69 31.08
CA VAL A 317 -56.49 -30.62 32.30
C VAL A 317 -57.98 -30.58 31.92
N ARG A 318 -58.36 -29.70 31.01
CA ARG A 318 -59.75 -29.65 30.55
C ARG A 318 -60.23 -31.05 30.14
N LYS A 319 -59.45 -31.75 29.32
CA LYS A 319 -59.86 -33.07 28.81
C LYS A 319 -59.89 -34.24 29.83
N PHE A 320 -58.88 -34.32 30.68
CA PHE A 320 -58.70 -35.47 31.59
C PHE A 320 -58.94 -35.21 33.07
N GLN A 321 -58.94 -33.93 33.46
CA GLN A 321 -59.24 -33.52 34.82
C GLN A 321 -60.27 -32.37 34.80
N PRO A 322 -61.37 -32.50 34.00
CA PRO A 322 -62.34 -31.37 33.87
C PRO A 322 -62.80 -30.83 35.22
N GLU A 323 -63.22 -31.73 36.12
CA GLU A 323 -63.56 -31.36 37.51
C GLU A 323 -62.51 -30.50 38.33
N ARG A 324 -61.23 -30.54 37.97
CA ARG A 324 -60.17 -29.82 38.72
C ARG A 324 -59.69 -28.55 38.06
N TYR A 325 -60.14 -28.30 36.83
CA TYR A 325 -59.69 -27.16 36.00
C TYR A 325 -59.71 -25.79 36.68
N LYS A 326 -60.85 -25.46 37.31
CA LYS A 326 -61.03 -24.15 37.95
C LYS A 326 -60.03 -24.00 39.10
N LEU A 327 -60.10 -24.93 40.02
CA LEU A 327 -59.17 -25.02 41.15
C LEU A 327 -57.70 -24.86 40.67
N TRP A 328 -57.32 -25.65 39.64
CA TRP A 328 -55.96 -25.61 39.07
C TRP A 328 -55.58 -24.24 38.54
N LYS A 329 -56.46 -23.66 37.72
CA LYS A 329 -56.23 -22.30 37.19
C LYS A 329 -56.07 -21.26 38.32
N ALA A 330 -56.83 -21.45 39.41
CA ALA A 330 -56.72 -20.61 40.61
C ALA A 330 -55.35 -20.68 41.32
N GLY A 331 -54.63 -21.81 41.19
CA GLY A 331 -53.34 -22.00 41.85
C GLY A 331 -53.50 -22.77 43.15
N LYS A 332 -54.62 -23.47 43.30
CA LYS A 332 -55.00 -24.13 44.56
C LYS A 332 -54.97 -25.67 44.52
N ASP A 333 -54.64 -26.23 43.34
CA ASP A 333 -54.40 -27.67 43.19
C ASP A 333 -53.03 -27.96 43.81
N ASN A 334 -52.98 -28.96 44.68
CA ASN A 334 -51.71 -29.38 45.27
C ASN A 334 -51.74 -30.86 45.62
N THR A 335 -52.22 -31.64 44.66
CA THR A 335 -51.92 -33.06 44.64
C THR A 335 -50.39 -33.25 44.84
N VAL A 336 -50.02 -34.22 45.67
CA VAL A 336 -48.63 -34.62 45.83
C VAL A 336 -48.40 -35.81 44.90
N ILE A 337 -47.36 -35.73 44.06
CA ILE A 337 -47.00 -36.88 43.22
C ILE A 337 -46.39 -38.02 44.10
N ASP A 338 -46.88 -39.23 43.85
CA ASP A 338 -46.35 -40.44 44.40
C ASP A 338 -45.73 -41.17 43.20
N HIS A 339 -44.41 -41.23 43.19
CA HIS A 339 -43.66 -41.67 41.98
C HIS A 339 -43.73 -43.18 41.84
N THR A 340 -44.19 -43.86 42.90
CA THR A 340 -44.29 -45.34 42.96
C THR A 340 -45.50 -45.90 42.20
N LEU A 341 -46.49 -45.06 41.95
CA LEU A 341 -47.81 -45.47 41.46
C LEU A 341 -47.84 -45.70 39.97
N PRO A 342 -48.39 -46.85 39.54
CA PRO A 342 -48.58 -47.00 38.09
C PRO A 342 -49.57 -45.99 37.47
N THR A 343 -49.47 -45.81 36.17
CA THR A 343 -50.41 -45.02 35.42
C THR A 343 -51.80 -45.71 35.53
N PRO A 344 -52.89 -44.93 35.57
CA PRO A 344 -54.23 -45.56 35.70
C PRO A 344 -54.63 -46.56 34.60
N GLU A 345 -54.04 -46.46 33.40
CA GLU A 345 -54.26 -47.43 32.29
C GLU A 345 -53.91 -48.89 32.63
N ALA A 346 -53.11 -49.11 33.68
CA ALA A 346 -52.60 -50.45 34.11
C ALA A 346 -53.44 -51.24 35.13
N ALA A 347 -54.63 -50.71 35.46
CA ALA A 347 -55.58 -51.43 36.35
C ALA A 347 -55.82 -52.82 35.81
N GLU A 348 -56.04 -52.92 34.49
CA GLU A 348 -56.24 -54.21 33.83
C GLU A 348 -55.15 -55.29 34.06
N PHE A 349 -53.94 -54.95 34.51
CA PHE A 349 -52.91 -55.97 34.78
C PHE A 349 -52.81 -56.25 36.28
N LEU A 350 -53.76 -57.04 36.78
CA LEU A 350 -53.79 -57.47 38.19
C LEU A 350 -54.28 -58.92 38.29
N SER B 1 27.31 -8.89 13.85
CA SER B 1 25.85 -9.24 13.61
C SER B 1 25.45 -10.52 14.38
N GLU B 2 26.19 -11.60 14.13
CA GLU B 2 26.19 -12.78 15.01
C GLU B 2 26.67 -12.44 16.43
N THR B 3 27.37 -11.31 16.60
CA THR B 3 27.92 -10.90 17.91
C THR B 3 26.97 -10.06 18.77
N LEU B 4 25.91 -9.52 18.17
CA LEU B 4 24.93 -8.72 18.93
C LEU B 4 23.93 -9.69 19.54
N ASN B 5 23.75 -9.57 20.86
CA ASN B 5 22.78 -10.36 21.65
C ASN B 5 22.97 -11.84 21.32
N PRO B 6 24.18 -12.36 21.63
CA PRO B 6 24.48 -13.75 21.27
C PRO B 6 23.61 -14.75 22.04
N SER B 7 23.17 -14.43 23.26
CA SER B 7 22.22 -15.27 24.01
C SER B 7 20.73 -15.16 23.47
N ALA B 8 20.48 -14.20 22.61
CA ALA B 8 19.16 -13.94 22.05
C ALA B 8 18.12 -13.73 23.16
N ARG B 9 18.44 -12.91 24.14
CA ARG B 9 17.56 -12.74 25.28
C ARG B 9 16.72 -11.52 25.04
N ILE B 10 15.54 -11.46 25.67
CA ILE B 10 14.61 -10.32 25.44
C ILE B 10 15.18 -9.07 26.12
N MET B 11 15.30 -8.00 25.34
CA MET B 11 15.91 -6.74 25.73
C MET B 11 14.82 -5.74 25.95
N THR B 12 15.09 -4.79 26.82
CA THR B 12 14.20 -3.70 27.13
C THR B 12 14.87 -2.39 26.77
N PHE B 13 14.09 -1.45 26.26
CA PHE B 13 14.59 -0.14 25.83
C PHE B 13 13.84 1.02 26.51
N TYR B 14 14.57 2.08 26.81
CA TYR B 14 14.04 3.25 27.48
C TYR B 14 14.42 4.48 26.68
N PRO B 15 13.75 4.70 25.54
CA PRO B 15 14.08 5.85 24.71
C PRO B 15 13.72 7.20 25.34
N THR B 16 14.62 8.17 25.16
CA THR B 16 14.31 9.58 25.39
C THR B 16 13.27 10.03 24.38
N MET B 17 12.63 11.13 24.68
CA MET B 17 11.59 11.64 23.85
C MET B 17 12.03 11.91 22.40
N GLU B 18 13.27 12.34 22.16
CA GLU B 18 13.70 12.59 20.76
C GLU B 18 13.98 11.30 19.98
N GLU B 19 14.54 10.27 20.64
CA GLU B 19 14.61 8.91 20.07
C GLU B 19 13.19 8.32 19.78
N PHE B 20 12.22 8.62 20.67
CA PHE B 20 10.87 8.06 20.62
C PHE B 20 10.05 8.59 19.44
N ARG B 21 10.31 9.83 19.05
CA ARG B 21 9.52 10.51 18.01
C ARG B 21 9.47 9.85 16.63
N ASN B 22 10.54 9.19 16.17
CA ASN B 22 10.55 8.45 14.87
C ASN B 22 10.54 6.93 15.06
N PHE B 23 9.38 6.32 14.80
CA PHE B 23 9.12 4.92 15.12
C PHE B 23 9.97 3.98 14.28
N SER B 24 9.96 4.15 12.96
CA SER B 24 10.75 3.26 12.11
C SER B 24 12.24 3.26 12.40
N ARG B 25 12.77 4.42 12.79
CA ARG B 25 14.18 4.56 13.09
C ARG B 25 14.48 3.92 14.47
N TYR B 26 13.55 4.05 15.41
CA TYR B 26 13.76 3.42 16.68
C TYR B 26 13.75 1.92 16.50
N ILE B 27 12.89 1.38 15.63
CA ILE B 27 12.91 -0.05 15.33
C ILE B 27 14.24 -0.45 14.67
N ALA B 28 14.74 0.38 13.75
CA ALA B 28 16.04 0.10 13.17
C ALA B 28 17.16 0.11 14.23
N TYR B 29 17.08 1.06 15.15
CA TYR B 29 18.06 1.15 16.22
C TYR B 29 18.00 -0.11 17.11
N ILE B 30 16.83 -0.52 17.54
CA ILE B 30 16.82 -1.73 18.43
C ILE B 30 17.36 -2.98 17.71
N GLU B 31 17.18 -3.10 16.39
CA GLU B 31 17.77 -4.21 15.63
C GLU B 31 19.28 -4.10 15.59
N SER B 32 19.79 -2.86 15.47
CA SER B 32 21.24 -2.61 15.53
C SER B 32 21.83 -3.16 16.83
N GLN B 33 21.02 -3.26 17.89
CA GLN B 33 21.47 -3.86 19.16
C GLN B 33 21.13 -5.35 19.29
N GLY B 34 20.58 -5.98 18.25
CA GLY B 34 20.26 -7.42 18.24
C GLY B 34 18.97 -7.81 18.93
N ALA B 35 18.08 -6.87 19.19
CA ALA B 35 16.86 -7.14 19.98
C ALA B 35 16.02 -8.17 19.26
N HIS B 36 16.01 -8.04 17.95
CA HIS B 36 15.29 -8.94 17.06
C HIS B 36 15.63 -10.41 17.22
N ARG B 37 16.80 -10.74 17.78
CA ARG B 37 17.17 -12.13 17.93
C ARG B 37 16.34 -12.87 18.95
N ALA B 38 15.84 -12.17 19.97
CA ALA B 38 14.95 -12.77 20.93
C ALA B 38 13.61 -13.12 20.29
N GLY B 39 13.21 -12.37 19.29
CA GLY B 39 11.88 -12.45 18.74
C GLY B 39 10.86 -11.50 19.34
N LEU B 40 11.21 -10.88 20.45
CA LEU B 40 10.32 -10.07 21.19
C LEU B 40 11.15 -9.01 21.88
N ALA B 41 10.68 -7.75 21.93
CA ALA B 41 11.33 -6.67 22.72
C ALA B 41 10.37 -5.79 23.49
N LYS B 42 10.84 -5.21 24.58
CA LYS B 42 10.03 -4.29 25.41
C LYS B 42 10.54 -2.86 25.27
N VAL B 43 9.64 -1.90 25.02
CA VAL B 43 10.01 -0.50 24.94
C VAL B 43 9.20 0.27 25.96
N VAL B 44 9.89 0.89 26.90
CA VAL B 44 9.25 1.69 27.91
C VAL B 44 9.33 3.14 27.43
N PRO B 45 8.17 3.70 27.09
CA PRO B 45 8.21 5.06 26.53
C PRO B 45 8.49 6.08 27.65
N PRO B 46 8.93 7.26 27.29
CA PRO B 46 9.27 8.33 28.25
C PRO B 46 8.09 8.73 29.14
N LYS B 47 8.36 9.05 30.41
CA LYS B 47 7.32 9.22 31.45
C LYS B 47 6.27 10.25 31.05
N GLU B 48 6.70 11.31 30.40
CA GLU B 48 5.79 12.39 30.00
C GLU B 48 4.71 11.93 28.97
N TRP B 49 5.03 10.97 28.10
CA TRP B 49 4.12 10.59 26.97
C TRP B 49 2.90 9.80 27.41
N LYS B 50 1.73 10.16 26.84
CA LYS B 50 0.53 9.35 27.01
C LYS B 50 -0.37 9.43 25.80
N PRO B 51 -0.91 8.29 25.36
CA PRO B 51 -1.75 8.25 24.18
C PRO B 51 -3.19 8.75 24.40
N ARG B 52 -3.60 8.92 25.65
CA ARG B 52 -4.93 9.31 25.98
C ARG B 52 -4.92 9.88 27.40
N ALA B 53 -5.68 10.94 27.66
CA ALA B 53 -5.67 11.60 28.96
C ALA B 53 -6.28 10.74 30.04
N SER B 54 -7.36 10.03 29.69
CA SER B 54 -7.98 9.10 30.62
C SER B 54 -8.85 8.03 29.93
N TYR B 55 -9.19 7.02 30.71
CA TYR B 55 -9.95 5.89 30.23
C TYR B 55 -11.32 5.69 30.92
N ASP B 56 -11.91 6.66 31.64
CA ASP B 56 -13.28 6.37 32.21
C ASP B 56 -14.41 6.94 31.34
N ASP B 57 -14.12 7.14 30.07
CA ASP B 57 -15.14 7.41 29.11
C ASP B 57 -15.45 6.22 28.18
N ILE B 58 -15.13 4.98 28.58
CA ILE B 58 -15.36 3.82 27.68
C ILE B 58 -16.28 2.72 28.19
N ASP B 59 -17.06 2.99 29.22
CA ASP B 59 -17.99 1.98 29.68
C ASP B 59 -18.89 1.42 28.59
N ASP B 60 -19.34 2.26 27.66
CA ASP B 60 -20.25 1.85 26.60
C ASP B 60 -19.56 1.47 25.27
N LEU B 61 -18.24 1.38 25.26
CA LEU B 61 -17.55 0.82 24.10
C LEU B 61 -18.05 -0.67 23.90
N VAL B 62 -18.51 -1.05 22.72
CA VAL B 62 -18.98 -2.43 22.51
C VAL B 62 -17.89 -3.42 21.97
N ILE B 63 -17.83 -4.58 22.62
CA ILE B 63 -17.03 -5.73 22.22
C ILE B 63 -17.95 -6.66 21.40
N PRO B 64 -17.79 -6.63 20.08
CA PRO B 64 -18.75 -7.34 19.24
C PRO B 64 -18.85 -8.83 19.43
N ALA B 65 -17.71 -9.45 19.77
CA ALA B 65 -17.61 -10.89 19.70
C ALA B 65 -16.68 -11.40 20.75
N PRO B 66 -17.08 -11.36 22.05
CA PRO B 66 -16.14 -11.86 23.02
C PRO B 66 -16.08 -13.38 22.88
N ILE B 67 -15.02 -13.96 23.40
CA ILE B 67 -14.58 -15.33 23.12
C ILE B 67 -14.43 -16.04 24.47
N GLN B 68 -15.23 -17.05 24.76
CA GLN B 68 -14.90 -17.92 25.88
C GLN B 68 -13.83 -18.95 25.48
N GLN B 69 -12.70 -19.00 26.18
CA GLN B 69 -11.59 -19.88 25.78
C GLN B 69 -11.72 -21.20 26.50
N LEU B 70 -12.16 -22.24 25.81
CA LEU B 70 -12.21 -23.59 26.35
C LEU B 70 -10.91 -24.30 26.02
N VAL B 71 -10.15 -24.66 27.03
CA VAL B 71 -8.85 -25.30 26.82
C VAL B 71 -8.92 -26.77 27.24
N THR B 72 -8.48 -27.65 26.35
CA THR B 72 -8.38 -29.06 26.64
C THR B 72 -6.94 -29.56 26.55
N GLY B 73 -6.60 -30.54 27.38
CA GLY B 73 -5.27 -31.19 27.39
C GLY B 73 -4.70 -31.38 28.77
N GLN B 74 -3.41 -31.72 28.81
CA GLN B 74 -2.75 -32.14 30.05
C GLN B 74 -1.23 -32.13 29.91
N SER B 75 -0.57 -31.94 31.05
CA SER B 75 0.88 -32.01 31.18
C SER B 75 1.51 -31.22 30.06
N GLY B 76 1.21 -29.93 30.09
CA GLY B 76 1.84 -28.95 29.24
C GLY B 76 1.46 -28.88 27.77
N LEU B 77 0.56 -29.73 27.27
CA LEU B 77 0.09 -29.64 25.90
C LEU B 77 -1.42 -29.44 25.86
N PHE B 78 -1.88 -28.39 25.20
CA PHE B 78 -3.27 -28.05 25.18
C PHE B 78 -3.73 -27.57 23.84
N THR B 79 -5.01 -27.71 23.65
CA THR B 79 -5.67 -27.09 22.56
C THR B 79 -6.78 -26.14 23.10
N GLN B 80 -6.80 -24.94 22.54
CA GLN B 80 -7.77 -23.90 22.93
C GLN B 80 -8.85 -23.81 21.89
N TYR B 81 -10.11 -23.88 22.32
CA TYR B 81 -11.25 -23.79 21.43
C TYR B 81 -12.02 -22.53 21.75
N ASN B 82 -12.50 -21.86 20.72
CA ASN B 82 -13.32 -20.67 20.92
C ASN B 82 -14.87 -20.93 20.88
N ILE B 83 -15.59 -20.29 21.79
CA ILE B 83 -17.05 -20.15 21.69
C ILE B 83 -17.35 -18.64 21.56
N GLN B 84 -17.82 -18.19 20.40
CA GLN B 84 -18.24 -16.81 20.28
C GLN B 84 -19.45 -16.61 21.15
N LYS B 85 -19.39 -15.58 22.00
CA LYS B 85 -20.54 -15.18 22.81
C LYS B 85 -21.12 -13.86 22.30
N LYS B 86 -22.29 -13.49 22.76
CA LYS B 86 -22.93 -12.26 22.20
C LYS B 86 -22.25 -10.95 22.70
N ALA B 87 -22.60 -9.85 22.05
CA ALA B 87 -21.94 -8.57 22.22
C ALA B 87 -22.18 -8.06 23.60
N MET B 88 -21.16 -7.40 24.09
CA MET B 88 -21.06 -7.10 25.48
C MET B 88 -20.38 -5.73 25.50
N THR B 89 -20.60 -4.95 26.56
CA THR B 89 -19.90 -3.67 26.69
C THR B 89 -18.72 -3.83 27.65
N VAL B 90 -17.80 -2.86 27.59
CA VAL B 90 -16.68 -2.78 28.51
C VAL B 90 -17.13 -2.83 29.94
N ARG B 91 -18.20 -2.12 30.26
CA ARG B 91 -18.71 -2.10 31.64
C ARG B 91 -19.09 -3.49 32.10
N GLU B 92 -19.85 -4.21 31.28
CA GLU B 92 -20.28 -5.60 31.59
C GLU B 92 -19.07 -6.56 31.61
N PHE B 93 -18.13 -6.37 30.69
CA PHE B 93 -16.89 -7.15 30.72
C PHE B 93 -16.09 -6.95 32.01
N ARG B 94 -15.89 -5.69 32.43
CA ARG B 94 -15.11 -5.41 33.64
C ARG B 94 -15.79 -5.99 34.88
N LYS B 95 -17.10 -5.91 34.94
CA LYS B 95 -17.79 -6.42 36.10
C LYS B 95 -17.55 -7.94 36.25
N ILE B 96 -17.70 -8.67 35.13
CA ILE B 96 -17.39 -10.10 35.11
C ILE B 96 -15.89 -10.38 35.39
N ALA B 97 -15.02 -9.64 34.73
CA ALA B 97 -13.59 -9.79 34.91
C ALA B 97 -13.22 -9.70 36.37
N ASN B 98 -13.87 -8.79 37.10
CA ASN B 98 -13.53 -8.55 38.50
C ASN B 98 -14.37 -9.33 39.48
N SER B 99 -15.33 -10.11 39.00
CA SER B 99 -16.20 -10.88 39.91
C SER B 99 -15.41 -12.00 40.53
N ASP B 100 -15.93 -12.57 41.63
CA ASP B 100 -15.16 -13.56 42.41
C ASP B 100 -14.90 -14.83 41.63
N LYS B 101 -15.84 -15.18 40.79
CA LYS B 101 -15.69 -16.30 39.91
C LYS B 101 -14.50 -16.19 38.95
N TYR B 102 -14.28 -15.01 38.38
CA TYR B 102 -13.27 -14.86 37.34
C TYR B 102 -12.04 -14.08 37.69
N CYS B 103 -11.94 -13.46 38.87
CA CYS B 103 -10.83 -12.55 39.13
C CYS B 103 -9.49 -13.30 39.40
N THR B 104 -8.42 -12.55 39.37
CA THR B 104 -7.08 -13.00 39.63
C THR B 104 -6.94 -13.61 41.01
N PRO B 105 -6.42 -14.85 41.10
CA PRO B 105 -6.20 -15.41 42.43
C PRO B 105 -5.11 -14.67 43.18
N ARG B 106 -5.00 -14.96 44.48
CA ARG B 106 -4.01 -14.32 45.37
C ARG B 106 -2.65 -14.95 45.17
N TYR B 107 -1.62 -14.10 45.13
CA TYR B 107 -0.27 -14.59 44.98
C TYR B 107 0.74 -13.52 45.38
N SER B 108 1.99 -13.93 45.64
CA SER B 108 3.11 -13.01 45.96
C SER B 108 3.98 -12.63 44.74
N GLU B 109 4.71 -13.59 44.20
CA GLU B 109 5.60 -13.36 43.07
C GLU B 109 4.96 -13.93 41.79
N PHE B 110 5.39 -13.45 40.62
CA PHE B 110 4.89 -13.95 39.31
C PHE B 110 5.04 -15.47 39.17
N GLU B 111 6.05 -16.04 39.78
CA GLU B 111 6.33 -17.47 39.64
C GLU B 111 5.10 -18.30 40.07
N GLU B 112 4.41 -17.78 41.08
CA GLU B 112 3.29 -18.45 41.72
C GLU B 112 2.10 -18.32 40.79
N LEU B 113 1.86 -17.10 40.32
CA LEU B 113 0.81 -16.83 39.35
C LEU B 113 0.96 -17.69 38.09
N GLU B 114 2.19 -17.78 37.58
CA GLU B 114 2.48 -18.59 36.39
C GLU B 114 2.13 -20.07 36.63
N ARG B 115 2.45 -20.58 37.82
CA ARG B 115 2.09 -21.96 38.14
C ARG B 115 0.56 -22.15 38.15
N LYS B 116 -0.12 -21.20 38.76
CA LYS B 116 -1.56 -21.23 38.80
C LYS B 116 -2.18 -21.20 37.42
N TYR B 117 -1.67 -20.34 36.56
CA TYR B 117 -2.08 -20.39 35.15
C TYR B 117 -1.92 -21.78 34.52
N TRP B 118 -0.75 -22.39 34.55
CA TRP B 118 -0.55 -23.69 33.88
C TRP B 118 -1.27 -24.87 34.63
N LYS B 119 -1.53 -24.70 35.92
CA LYS B 119 -2.33 -25.66 36.66
C LYS B 119 -3.83 -25.55 36.33
N ASN B 120 -4.34 -24.33 36.10
CA ASN B 120 -5.79 -24.13 36.04
C ASN B 120 -6.36 -23.73 34.72
N LEU B 121 -5.54 -23.69 33.66
CA LEU B 121 -6.07 -23.16 32.40
C LEU B 121 -7.17 -23.98 31.78
N THR B 122 -7.33 -25.26 32.13
CA THR B 122 -8.49 -26.02 31.55
C THR B 122 -9.83 -25.87 32.33
N PHE B 123 -9.76 -25.25 33.52
CA PHE B 123 -10.89 -25.02 34.43
C PHE B 123 -11.53 -23.60 34.32
N ASN B 124 -12.82 -23.50 34.65
CA ASN B 124 -13.53 -22.23 34.73
C ASN B 124 -13.20 -21.29 33.54
N PRO B 125 -13.60 -21.67 32.32
CA PRO B 125 -13.18 -20.97 31.10
C PRO B 125 -13.51 -19.46 31.01
N PRO B 126 -12.44 -18.63 30.81
CA PRO B 126 -12.64 -17.20 30.85
C PRO B 126 -13.17 -16.67 29.51
N ILE B 127 -13.48 -15.37 29.53
CA ILE B 127 -13.91 -14.67 28.37
C ILE B 127 -12.88 -13.64 27.98
N TYR B 128 -12.57 -13.61 26.69
CA TYR B 128 -11.61 -12.68 26.13
C TYR B 128 -12.29 -11.73 25.16
N GLY B 129 -12.18 -10.44 25.44
CA GLY B 129 -12.74 -9.43 24.58
C GLY B 129 -11.80 -9.11 23.50
N ALA B 130 -11.63 -10.05 22.56
CA ALA B 130 -10.52 -10.01 21.56
C ALA B 130 -10.94 -9.44 20.24
N ASP B 131 -9.94 -8.96 19.50
CA ASP B 131 -10.12 -8.56 18.09
C ASP B 131 -11.23 -7.50 17.93
N VAL B 132 -11.25 -6.53 18.81
CA VAL B 132 -12.19 -5.42 18.73
C VAL B 132 -11.61 -4.38 17.76
N ASN B 133 -12.31 -4.06 16.66
CA ASN B 133 -11.85 -3.01 15.74
C ASN B 133 -11.93 -1.71 16.46
N GLY B 134 -10.86 -0.93 16.45
CA GLY B 134 -10.82 0.35 17.16
C GLY B 134 -9.47 0.70 17.72
N THR B 135 -9.39 1.90 18.29
CA THR B 135 -8.21 2.44 18.93
C THR B 135 -8.63 3.28 20.11
N LEU B 136 -7.76 3.37 21.11
CA LEU B 136 -7.99 4.26 22.21
C LEU B 136 -6.99 5.44 22.14
N TYR B 137 -6.20 5.56 21.08
CA TYR B 137 -5.35 6.75 20.96
C TYR B 137 -6.18 8.03 20.69
N GLU B 138 -5.79 9.14 21.31
CA GLU B 138 -6.39 10.44 20.95
C GLU B 138 -5.78 10.88 19.60
N LYS B 139 -6.48 11.76 18.87
CA LYS B 139 -6.20 12.06 17.44
C LYS B 139 -4.90 12.80 17.28
N HIS B 140 -4.59 13.63 18.28
CA HIS B 140 -3.43 14.48 18.21
C HIS B 140 -2.07 13.75 18.38
N VAL B 141 -2.08 12.49 18.82
CA VAL B 141 -0.85 11.82 19.29
C VAL B 141 -0.15 11.29 18.05
N ASP B 142 1.04 11.79 17.73
CA ASP B 142 1.72 11.34 16.48
C ASP B 142 2.88 10.38 16.67
N GLU B 143 3.15 10.05 17.92
CA GLU B 143 4.24 9.14 18.20
C GLU B 143 3.72 7.74 18.53
N TRP B 144 4.16 6.75 17.75
CA TRP B 144 3.84 5.34 17.99
C TRP B 144 2.36 5.13 18.03
N ASN B 145 1.64 5.80 17.14
CA ASN B 145 0.22 5.71 17.07
C ASN B 145 -0.11 4.44 16.29
N ILE B 146 -0.80 3.52 16.95
CA ILE B 146 -1.04 2.19 16.36
C ILE B 146 -2.11 2.28 15.23
N GLY B 147 -3.03 3.24 15.34
CA GLY B 147 -3.89 3.64 14.20
C GLY B 147 -3.16 3.88 12.89
N ARG B 148 -1.92 4.36 12.96
CA ARG B 148 -1.22 4.87 11.80
C ARG B 148 0.29 4.98 12.03
N LEU B 149 1.01 3.84 11.93
CA LEU B 149 2.43 3.80 12.33
C LEU B 149 3.49 4.28 11.37
N ARG B 150 3.18 4.32 10.08
CA ARG B 150 4.09 4.88 9.06
C ARG B 150 5.23 3.97 8.86
N THR B 151 4.88 2.87 8.21
CA THR B 151 5.84 1.87 7.82
C THR B 151 5.48 1.39 6.43
N ILE B 152 6.41 0.72 5.79
CA ILE B 152 6.15 0.27 4.43
C ILE B 152 4.87 -0.52 4.26
N LEU B 153 4.30 -1.05 5.36
CA LEU B 153 3.09 -1.86 5.26
C LEU B 153 1.87 -1.06 4.82
N ASP B 154 1.97 0.27 4.84
CA ASP B 154 0.91 1.10 4.28
C ASP B 154 0.67 0.91 2.77
N LEU B 155 1.66 0.37 2.04
CA LEU B 155 1.51 -0.01 0.61
C LEU B 155 0.38 -0.95 0.26
N VAL B 156 -0.08 -1.74 1.20
CA VAL B 156 -1.16 -2.67 0.95
C VAL B 156 -2.49 -1.90 0.73
N GLU B 157 -2.72 -0.83 1.48
CA GLU B 157 -3.93 -0.01 1.35
C GLU B 157 -3.75 1.14 0.34
N LYS B 158 -2.59 1.81 0.38
CA LYS B 158 -2.31 2.98 -0.46
C LYS B 158 -2.28 2.61 -1.95
N GLU B 159 -1.51 1.58 -2.28
CA GLU B 159 -1.31 1.16 -3.66
C GLU B 159 -2.15 -0.08 -4.03
N SER B 160 -2.02 -1.17 -3.27
CA SER B 160 -2.74 -2.44 -3.57
C SER B 160 -4.25 -2.38 -3.20
N GLY B 161 -4.66 -1.37 -2.43
CA GLY B 161 -6.08 -1.11 -2.15
C GLY B 161 -6.81 -2.00 -1.16
N ILE B 162 -6.10 -2.88 -0.45
CA ILE B 162 -6.72 -3.88 0.47
C ILE B 162 -6.65 -3.46 1.96
N THR B 163 -7.74 -3.70 2.71
CA THR B 163 -7.86 -3.43 4.14
C THR B 163 -7.91 -4.79 4.84
N ILE B 164 -7.08 -4.98 5.86
CA ILE B 164 -7.09 -6.25 6.60
C ILE B 164 -7.19 -5.96 8.09
N GLU B 165 -8.36 -6.26 8.65
CA GLU B 165 -8.65 -6.03 10.06
C GLU B 165 -7.56 -6.60 10.96
N GLY B 166 -7.04 -5.77 11.86
CA GLY B 166 -5.99 -6.15 12.80
C GLY B 166 -4.56 -6.13 12.27
N VAL B 167 -4.40 -6.19 10.95
CA VAL B 167 -3.09 -6.26 10.30
C VAL B 167 -2.61 -4.87 9.91
N ASN B 168 -3.39 -4.14 9.08
CA ASN B 168 -3.15 -2.70 8.83
C ASN B 168 -4.20 -1.77 9.47
N THR B 169 -5.00 -2.30 10.40
CA THR B 169 -5.89 -1.50 11.24
C THR B 169 -5.71 -2.02 12.67
N PRO B 170 -6.10 -1.23 13.69
CA PRO B 170 -5.84 -1.64 15.08
C PRO B 170 -6.90 -2.51 15.67
N TYR B 171 -6.46 -3.44 16.50
CA TYR B 171 -7.37 -4.24 17.32
C TYR B 171 -7.21 -3.87 18.78
N LEU B 172 -8.28 -3.93 19.55
CA LEU B 172 -8.20 -3.85 21.03
C LEU B 172 -8.49 -5.23 21.63
N TYR B 173 -7.89 -5.49 22.78
CA TYR B 173 -7.98 -6.76 23.47
C TYR B 173 -8.26 -6.36 24.87
N PHE B 174 -9.42 -6.76 25.35
CA PHE B 174 -9.79 -6.64 26.76
C PHE B 174 -9.65 -7.98 27.44
N GLY B 175 -8.63 -8.08 28.27
CA GLY B 175 -8.41 -9.30 28.98
C GLY B 175 -9.07 -9.42 30.34
N MET B 176 -9.05 -10.66 30.81
CA MET B 176 -9.25 -11.00 32.21
C MET B 176 -8.25 -12.09 32.59
N TRP B 177 -8.23 -12.44 33.86
CA TRP B 177 -7.36 -13.52 34.35
C TRP B 177 -7.50 -14.78 33.53
N LYS B 178 -6.35 -15.30 33.11
CA LYS B 178 -6.23 -16.58 32.49
C LYS B 178 -6.64 -16.60 31.05
N THR B 179 -7.05 -15.46 30.47
CA THR B 179 -7.29 -15.44 29.01
C THR B 179 -5.93 -15.49 28.34
N SER B 180 -5.82 -16.12 27.19
CA SER B 180 -4.49 -16.30 26.68
C SER B 180 -4.40 -16.28 25.20
N PHE B 181 -3.16 -16.16 24.74
CA PHE B 181 -2.82 -16.24 23.32
C PHE B 181 -1.81 -17.35 23.08
N ALA B 182 -2.24 -18.27 22.23
CA ALA B 182 -1.50 -19.40 21.88
C ALA B 182 -0.27 -19.03 21.02
N TRP B 183 0.57 -20.05 20.86
CA TRP B 183 1.80 -19.96 20.10
C TRP B 183 1.50 -19.68 18.62
N HIS B 184 2.07 -18.57 18.15
CA HIS B 184 2.03 -18.17 16.77
C HIS B 184 3.12 -17.16 16.38
N THR B 185 3.37 -17.05 15.08
CA THR B 185 3.94 -15.85 14.49
C THR B 185 2.79 -15.02 13.87
N GLU B 186 3.10 -13.80 13.48
CA GLU B 186 2.10 -12.96 12.84
C GLU B 186 1.75 -13.42 11.41
N ASP B 187 0.59 -12.98 10.92
CA ASP B 187 0.24 -13.17 9.50
C ASP B 187 1.37 -12.67 8.64
N MET B 188 1.64 -13.42 7.59
CA MET B 188 2.71 -13.12 6.67
C MET B 188 4.08 -12.99 7.33
N ASP B 189 4.21 -13.57 8.52
CA ASP B 189 5.35 -13.38 9.38
C ASP B 189 5.78 -11.90 9.52
N LEU B 190 4.81 -11.01 9.61
CA LEU B 190 5.13 -9.63 9.91
C LEU B 190 5.64 -9.39 11.35
N TYR B 191 6.06 -8.15 11.58
CA TYR B 191 6.25 -7.59 12.95
C TYR B 191 4.91 -7.27 13.65
N SER B 192 4.88 -7.18 14.98
CA SER B 192 3.71 -6.64 15.69
C SER B 192 4.12 -5.68 16.75
N ILE B 193 3.20 -4.79 17.06
CA ILE B 193 3.34 -3.85 18.16
C ILE B 193 2.10 -4.01 19.08
N ASN B 194 2.30 -3.95 20.41
N ASN B 194 2.31 -3.87 20.38
CA ASN B 194 1.22 -4.19 21.42
CA ASN B 194 1.27 -4.16 21.36
C ASN B 194 1.49 -3.16 22.49
C ASN B 194 1.48 -3.19 22.51
N TYR B 195 0.49 -2.34 22.79
CA TYR B 195 0.57 -1.36 23.83
C TYR B 195 -0.44 -1.75 24.87
N LEU B 196 -0.02 -1.79 26.12
CA LEU B 196 -0.94 -2.10 27.20
C LEU B 196 -1.50 -0.83 27.77
N HIS B 197 -2.76 -0.53 27.44
CA HIS B 197 -3.33 0.78 27.84
C HIS B 197 -3.46 0.92 29.33
N PHE B 198 -4.02 -0.10 29.94
CA PHE B 198 -4.34 -0.04 31.37
C PHE B 198 -4.60 -1.45 31.93
N GLY B 199 -4.50 -1.54 33.25
CA GLY B 199 -4.94 -2.70 33.95
C GLY B 199 -3.78 -3.58 34.34
N GLU B 200 -4.10 -4.85 34.56
CA GLU B 200 -3.15 -5.83 35.07
C GLU B 200 -2.22 -6.28 33.97
N PRO B 201 -1.10 -6.91 34.34
CA PRO B 201 -0.12 -7.23 33.33
C PRO B 201 -0.48 -8.32 32.30
N LYS B 202 0.36 -8.37 31.30
CA LYS B 202 0.32 -9.44 30.33
C LYS B 202 1.71 -10.07 30.30
N SER B 203 1.76 -11.36 30.56
CA SER B 203 3.02 -12.09 30.53
C SER B 203 3.21 -12.79 29.15
N TRP B 204 4.44 -12.80 28.66
CA TRP B 204 4.74 -13.28 27.33
C TRP B 204 5.82 -14.29 27.39
N TYR B 205 5.81 -15.20 26.42
CA TYR B 205 6.86 -16.16 26.17
C TYR B 205 7.24 -16.02 24.71
N SER B 206 8.53 -16.16 24.37
CA SER B 206 9.02 -16.11 22.99
C SER B 206 10.13 -17.11 22.67
N VAL B 207 10.16 -17.54 21.43
CA VAL B 207 11.20 -18.43 20.94
C VAL B 207 11.94 -17.59 19.89
N PRO B 208 13.26 -17.58 19.92
CA PRO B 208 14.02 -16.82 18.91
C PRO B 208 13.68 -17.31 17.48
N PRO B 209 13.59 -16.38 16.51
CA PRO B 209 13.43 -16.77 15.13
C PRO B 209 14.37 -17.86 14.68
N GLU B 210 15.62 -17.77 15.08
CA GLU B 210 16.57 -18.83 14.79
C GLU B 210 16.24 -20.18 15.40
N HIS B 211 15.36 -20.27 16.40
CA HIS B 211 14.93 -21.58 16.85
C HIS B 211 13.48 -21.96 16.53
N GLY B 212 12.85 -21.17 15.68
CA GLY B 212 11.44 -21.30 15.36
C GLY B 212 11.08 -22.62 14.71
N LYS B 213 11.92 -23.09 13.77
CA LYS B 213 11.73 -24.37 13.11
C LYS B 213 11.75 -25.45 14.14
N ARG B 214 12.52 -25.30 15.21
CA ARG B 214 12.55 -26.28 16.30
C ARG B 214 11.22 -26.34 17.06
N LEU B 215 10.60 -25.19 17.28
CA LEU B 215 9.27 -25.17 17.88
C LEU B 215 8.28 -25.85 16.94
N GLU B 216 8.26 -25.49 15.66
CA GLU B 216 7.39 -26.13 14.68
C GLU B 216 7.51 -27.65 14.63
N ARG B 217 8.71 -28.15 14.58
CA ARG B 217 8.97 -29.58 14.50
C ARG B 217 8.44 -30.30 15.75
N LEU B 218 8.62 -29.69 16.93
CA LEU B 218 8.03 -30.19 18.18
C LEU B 218 6.50 -30.27 18.16
N ALA B 219 5.87 -29.20 17.70
CA ALA B 219 4.42 -29.12 17.65
C ALA B 219 3.83 -30.14 16.69
N LYS B 220 4.44 -30.22 15.49
CA LYS B 220 4.02 -31.11 14.41
C LYS B 220 4.01 -32.54 14.91
N GLY B 221 5.06 -32.94 15.62
CA GLY B 221 5.07 -34.25 16.29
C GLY B 221 4.00 -34.43 17.37
N PHE B 222 3.77 -33.41 18.22
CA PHE B 222 2.77 -33.52 19.31
C PHE B 222 1.32 -33.48 18.91
N PHE B 223 1.03 -32.99 17.70
CA PHE B 223 -0.33 -32.84 17.16
C PHE B 223 -0.27 -33.33 15.73
N PRO B 224 0.07 -34.62 15.55
CA PRO B 224 0.35 -35.12 14.18
C PRO B 224 -0.87 -34.99 13.21
N GLY B 225 -2.06 -35.24 13.73
CA GLY B 225 -3.32 -35.02 12.96
C GLY B 225 -3.49 -33.60 12.41
N SER B 226 -3.29 -32.60 13.30
CA SER B 226 -3.34 -31.16 12.93
C SER B 226 -2.38 -30.79 11.80
N ALA B 227 -1.18 -31.40 11.81
CA ALA B 227 -0.18 -31.18 10.78
C ALA B 227 -0.57 -31.67 9.40
N GLN B 228 -1.14 -32.88 9.31
CA GLN B 228 -1.59 -33.41 8.00
C GLN B 228 -2.65 -32.52 7.39
N SER B 229 -3.52 -31.96 8.24
CA SER B 229 -4.64 -31.13 7.76
C SER B 229 -4.24 -29.73 7.28
N CYS B 230 -3.12 -29.21 7.76
CA CYS B 230 -2.70 -27.85 7.43
C CYS B 230 -1.18 -27.70 7.47
N GLU B 231 -0.66 -26.92 6.52
CA GLU B 231 0.78 -26.69 6.42
C GLU B 231 1.26 -25.83 7.58
N ALA B 232 0.41 -24.93 8.08
CA ALA B 232 0.81 -24.04 9.14
C ALA B 232 -0.29 -23.97 10.15
N PHE B 233 -0.44 -25.06 10.90
CA PHE B 233 -1.54 -25.18 11.82
C PHE B 233 -1.36 -24.30 13.09
N LEU B 234 -0.12 -23.91 13.40
CA LEU B 234 0.07 -22.96 14.50
C LEU B 234 -0.67 -21.65 14.24
N ARG B 235 -0.87 -21.28 12.97
CA ARG B 235 -1.60 -20.04 12.62
C ARG B 235 -3.10 -20.08 13.04
N HIS B 236 -3.66 -21.25 13.30
CA HIS B 236 -4.99 -21.34 13.87
C HIS B 236 -5.07 -20.69 15.29
N LYS B 237 -3.94 -20.48 15.96
CA LYS B 237 -3.86 -19.94 17.32
C LYS B 237 -4.64 -20.73 18.35
N MET B 238 -4.52 -22.05 18.26
CA MET B 238 -5.21 -22.91 19.18
C MET B 238 -4.24 -23.73 19.99
N THR B 239 -2.95 -23.64 19.75
CA THR B 239 -1.99 -24.61 20.40
C THR B 239 -1.26 -23.95 21.56
N LEU B 240 -1.45 -24.47 22.75
CA LEU B 240 -0.75 -24.00 23.93
C LEU B 240 0.27 -25.05 24.40
N ILE B 241 1.48 -24.62 24.77
CA ILE B 241 2.57 -25.54 25.20
C ILE B 241 3.27 -24.86 26.36
N SER B 242 3.34 -25.53 27.52
CA SER B 242 3.92 -24.91 28.69
C SER B 242 5.45 -24.69 28.55
N PRO B 243 5.98 -23.76 29.33
CA PRO B 243 7.43 -23.56 29.32
C PRO B 243 8.18 -24.82 29.76
N LEU B 244 7.64 -25.53 30.75
CA LEU B 244 8.22 -26.81 31.17
C LEU B 244 8.37 -27.83 30.05
N MET B 245 7.43 -27.88 29.12
CA MET B 245 7.56 -28.75 27.96
C MET B 245 8.61 -28.27 26.94
N LEU B 246 8.70 -26.97 26.71
CA LEU B 246 9.75 -26.47 25.84
C LEU B 246 11.15 -26.82 26.39
N LYS B 247 11.27 -26.64 27.69
CA LYS B 247 12.44 -26.97 28.47
C LYS B 247 12.82 -28.47 28.40
N LYS B 248 11.86 -29.36 28.61
CA LYS B 248 12.03 -30.81 28.40
C LYS B 248 12.59 -31.16 27.00
N TYR B 249 12.19 -30.40 25.99
CA TYR B 249 12.62 -30.70 24.63
C TYR B 249 13.65 -29.73 24.09
N GLY B 250 14.38 -29.10 25.00
CA GLY B 250 15.42 -28.16 24.68
C GLY B 250 15.08 -27.11 23.64
N ILE B 251 13.87 -26.59 23.64
CA ILE B 251 13.60 -25.41 22.82
C ILE B 251 14.05 -24.20 23.67
N PRO B 252 14.92 -23.33 23.11
CA PRO B 252 15.24 -22.13 23.86
C PRO B 252 14.07 -21.16 23.84
N PHE B 253 13.87 -20.45 24.93
CA PHE B 253 12.83 -19.46 25.00
C PHE B 253 13.16 -18.48 26.12
N ASP B 254 12.51 -17.33 26.10
CA ASP B 254 12.57 -16.38 27.18
C ASP B 254 11.11 -15.95 27.57
N LYS B 255 10.97 -15.31 28.72
CA LYS B 255 9.71 -14.80 29.21
C LYS B 255 9.91 -13.34 29.67
N VAL B 256 8.85 -12.54 29.51
CA VAL B 256 8.84 -11.20 30.02
C VAL B 256 7.42 -10.82 30.38
N THR B 257 7.23 -10.00 31.41
CA THR B 257 5.92 -9.49 31.75
C THR B 257 5.77 -8.03 31.32
N GLN B 258 4.72 -7.75 30.58
CA GLN B 258 4.41 -6.37 30.19
C GLN B 258 3.45 -5.70 31.18
N GLU B 259 3.83 -4.53 31.67
CA GLU B 259 3.03 -3.71 32.59
C GLU B 259 2.38 -2.55 31.88
N ALA B 260 1.37 -1.97 32.55
CA ALA B 260 0.55 -0.95 31.87
C ALA B 260 1.47 0.19 31.47
N GLY B 261 1.30 0.76 30.28
CA GLY B 261 2.24 1.80 29.79
C GLY B 261 3.36 1.32 28.88
N GLU B 262 3.54 0.02 28.71
CA GLU B 262 4.70 -0.48 27.98
C GLU B 262 4.32 -1.04 26.61
N PHE B 263 5.21 -0.90 25.63
CA PHE B 263 5.04 -1.56 24.33
C PHE B 263 5.75 -2.89 24.24
N MET B 264 5.15 -3.87 23.56
CA MET B 264 5.88 -5.07 23.18
C MET B 264 5.93 -5.11 21.68
N ILE B 265 7.12 -5.44 21.17
CA ILE B 265 7.38 -5.58 19.72
C ILE B 265 7.74 -7.02 19.42
N THR B 266 7.04 -7.67 18.49
CA THR B 266 7.41 -8.96 18.05
C THR B 266 7.98 -8.80 16.63
N PHE B 267 8.89 -9.70 16.29
CA PHE B 267 9.74 -9.64 15.14
C PHE B 267 9.38 -10.77 14.17
N PRO B 268 9.66 -10.57 12.85
CA PRO B 268 9.35 -11.56 11.88
C PRO B 268 9.83 -12.91 12.31
N TYR B 269 8.89 -13.81 12.36
CA TYR B 269 9.10 -15.20 12.65
C TYR B 269 9.47 -15.45 14.10
N GLY B 270 9.14 -14.51 14.98
CA GLY B 270 9.21 -14.67 16.40
C GLY B 270 7.94 -15.35 16.89
N TYR B 271 8.04 -16.59 17.35
CA TYR B 271 6.90 -17.25 17.99
C TYR B 271 6.75 -16.69 19.38
N HIS B 272 5.53 -16.34 19.72
CA HIS B 272 5.15 -15.91 21.04
C HIS B 272 3.78 -16.47 21.48
N ALA B 273 3.59 -16.47 22.81
CA ALA B 273 2.38 -17.00 23.47
C ALA B 273 2.29 -16.25 24.73
N GLY B 274 1.15 -16.29 25.38
CA GLY B 274 1.07 -15.64 26.68
C GLY B 274 -0.27 -15.64 27.39
N PHE B 275 -0.35 -14.83 28.43
CA PHE B 275 -1.57 -14.73 29.21
C PHE B 275 -1.75 -13.43 29.98
N ASN B 276 -3.00 -13.13 30.32
CA ASN B 276 -3.34 -11.91 31.04
C ASN B 276 -3.54 -12.25 32.54
N HIS B 277 -3.01 -11.39 33.39
CA HIS B 277 -3.08 -11.54 34.78
C HIS B 277 -4.44 -11.15 35.35
N GLY B 278 -5.21 -10.36 34.62
CA GLY B 278 -6.46 -9.85 35.11
C GLY B 278 -6.97 -8.85 34.13
N PHE B 279 -7.91 -8.04 34.59
CA PHE B 279 -8.57 -7.06 33.73
C PHE B 279 -7.60 -6.05 33.17
N ASN B 280 -7.56 -5.99 31.85
CA ASN B 280 -6.64 -5.07 31.16
C ASN B 280 -7.17 -4.72 29.77
N CYS B 281 -6.51 -3.80 29.08
CA CYS B 281 -6.82 -3.48 27.73
C CYS B 281 -5.54 -3.22 26.98
N ALA B 282 -5.36 -3.85 25.83
CA ALA B 282 -4.16 -3.70 24.98
C ALA B 282 -4.58 -3.41 23.55
N GLU B 283 -3.71 -2.76 22.80
CA GLU B 283 -4.02 -2.36 21.47
C GLU B 283 -2.89 -2.88 20.61
N SER B 284 -3.18 -3.45 19.48
CA SER B 284 -2.13 -3.94 18.62
C SER B 284 -2.42 -3.86 17.13
N THR B 285 -1.35 -3.97 16.33
CA THR B 285 -1.43 -4.06 14.87
C THR B 285 -0.14 -4.66 14.41
N ASN B 286 0.01 -4.85 13.09
CA ASN B 286 1.24 -5.35 12.52
C ASN B 286 1.91 -4.23 11.78
N PHE B 287 3.19 -4.42 11.50
CA PHE B 287 3.94 -3.44 10.74
C PHE B 287 5.10 -4.09 10.05
N ALA B 288 5.83 -3.32 9.26
CA ALA B 288 6.94 -3.87 8.50
C ALA B 288 8.08 -2.91 8.31
N THR B 289 9.25 -3.49 8.11
CA THR B 289 10.44 -2.83 7.66
C THR B 289 10.89 -3.55 6.38
N ARG B 290 11.94 -3.04 5.75
CA ARG B 290 12.52 -3.71 4.57
C ARG B 290 12.96 -5.15 4.82
N ARG B 291 13.51 -5.42 6.00
CA ARG B 291 13.87 -6.80 6.38
C ARG B 291 12.70 -7.81 6.26
N TRP B 292 11.48 -7.39 6.60
CA TRP B 292 10.33 -8.27 6.51
C TRP B 292 10.11 -8.86 5.12
N ILE B 293 10.52 -8.13 4.09
CA ILE B 293 10.20 -8.51 2.73
C ILE B 293 10.62 -9.94 2.42
N GLU B 294 11.85 -10.32 2.72
CA GLU B 294 12.19 -11.72 2.53
C GLU B 294 11.33 -12.72 3.35
N TYR B 295 10.92 -12.36 4.58
CA TYR B 295 10.04 -13.23 5.39
C TYR B 295 8.68 -13.40 4.72
N GLY B 296 8.15 -12.29 4.24
CA GLY B 296 6.90 -12.29 3.51
C GLY B 296 6.83 -13.22 2.31
N LYS B 297 7.95 -13.32 1.57
CA LYS B 297 8.01 -14.12 0.34
C LYS B 297 8.14 -15.58 0.67
N GLN B 298 8.64 -15.86 1.88
CA GLN B 298 8.91 -17.23 2.28
C GLN B 298 7.96 -17.71 3.35
N ALA B 299 6.96 -16.90 3.69
CA ALA B 299 6.00 -17.29 4.74
C ALA B 299 5.16 -18.54 4.35
N VAL B 300 5.11 -19.55 5.21
CA VAL B 300 4.25 -20.71 5.00
C VAL B 300 2.87 -20.38 5.57
N LEU B 301 1.82 -20.49 4.75
CA LEU B 301 0.47 -20.05 5.09
C LEU B 301 -0.50 -21.19 5.38
N CYS B 302 -1.64 -20.84 5.98
CA CYS B 302 -2.66 -21.82 6.38
C CYS B 302 -3.27 -22.37 5.11
N SER B 303 -3.17 -23.68 4.91
CA SER B 303 -3.70 -24.33 3.70
C SER B 303 -5.04 -25.02 3.93
N CYS B 304 -5.85 -24.53 4.88
CA CYS B 304 -7.16 -25.11 5.15
C CYS B 304 -8.35 -24.13 5.26
N ARG B 305 -8.20 -22.86 4.85
CA ARG B 305 -9.25 -21.81 5.00
C ARG B 305 -9.10 -20.68 3.97
N VAL B 309 -5.37 -14.85 5.76
CA VAL B 309 -4.64 -13.63 5.37
C VAL B 309 -3.47 -13.90 4.44
N LYS B 310 -3.62 -13.48 3.20
CA LYS B 310 -2.59 -13.63 2.17
C LYS B 310 -2.32 -12.22 1.64
N ILE B 311 -1.06 -11.83 1.57
CA ILE B 311 -0.67 -10.52 1.03
C ILE B 311 0.13 -10.77 -0.22
N SER B 312 -0.23 -10.08 -1.29
CA SER B 312 0.54 -10.11 -2.53
C SER B 312 1.87 -9.41 -2.25
N MET B 313 2.98 -10.14 -2.37
CA MET B 313 4.31 -9.54 -2.20
C MET B 313 4.86 -8.76 -3.44
N ASP B 314 4.19 -8.87 -4.60
CA ASP B 314 4.75 -8.33 -5.84
C ASP B 314 5.04 -6.83 -5.70
N VAL B 315 4.08 -6.06 -5.20
CA VAL B 315 4.30 -4.62 -4.96
C VAL B 315 5.54 -4.27 -4.12
N PHE B 316 5.94 -5.16 -3.22
CA PHE B 316 7.07 -4.90 -2.33
C PHE B 316 8.38 -5.22 -3.00
N VAL B 317 8.44 -6.36 -3.69
CA VAL B 317 9.61 -6.73 -4.47
C VAL B 317 9.80 -5.66 -5.57
N ARG B 318 8.70 -5.27 -6.23
CA ARG B 318 8.74 -4.25 -7.29
C ARG B 318 9.36 -2.96 -6.81
N LYS B 319 8.97 -2.46 -5.63
CA LYS B 319 9.64 -1.27 -5.09
C LYS B 319 11.08 -1.54 -4.63
N PHE B 320 11.26 -2.51 -3.72
CA PHE B 320 12.48 -2.59 -2.88
C PHE B 320 13.50 -3.63 -3.28
N GLN B 321 13.08 -4.63 -4.07
CA GLN B 321 14.04 -5.55 -4.69
C GLN B 321 13.93 -5.56 -6.23
N PRO B 322 13.96 -4.37 -6.88
CA PRO B 322 13.75 -4.35 -8.33
C PRO B 322 14.65 -5.34 -9.05
N GLU B 323 15.96 -5.24 -8.80
CA GLU B 323 16.95 -6.21 -9.32
C GLU B 323 16.64 -7.73 -9.20
N ARG B 324 15.81 -8.14 -8.22
CA ARG B 324 15.52 -9.58 -7.99
C ARG B 324 14.18 -10.07 -8.52
N TYR B 325 13.37 -9.15 -9.06
CA TYR B 325 11.98 -9.45 -9.44
C TYR B 325 11.84 -10.62 -10.43
N LYS B 326 12.55 -10.54 -11.56
CA LYS B 326 12.47 -11.58 -12.60
C LYS B 326 12.73 -12.91 -11.95
N LEU B 327 13.86 -12.98 -11.26
CA LEU B 327 14.35 -14.23 -10.66
C LEU B 327 13.33 -14.84 -9.72
N TRP B 328 12.69 -13.99 -8.89
CA TRP B 328 11.66 -14.42 -7.91
C TRP B 328 10.35 -14.94 -8.56
N LYS B 329 9.98 -14.39 -9.72
CA LYS B 329 8.80 -14.89 -10.47
C LYS B 329 9.02 -16.27 -11.05
N ALA B 330 10.22 -16.52 -11.57
CA ALA B 330 10.56 -17.84 -12.10
C ALA B 330 10.45 -18.96 -11.04
N GLY B 331 10.71 -18.64 -9.77
CA GLY B 331 10.97 -19.64 -8.74
C GLY B 331 12.46 -19.90 -8.62
N LYS B 332 13.27 -18.92 -9.04
CA LYS B 332 14.74 -19.02 -8.97
C LYS B 332 15.33 -18.29 -7.75
N ASP B 333 14.54 -17.42 -7.12
CA ASP B 333 14.98 -16.70 -5.92
C ASP B 333 14.77 -17.56 -4.67
N ASN B 334 15.83 -18.20 -4.21
CA ASN B 334 15.82 -18.84 -2.89
C ASN B 334 17.02 -18.37 -2.07
N THR B 335 17.05 -17.06 -1.85
CA THR B 335 17.78 -16.45 -0.73
C THR B 335 17.51 -17.23 0.53
N VAL B 336 18.54 -17.56 1.28
CA VAL B 336 18.35 -18.17 2.59
C VAL B 336 18.38 -17.03 3.62
N ILE B 337 17.35 -16.97 4.48
CA ILE B 337 17.23 -15.86 5.47
C ILE B 337 18.24 -16.02 6.61
N ASP B 338 18.98 -14.95 6.93
CA ASP B 338 19.81 -14.94 8.16
C ASP B 338 19.02 -14.14 9.25
N HIS B 339 18.59 -14.85 10.29
CA HIS B 339 17.73 -14.25 11.32
C HIS B 339 18.46 -13.29 12.24
N THR B 340 19.78 -13.28 12.19
CA THR B 340 20.57 -12.42 13.02
C THR B 340 20.74 -11.02 12.44
N LEU B 341 20.46 -10.86 11.14
CA LEU B 341 20.89 -9.69 10.38
C LEU B 341 19.87 -8.56 10.60
N PRO B 342 20.33 -7.36 10.99
CA PRO B 342 19.42 -6.22 11.15
C PRO B 342 18.82 -5.69 9.86
N THR B 343 17.73 -4.94 9.97
CA THR B 343 17.14 -4.34 8.79
C THR B 343 18.17 -3.34 8.21
N PRO B 344 18.24 -3.18 6.87
CA PRO B 344 19.26 -2.26 6.30
C PRO B 344 19.09 -0.80 6.70
N GLU B 345 17.87 -0.35 7.02
CA GLU B 345 17.63 1.02 7.58
C GLU B 345 18.52 1.33 8.81
N ALA B 346 19.04 0.28 9.46
CA ALA B 346 20.07 0.40 10.51
C ALA B 346 21.45 0.90 10.02
N ALA B 347 21.55 1.24 8.72
CA ALA B 347 22.64 2.03 8.11
C ALA B 347 23.48 2.87 9.08
N GLU B 348 22.90 3.97 9.56
CA GLU B 348 23.61 4.98 10.39
C GLU B 348 24.17 4.49 11.73
N PHE B 349 23.61 3.40 12.28
CA PHE B 349 23.97 2.90 13.63
C PHE B 349 25.16 1.89 13.70
N LEU B 350 25.40 1.07 12.66
CA LEU B 350 26.54 0.12 12.64
C LEU B 350 27.65 0.56 11.65
N ALA C 8 -20.06 33.43 -14.09
CA ALA C 8 -18.71 32.80 -13.91
C ALA C 8 -17.53 33.78 -14.08
N ARG C 9 -17.72 35.02 -13.63
CA ARG C 9 -16.68 36.06 -13.74
C ARG C 9 -15.81 36.12 -12.45
N ILE C 10 -14.58 36.57 -12.58
CA ILE C 10 -13.68 36.58 -11.45
C ILE C 10 -14.18 37.66 -10.51
N MET C 11 -14.46 37.30 -9.27
CA MET C 11 -14.89 38.25 -8.25
C MET C 11 -13.71 38.67 -7.36
N THR C 12 -13.87 39.78 -6.71
CA THR C 12 -12.90 40.34 -5.81
C THR C 12 -13.60 40.60 -4.48
N PHE C 13 -12.93 40.31 -3.36
CA PHE C 13 -13.48 40.46 -1.97
C PHE C 13 -12.53 41.30 -1.14
N TYR C 14 -13.10 42.08 -0.22
CA TYR C 14 -12.40 43.00 0.68
C TYR C 14 -12.84 42.70 2.13
N PRO C 15 -12.31 41.63 2.74
CA PRO C 15 -12.77 41.35 4.08
C PRO C 15 -12.32 42.41 5.06
N THR C 16 -13.09 42.57 6.12
CA THR C 16 -12.64 43.28 7.31
C THR C 16 -11.69 42.39 8.12
N MET C 17 -11.03 43.00 9.08
CA MET C 17 -10.09 42.27 9.89
C MET C 17 -10.79 41.10 10.62
N GLU C 18 -12.02 41.27 11.11
CA GLU C 18 -12.73 40.15 11.78
C GLU C 18 -13.13 39.03 10.83
N GLU C 19 -13.51 39.39 9.62
CA GLU C 19 -13.80 38.39 8.59
C GLU C 19 -12.50 37.66 8.19
N PHE C 20 -11.41 38.41 8.13
CA PHE C 20 -10.12 37.90 7.65
C PHE C 20 -9.51 36.85 8.58
N ARG C 21 -9.83 36.90 9.87
CA ARG C 21 -9.20 36.05 10.90
C ARG C 21 -9.32 34.55 10.71
N ASN C 22 -10.47 34.06 10.25
CA ASN C 22 -10.67 32.62 10.06
C ASN C 22 -10.62 32.30 8.55
N PHE C 23 -9.50 31.72 8.12
CA PHE C 23 -9.29 31.42 6.68
C PHE C 23 -10.34 30.49 6.07
N SER C 24 -10.56 29.34 6.68
CA SER C 24 -11.47 28.35 6.14
C SER C 24 -12.92 28.88 6.07
N ARG C 25 -13.32 29.64 7.08
CA ARG C 25 -14.67 30.23 7.10
C ARG C 25 -14.86 31.22 5.92
N TYR C 26 -13.89 32.10 5.70
CA TYR C 26 -13.94 33.04 4.59
C TYR C 26 -13.91 32.36 3.26
N ILE C 27 -13.23 31.21 3.13
CA ILE C 27 -13.30 30.47 1.85
C ILE C 27 -14.75 30.01 1.65
N ALA C 28 -15.35 29.42 2.67
CA ALA C 28 -16.77 29.03 2.61
C ALA C 28 -17.67 30.24 2.29
N TYR C 29 -17.40 31.38 2.89
CA TYR C 29 -18.17 32.59 2.62
C TYR C 29 -18.02 33.01 1.14
N ILE C 30 -16.80 33.03 0.59
CA ILE C 30 -16.65 33.42 -0.82
C ILE C 30 -17.34 32.41 -1.74
N GLU C 31 -17.29 31.13 -1.43
CA GLU C 31 -18.06 30.16 -2.21
C GLU C 31 -19.57 30.37 -2.12
N SER C 32 -20.03 30.86 -0.96
CA SER C 32 -21.45 31.14 -0.79
C SER C 32 -21.91 32.28 -1.69
N GLN C 33 -20.97 33.16 -2.08
CA GLN C 33 -21.21 34.18 -3.10
C GLN C 33 -20.93 33.74 -4.53
N GLY C 34 -20.68 32.45 -4.80
CA GLY C 34 -20.42 31.96 -6.16
C GLY C 34 -19.01 32.11 -6.76
N ALA C 35 -18.04 32.51 -5.95
CA ALA C 35 -16.66 32.78 -6.39
C ALA C 35 -15.97 31.66 -7.12
N HIS C 36 -16.17 30.47 -6.60
CA HIS C 36 -15.62 29.28 -7.18
C HIS C 36 -16.05 28.99 -8.61
N ARG C 37 -17.15 29.57 -9.09
CA ARG C 37 -17.56 29.38 -10.47
C ARG C 37 -16.59 29.92 -11.53
N ALA C 38 -15.89 31.02 -11.25
CA ALA C 38 -14.87 31.55 -12.17
C ALA C 38 -13.61 30.62 -12.28
N GLY C 39 -13.35 29.89 -11.18
CA GLY C 39 -12.12 29.08 -10.97
C GLY C 39 -11.04 29.89 -10.23
N LEU C 40 -11.27 31.18 -10.04
CA LEU C 40 -10.27 32.09 -9.52
C LEU C 40 -10.97 33.24 -8.78
N ALA C 41 -10.43 33.70 -7.68
CA ALA C 41 -10.90 34.87 -6.98
C ALA C 41 -9.73 35.66 -6.41
N LYS C 42 -9.94 36.95 -6.27
CA LYS C 42 -9.05 37.84 -5.64
C LYS C 42 -9.53 38.21 -4.26
N VAL C 43 -8.63 38.25 -3.29
CA VAL C 43 -8.95 38.74 -1.95
C VAL C 43 -7.96 39.81 -1.60
N VAL C 44 -8.44 40.98 -1.24
CA VAL C 44 -7.60 42.12 -0.87
C VAL C 44 -7.69 42.15 0.62
N PRO C 45 -6.55 42.05 1.32
CA PRO C 45 -6.59 42.03 2.76
C PRO C 45 -6.83 43.42 3.31
N PRO C 46 -7.28 43.50 4.57
CA PRO C 46 -7.46 44.79 5.21
C PRO C 46 -6.12 45.51 5.34
N LYS C 47 -6.18 46.84 5.27
CA LYS C 47 -5.03 47.75 5.11
C LYS C 47 -3.99 47.65 6.20
N GLU C 48 -4.46 47.50 7.43
CA GLU C 48 -3.58 47.31 8.58
C GLU C 48 -2.65 46.12 8.37
N TRP C 49 -3.18 45.02 7.82
CA TRP C 49 -2.50 43.70 7.78
C TRP C 49 -1.25 43.64 6.90
N LYS C 50 -0.18 43.10 7.50
CA LYS C 50 1.13 42.94 6.84
C LYS C 50 1.62 41.55 7.21
N PRO C 51 2.10 40.74 6.26
CA PRO C 51 2.70 39.49 6.72
C PRO C 51 4.17 39.61 7.19
N ARG C 52 4.79 40.76 6.98
CA ARG C 52 6.21 40.94 7.26
C ARG C 52 6.53 42.45 7.29
N ALA C 53 7.44 42.86 8.18
CA ALA C 53 7.76 44.29 8.36
C ALA C 53 8.37 44.94 7.09
N SER C 54 9.49 44.39 6.63
CA SER C 54 10.11 44.80 5.36
C SER C 54 10.73 43.64 4.61
N TYR C 55 11.12 43.89 3.38
CA TYR C 55 11.77 42.87 2.61
C TYR C 55 13.21 43.30 2.32
N ASP C 56 13.88 43.75 3.38
CA ASP C 56 15.23 44.32 3.29
C ASP C 56 16.28 43.24 3.14
N ASP C 57 16.13 42.14 3.85
CA ASP C 57 17.07 41.04 3.78
C ASP C 57 16.98 40.18 2.50
N ILE C 58 15.84 40.15 1.80
CA ILE C 58 15.71 39.16 0.69
C ILE C 58 16.89 39.04 -0.28
N ASP C 59 17.69 40.09 -0.51
CA ASP C 59 18.73 40.04 -1.55
C ASP C 59 19.77 38.88 -1.36
N ASP C 60 19.94 38.47 -0.11
CA ASP C 60 20.83 37.35 0.22
C ASP C 60 20.23 35.95 0.05
N LEU C 61 18.92 35.86 -0.18
CA LEU C 61 18.21 34.57 -0.24
C LEU C 61 18.69 33.83 -1.48
N VAL C 62 19.01 32.56 -1.33
CA VAL C 62 19.46 31.73 -2.44
C VAL C 62 18.22 31.09 -3.09
N ILE C 63 18.22 31.12 -4.42
CA ILE C 63 17.25 30.48 -5.32
C ILE C 63 17.97 29.25 -5.87
N PRO C 64 17.76 28.09 -5.25
CA PRO C 64 18.63 26.93 -5.58
C PRO C 64 18.52 26.37 -6.99
N ALA C 65 17.43 26.65 -7.71
CA ALA C 65 17.16 26.04 -9.05
C ALA C 65 16.32 26.95 -10.01
N PRO C 66 16.85 28.14 -10.35
CA PRO C 66 16.18 28.95 -11.35
C PRO C 66 15.96 28.19 -12.65
N ILE C 67 14.87 28.56 -13.31
CA ILE C 67 14.41 27.91 -14.50
C ILE C 67 14.59 28.91 -15.61
N GLN C 68 15.24 28.57 -16.70
CA GLN C 68 15.15 29.42 -17.89
C GLN C 68 14.02 28.84 -18.71
N GLN C 69 13.06 29.71 -19.06
CA GLN C 69 11.80 29.30 -19.76
C GLN C 69 11.85 29.55 -21.29
N LEU C 70 12.22 28.52 -22.00
CA LEU C 70 12.30 28.53 -23.46
C LEU C 70 10.94 28.21 -24.00
N VAL C 71 10.50 28.96 -24.99
CA VAL C 71 9.20 28.80 -25.52
C VAL C 71 9.31 28.67 -27.04
N THR C 72 8.62 27.69 -27.60
CA THR C 72 8.54 27.45 -29.07
C THR C 72 7.03 27.32 -29.55
N GLY C 73 6.71 27.94 -30.67
CA GLY C 73 5.36 27.88 -31.24
C GLY C 73 5.01 29.07 -32.07
N GLN C 74 3.74 29.15 -32.42
CA GLN C 74 3.22 30.13 -33.38
C GLN C 74 1.70 30.14 -33.25
N SER C 75 1.10 31.17 -33.80
CA SER C 75 -0.34 31.25 -34.02
C SER C 75 -1.06 30.96 -32.71
N GLY C 76 -0.53 31.50 -31.61
CA GLY C 76 -1.13 31.37 -30.29
C GLY C 76 -1.04 30.07 -29.53
N LEU C 77 -0.31 29.09 -30.05
CA LEU C 77 -0.05 27.83 -29.36
C LEU C 77 1.42 27.59 -29.14
N PHE C 78 1.79 27.32 -27.92
CA PHE C 78 3.20 27.18 -27.61
C PHE C 78 3.46 26.06 -26.67
N THR C 79 4.69 25.57 -26.72
CA THR C 79 5.20 24.67 -25.70
C THR C 79 6.37 25.37 -24.97
N GLN C 80 6.39 25.30 -23.63
CA GLN C 80 7.41 25.89 -22.77
C GLN C 80 8.34 24.78 -22.22
N TYR C 81 9.62 24.90 -22.52
CA TYR C 81 10.63 23.98 -21.99
C TYR C 81 11.30 24.69 -20.83
N ASN C 82 11.09 24.18 -19.63
CA ASN C 82 11.60 24.79 -18.40
C ASN C 82 12.91 24.18 -17.99
N ILE C 83 14.03 24.84 -18.36
CA ILE C 83 15.42 24.36 -18.10
C ILE C 83 16.08 24.85 -16.83
N GLN C 84 16.45 23.91 -15.96
CA GLN C 84 17.10 24.23 -14.69
C GLN C 84 18.53 24.78 -14.90
N LYS C 85 18.83 25.84 -14.16
CA LYS C 85 20.12 26.52 -14.17
C LYS C 85 20.71 26.48 -12.74
N LYS C 86 21.95 26.90 -12.62
CA LYS C 86 22.62 26.84 -11.34
C LYS C 86 22.07 27.86 -10.33
N ALA C 87 22.25 27.56 -9.05
CA ALA C 87 21.85 28.49 -7.99
C ALA C 87 22.35 29.94 -8.21
N MET C 88 21.46 30.88 -7.87
CA MET C 88 21.79 32.30 -7.73
C MET C 88 21.07 32.91 -6.51
N THR C 89 21.61 34.06 -6.02
CA THR C 89 20.97 34.83 -5.00
C THR C 89 19.86 35.68 -5.60
N VAL C 90 18.92 36.09 -4.76
CA VAL C 90 17.89 37.04 -5.25
C VAL C 90 18.59 38.34 -5.75
N ARG C 91 19.74 38.68 -5.17
CA ARG C 91 20.53 39.81 -5.65
C ARG C 91 20.94 39.58 -7.10
N GLU C 92 21.57 38.46 -7.40
CA GLU C 92 21.98 38.16 -8.79
C GLU C 92 20.71 38.19 -9.69
N PHE C 93 19.60 37.64 -9.18
CA PHE C 93 18.37 37.54 -9.99
C PHE C 93 17.82 38.91 -10.36
N ARG C 94 17.70 39.74 -9.34
CA ARG C 94 17.16 41.08 -9.43
C ARG C 94 17.88 41.94 -10.45
N LYS C 95 19.18 41.81 -10.46
CA LYS C 95 20.03 42.50 -11.41
C LYS C 95 19.74 42.05 -12.87
N ILE C 96 19.67 40.75 -13.12
CA ILE C 96 19.31 40.27 -14.47
C ILE C 96 17.91 40.80 -14.83
N ALA C 97 16.98 40.70 -13.87
CA ALA C 97 15.61 41.11 -14.09
C ALA C 97 15.51 42.57 -14.48
N ASN C 98 16.35 43.43 -13.90
CA ASN C 98 16.23 44.87 -14.17
C ASN C 98 17.13 45.31 -15.30
N SER C 99 17.98 44.41 -15.78
CA SER C 99 18.87 44.71 -16.92
C SER C 99 18.09 45.02 -18.19
N ASP C 100 18.75 45.71 -19.12
CA ASP C 100 18.08 46.18 -20.33
C ASP C 100 17.58 45.05 -21.18
N LYS C 101 18.32 43.95 -21.24
CA LYS C 101 17.87 42.82 -22.03
C LYS C 101 16.51 42.21 -21.56
N TYR C 102 16.27 42.22 -20.23
CA TYR C 102 15.15 41.50 -19.61
C TYR C 102 14.07 42.37 -18.95
N CYS C 103 14.27 43.70 -18.82
CA CYS C 103 13.33 44.51 -18.02
C CYS C 103 11.97 44.70 -18.72
N THR C 104 10.95 45.03 -17.96
CA THR C 104 9.59 45.28 -18.52
C THR C 104 9.64 46.35 -19.64
N PRO C 105 8.93 46.12 -20.78
CA PRO C 105 8.85 47.25 -21.74
C PRO C 105 8.07 48.43 -21.19
N ARG C 106 8.24 49.59 -21.83
CA ARG C 106 7.44 50.82 -21.57
C ARG C 106 5.98 50.60 -22.02
N TYR C 107 5.03 51.02 -21.20
CA TYR C 107 3.61 50.96 -21.51
C TYR C 107 2.79 51.97 -20.70
N PHE C 110 -2.34 48.13 -19.48
CA PHE C 110 -2.29 46.67 -19.34
C PHE C 110 -2.46 45.94 -20.67
N GLU C 111 -3.46 46.33 -21.47
CA GLU C 111 -3.75 45.63 -22.73
C GLU C 111 -2.61 45.82 -23.74
N GLU C 112 -1.65 46.70 -23.41
CA GLU C 112 -0.46 46.89 -24.23
C GLU C 112 0.57 45.86 -23.81
N LEU C 113 0.77 45.75 -22.50
CA LEU C 113 1.67 44.78 -21.94
C LEU C 113 1.28 43.37 -22.32
N GLU C 114 -0.02 43.08 -22.29
CA GLU C 114 -0.54 41.75 -22.59
C GLU C 114 -0.23 41.40 -24.04
N ARG C 115 -0.51 42.32 -24.93
CA ARG C 115 -0.18 42.13 -26.31
C ARG C 115 1.29 41.87 -26.56
N LYS C 116 2.15 42.60 -25.84
CA LYS C 116 3.57 42.39 -25.95
C LYS C 116 3.97 41.03 -25.49
N TYR C 117 3.33 40.52 -24.42
CA TYR C 117 3.69 39.20 -23.91
C TYR C 117 3.45 38.15 -24.96
N TRP C 118 2.24 38.14 -25.53
CA TRP C 118 1.83 37.14 -26.51
C TRP C 118 2.56 37.28 -27.85
N LYS C 119 3.08 38.48 -28.13
CA LYS C 119 3.88 38.74 -29.31
C LYS C 119 5.35 38.34 -29.10
N ASN C 120 5.90 38.57 -27.93
CA ASN C 120 7.32 38.38 -27.69
C ASN C 120 7.67 37.17 -26.83
N LEU C 121 6.73 36.33 -26.43
CA LEU C 121 7.08 35.31 -25.43
C LEU C 121 8.10 34.27 -25.84
N THR C 122 8.31 34.08 -27.14
CA THR C 122 9.36 33.17 -27.67
C THR C 122 10.77 33.81 -27.74
N PHE C 123 10.89 35.14 -27.60
CA PHE C 123 12.20 35.83 -27.68
C PHE C 123 12.80 36.04 -26.31
N ASN C 124 14.13 35.99 -26.21
CA ASN C 124 14.88 36.38 -24.99
C ASN C 124 14.43 35.64 -23.72
N PRO C 125 14.44 34.30 -23.74
CA PRO C 125 13.97 33.48 -22.63
C PRO C 125 14.41 33.97 -21.24
N PRO C 126 13.44 34.34 -20.41
CA PRO C 126 13.76 34.85 -19.09
C PRO C 126 14.03 33.75 -18.14
N ILE C 127 14.36 34.13 -16.94
CA ILE C 127 14.66 33.19 -15.91
C ILE C 127 13.60 33.38 -14.89
N TYR C 128 13.08 32.27 -14.32
CA TYR C 128 12.06 32.30 -13.31
C TYR C 128 12.60 31.61 -12.11
N GLY C 129 12.67 32.37 -11.02
CA GLY C 129 13.08 31.82 -9.75
C GLY C 129 11.93 31.11 -9.10
N ALA C 130 11.57 29.99 -9.68
CA ALA C 130 10.39 29.27 -9.26
C ALA C 130 10.73 28.19 -8.24
N ASP C 131 9.68 27.84 -7.47
CA ASP C 131 9.65 26.62 -6.65
C ASP C 131 10.75 26.63 -5.60
N VAL C 132 10.93 27.77 -4.97
CA VAL C 132 11.89 27.93 -3.90
C VAL C 132 11.18 27.56 -2.59
N ASN C 133 11.66 26.55 -1.87
CA ASN C 133 11.08 26.21 -0.54
C ASN C 133 11.39 27.32 0.42
N GLY C 134 10.35 27.86 1.03
CA GLY C 134 10.50 28.95 1.99
C GLY C 134 9.21 29.73 2.20
N THR C 135 9.19 30.51 3.26
CA THR C 135 8.14 31.49 3.51
C THR C 135 8.75 32.86 3.83
N LEU C 136 8.02 33.92 3.47
CA LEU C 136 8.36 35.30 3.90
C LEU C 136 7.44 35.82 4.99
N TYR C 137 6.52 34.99 5.46
CA TYR C 137 5.72 35.37 6.61
C TYR C 137 6.57 35.29 7.85
N GLU C 138 6.51 36.33 8.65
CA GLU C 138 6.96 36.25 10.03
C GLU C 138 6.18 35.14 10.72
N LYS C 139 6.88 34.38 11.57
CA LYS C 139 6.33 33.14 12.19
C LYS C 139 5.04 33.40 12.94
N HIS C 140 4.96 34.61 13.54
CA HIS C 140 3.84 35.08 14.40
C HIS C 140 2.56 35.68 13.71
N VAL C 141 2.50 35.63 12.38
CA VAL C 141 1.30 36.11 11.68
C VAL C 141 0.25 34.99 11.75
N ASP C 142 -0.85 35.29 12.45
CA ASP C 142 -1.94 34.33 12.68
C ASP C 142 -2.97 34.27 11.56
N GLU C 143 -3.04 35.32 10.73
CA GLU C 143 -4.05 35.41 9.67
C GLU C 143 -3.47 35.01 8.27
N TRP C 144 -4.12 34.05 7.59
CA TRP C 144 -3.79 33.69 6.22
C TRP C 144 -2.29 33.39 6.11
N ASN C 145 -1.78 32.58 7.03
CA ASN C 145 -0.37 32.23 7.00
C ASN C 145 -0.18 31.04 6.11
N ILE C 146 0.27 31.31 4.90
CA ILE C 146 0.42 30.30 3.88
C ILE C 146 1.24 29.11 4.41
N GLY C 147 2.18 29.34 5.33
CA GLY C 147 2.87 28.23 6.00
C GLY C 147 2.02 27.32 6.89
N ARG C 148 0.80 27.74 7.27
CA ARG C 148 -0.02 27.00 8.25
C ARG C 148 -1.48 27.41 8.30
N LEU C 149 -2.21 27.02 7.25
CA LEU C 149 -3.57 27.51 7.01
C LEU C 149 -4.65 26.87 7.88
N ARG C 150 -4.41 25.67 8.38
CA ARG C 150 -5.35 24.94 9.27
C ARG C 150 -6.55 24.42 8.46
N THR C 151 -6.28 23.78 7.32
CA THR C 151 -7.35 23.17 6.51
C THR C 151 -7.19 21.70 6.64
N ILE C 152 -8.17 21.01 6.08
CA ILE C 152 -8.15 19.55 6.08
C ILE C 152 -7.06 18.93 5.20
N LEU C 153 -6.31 19.71 4.44
CA LEU C 153 -5.20 19.09 3.73
C LEU C 153 -4.13 18.58 4.73
N ASP C 154 -4.12 19.18 5.94
CA ASP C 154 -3.26 18.80 7.08
C ASP C 154 -3.27 17.29 7.40
N LEU C 155 -4.41 16.64 7.19
CA LEU C 155 -4.49 15.19 7.27
C LEU C 155 -3.48 14.40 6.44
N VAL C 156 -2.97 14.98 5.36
CA VAL C 156 -2.09 14.22 4.48
C VAL C 156 -0.79 13.93 5.22
N GLU C 157 -0.26 14.93 5.90
CA GLU C 157 0.98 14.81 6.62
C GLU C 157 0.83 14.22 8.04
N LYS C 158 -0.29 14.52 8.71
CA LYS C 158 -0.69 13.83 9.96
C LYS C 158 -0.69 12.31 9.75
N GLU C 159 -1.59 11.83 8.91
CA GLU C 159 -1.74 10.42 8.72
C GLU C 159 -0.50 9.80 8.12
N SER C 160 -0.10 10.24 6.94
CA SER C 160 0.99 9.60 6.18
C SER C 160 2.44 10.08 6.54
N GLY C 161 2.59 11.08 7.42
CA GLY C 161 3.92 11.62 7.71
C GLY C 161 4.61 12.27 6.50
N ILE C 162 3.91 12.43 5.36
CA ILE C 162 4.57 12.84 4.11
C ILE C 162 4.58 14.39 3.97
N THR C 163 5.74 14.90 3.56
CA THR C 163 5.90 16.26 3.01
C THR C 163 5.94 16.20 1.45
N ILE C 164 5.13 17.06 0.81
CA ILE C 164 5.09 17.22 -0.63
C ILE C 164 5.36 18.69 -0.91
N GLU C 165 6.55 18.97 -1.43
CA GLU C 165 7.00 20.35 -1.54
C GLU C 165 6.06 21.17 -2.45
N GLY C 166 5.58 22.28 -1.91
CA GLY C 166 4.74 23.23 -2.66
C GLY C 166 3.26 22.95 -2.45
N VAL C 167 2.93 21.75 -1.98
CA VAL C 167 1.57 21.30 -1.88
C VAL C 167 1.10 21.46 -0.43
N ASN C 168 1.83 20.88 0.52
CA ASN C 168 1.57 21.14 1.91
C ASN C 168 2.76 21.83 2.63
N THR C 169 3.69 22.38 1.84
CA THR C 169 4.65 23.40 2.33
C THR C 169 4.63 24.53 1.31
N PRO C 170 5.06 25.74 1.69
CA PRO C 170 5.03 26.88 0.77
C PRO C 170 6.22 26.93 -0.21
N TYR C 171 5.94 27.52 -1.37
CA TYR C 171 6.87 27.88 -2.40
C TYR C 171 6.91 29.39 -2.56
N LEU C 172 8.10 29.93 -2.91
CA LEU C 172 8.31 31.33 -3.26
C LEU C 172 8.68 31.33 -4.72
N TYR C 173 8.21 32.35 -5.44
CA TYR C 173 8.38 32.49 -6.91
C TYR C 173 8.87 33.90 -7.18
N PHE C 174 10.11 33.98 -7.67
CA PHE C 174 10.72 35.23 -8.04
C PHE C 174 10.53 35.45 -9.50
N GLY C 175 9.69 36.42 -9.84
CA GLY C 175 9.43 36.69 -11.26
C GLY C 175 10.24 37.81 -11.89
N MET C 176 10.48 37.71 -13.18
CA MET C 176 10.88 38.86 -13.97
C MET C 176 9.88 38.98 -15.15
N TRP C 177 9.95 40.08 -15.89
CA TRP C 177 9.12 40.28 -17.06
C TRP C 177 9.07 39.04 -17.95
N LYS C 178 7.85 38.65 -18.34
CA LYS C 178 7.59 37.66 -19.35
C LYS C 178 7.81 36.24 -18.86
N THR C 179 8.15 36.07 -17.59
CA THR C 179 8.06 34.74 -16.98
C THR C 179 6.57 34.34 -16.86
N SER C 180 6.29 33.04 -16.89
CA SER C 180 4.92 32.63 -17.10
C SER C 180 4.66 31.27 -16.59
N PHE C 181 3.37 31.05 -16.28
CA PHE C 181 2.89 29.77 -15.93
C PHE C 181 1.85 29.30 -16.98
N ALA C 182 2.10 28.10 -17.43
CA ALA C 182 1.30 27.44 -18.45
C ALA C 182 -0.05 26.97 -17.90
N TRP C 183 -0.96 26.57 -18.79
CA TRP C 183 -2.32 26.14 -18.33
C TRP C 183 -2.20 24.88 -17.51
N HIS C 184 -2.76 24.89 -16.31
CA HIS C 184 -2.77 23.73 -15.41
C HIS C 184 -3.87 23.90 -14.40
N THR C 185 -4.28 22.78 -13.80
CA THR C 185 -5.02 22.77 -12.56
C THR C 185 -3.99 22.30 -11.53
N GLU C 186 -4.29 22.50 -10.26
CA GLU C 186 -3.42 22.10 -9.21
C GLU C 186 -3.27 20.58 -9.07
N ASP C 187 -2.23 20.14 -8.34
CA ASP C 187 -2.09 18.71 -7.97
C ASP C 187 -3.33 18.15 -7.22
N MET C 188 -3.82 17.00 -7.72
CA MET C 188 -5.03 16.35 -7.21
C MET C 188 -6.24 17.27 -7.27
N ASP C 189 -6.15 18.29 -8.15
CA ASP C 189 -7.19 19.31 -8.35
C ASP C 189 -7.55 20.01 -7.05
N LEU C 190 -6.55 20.28 -6.23
CA LEU C 190 -6.71 21.13 -5.04
C LEU C 190 -6.97 22.61 -5.35
N TYR C 191 -7.28 23.34 -4.29
CA TYR C 191 -7.28 24.76 -4.25
C TYR C 191 -5.83 25.23 -4.16
N SER C 192 -5.62 26.49 -4.50
CA SER C 192 -4.37 27.16 -4.17
C SER C 192 -4.61 28.52 -3.69
N ILE C 193 -3.59 29.04 -3.06
CA ILE C 193 -3.56 30.42 -2.60
C ILE C 193 -2.20 30.97 -2.96
N ASN C 194 -2.19 32.21 -3.49
CA ASN C 194 -1.00 32.90 -3.99
C ASN C 194 -1.00 34.29 -3.37
N TYR C 195 0.08 34.67 -2.71
CA TYR C 195 0.21 36.03 -2.18
C TYR C 195 1.39 36.66 -2.86
N LEU C 196 1.14 37.78 -3.52
CA LEU C 196 2.18 38.60 -4.12
C LEU C 196 2.81 39.54 -3.05
N HIS C 197 3.97 39.18 -2.50
CA HIS C 197 4.67 39.97 -1.44
C HIS C 197 5.10 41.35 -1.91
N PHE C 198 5.80 41.45 -3.02
CA PHE C 198 6.19 42.75 -3.53
C PHE C 198 6.45 42.71 -5.02
N GLY C 199 6.61 43.92 -5.57
CA GLY C 199 7.11 44.15 -6.90
C GLY C 199 6.01 44.35 -7.92
N GLU C 200 6.33 44.03 -9.17
CA GLU C 200 5.40 44.23 -10.25
C GLU C 200 4.23 43.19 -10.26
N PRO C 201 3.10 43.57 -10.84
CA PRO C 201 1.97 42.69 -10.90
C PRO C 201 2.20 41.33 -11.59
N LYS C 202 1.26 40.44 -11.35
CA LYS C 202 1.15 39.14 -12.01
C LYS C 202 -0.26 39.07 -12.59
N SER C 203 -0.36 38.84 -13.88
CA SER C 203 -1.67 38.69 -14.53
C SER C 203 -2.07 37.24 -14.70
N TRP C 204 -3.37 36.95 -14.59
CA TRP C 204 -3.85 35.61 -14.57
C TRP C 204 -4.94 35.48 -15.58
N TYR C 205 -5.03 34.29 -16.16
CA TYR C 205 -6.15 33.86 -16.93
C TYR C 205 -6.82 32.67 -16.27
N SER C 206 -8.15 32.60 -16.36
CA SER C 206 -8.90 31.46 -15.87
C SER C 206 -10.03 30.96 -16.76
N VAL C 207 -10.22 29.65 -16.71
CA VAL C 207 -11.34 28.97 -17.30
C VAL C 207 -12.23 28.39 -16.16
N PRO C 208 -13.56 28.70 -16.15
CA PRO C 208 -14.48 28.16 -15.14
C PRO C 208 -14.41 26.63 -15.08
N PRO C 209 -14.42 25.99 -13.88
CA PRO C 209 -14.35 24.50 -13.82
C PRO C 209 -15.41 23.77 -14.70
N GLU C 210 -16.59 24.38 -14.78
CA GLU C 210 -17.67 23.92 -15.65
C GLU C 210 -17.29 23.89 -17.12
N HIS C 211 -16.20 24.55 -17.51
CA HIS C 211 -15.71 24.48 -18.88
C HIS C 211 -14.32 23.84 -19.10
N GLY C 212 -13.69 23.36 -18.04
CA GLY C 212 -12.41 22.69 -18.14
C GLY C 212 -12.27 21.60 -19.18
N LYS C 213 -13.28 20.74 -19.28
CA LYS C 213 -13.23 19.60 -20.24
C LYS C 213 -13.12 20.15 -21.65
N ARG C 214 -13.78 21.26 -21.90
CA ARG C 214 -13.69 21.87 -23.23
C ARG C 214 -12.24 22.24 -23.50
N LEU C 215 -11.60 22.89 -22.54
CA LEU C 215 -10.21 23.28 -22.71
C LEU C 215 -9.32 22.07 -22.90
N GLU C 216 -9.51 21.04 -22.07
CA GLU C 216 -8.73 19.78 -22.22
C GLU C 216 -8.86 19.15 -23.62
N ARG C 217 -10.06 19.21 -24.21
CA ARG C 217 -10.29 18.65 -25.55
C ARG C 217 -9.71 19.56 -26.58
N LEU C 218 -9.79 20.86 -26.37
CA LEU C 218 -9.09 21.75 -27.27
C LEU C 218 -7.57 21.41 -27.29
N ALA C 219 -6.98 21.27 -26.11
CA ALA C 219 -5.53 21.03 -26.02
C ALA C 219 -5.12 19.68 -26.64
N LYS C 220 -5.89 18.63 -26.34
CA LYS C 220 -5.73 17.31 -26.95
C LYS C 220 -5.71 17.35 -28.49
N GLY C 221 -6.68 18.04 -29.08
CA GLY C 221 -6.72 18.19 -30.54
C GLY C 221 -5.49 18.85 -31.15
N PHE C 222 -4.87 19.75 -30.40
CA PHE C 222 -3.71 20.50 -30.88
C PHE C 222 -2.37 19.85 -30.61
N PHE C 223 -2.26 19.03 -29.56
CA PHE C 223 -1.05 18.26 -29.23
C PHE C 223 -1.43 16.80 -29.12
N PRO C 224 -1.80 16.16 -30.26
CA PRO C 224 -2.27 14.76 -30.21
C PRO C 224 -1.19 13.78 -29.72
N GLY C 225 0.07 14.02 -30.10
CA GLY C 225 1.24 13.29 -29.52
C GLY C 225 1.35 13.23 -27.98
N SER C 226 1.33 14.40 -27.34
CA SER C 226 1.27 14.48 -25.86
C SER C 226 0.08 13.74 -25.24
N ALA C 227 -1.09 13.89 -25.83
CA ALA C 227 -2.30 13.16 -25.41
C ALA C 227 -2.19 11.61 -25.49
N GLN C 228 -1.55 11.06 -26.51
CA GLN C 228 -1.26 9.60 -26.55
C GLN C 228 -0.34 9.19 -25.41
N SER C 229 0.72 9.98 -25.25
CA SER C 229 1.78 9.72 -24.27
C SER C 229 1.36 9.87 -22.81
N CYS C 230 0.35 10.69 -22.51
CA CYS C 230 -0.10 10.91 -21.13
C CYS C 230 -1.58 11.29 -21.09
N GLU C 231 -2.26 10.74 -20.09
CA GLU C 231 -3.68 11.01 -19.87
C GLU C 231 -3.93 12.49 -19.48
N ALA C 232 -2.99 13.10 -18.76
CA ALA C 232 -3.17 14.44 -18.20
C ALA C 232 -1.97 15.33 -18.54
N PHE C 233 -1.70 15.51 -19.82
CA PHE C 233 -0.44 16.16 -20.20
C PHE C 233 -0.33 17.65 -19.79
N LEU C 234 -1.46 18.28 -19.49
CA LEU C 234 -1.45 19.65 -19.07
C LEU C 234 -0.79 19.74 -17.74
N ARG C 235 -0.79 18.65 -16.97
CA ARG C 235 -0.05 18.58 -15.70
C ARG C 235 1.46 18.86 -15.80
N HIS C 236 2.02 18.74 -17.00
CA HIS C 236 3.41 18.99 -17.23
C HIS C 236 3.73 20.50 -17.15
N LYS C 237 2.69 21.36 -17.18
CA LYS C 237 2.82 22.79 -17.15
C LYS C 237 3.70 23.26 -18.29
N MET C 238 3.44 22.80 -19.53
CA MET C 238 4.23 23.10 -20.69
C MET C 238 3.42 23.80 -21.74
N THR C 239 2.13 23.92 -21.56
CA THR C 239 1.25 24.26 -22.66
C THR C 239 0.66 25.63 -22.52
N LEU C 240 0.96 26.52 -23.48
CA LEU C 240 0.51 27.92 -23.44
C LEU C 240 -0.41 28.10 -24.57
N ILE C 241 -1.57 28.71 -24.28
CA ILE C 241 -2.61 28.91 -25.28
C ILE C 241 -3.08 30.32 -25.05
N SER C 242 -3.03 31.14 -26.10
CA SER C 242 -3.33 32.56 -25.95
C SER C 242 -4.85 32.82 -25.83
N PRO C 243 -5.22 33.95 -25.24
CA PRO C 243 -6.63 34.26 -25.13
C PRO C 243 -7.32 34.38 -26.45
N LEU C 244 -6.61 34.81 -27.48
CA LEU C 244 -7.19 34.83 -28.83
C LEU C 244 -7.58 33.46 -29.34
N MET C 245 -6.73 32.46 -29.10
CA MET C 245 -7.12 31.08 -29.40
C MET C 245 -8.32 30.63 -28.58
N LEU C 246 -8.36 30.92 -27.30
CA LEU C 246 -9.52 30.52 -26.52
C LEU C 246 -10.82 31.13 -27.08
N LYS C 247 -10.75 32.42 -27.44
CA LYS C 247 -11.90 33.09 -28.09
C LYS C 247 -12.33 32.42 -29.41
N LYS C 248 -11.37 32.08 -30.27
CA LYS C 248 -11.63 31.44 -31.54
C LYS C 248 -12.39 30.11 -31.41
N TYR C 249 -12.03 29.32 -30.40
CA TYR C 249 -12.59 27.97 -30.16
C TYR C 249 -13.71 27.95 -29.11
N GLY C 250 -14.22 29.12 -28.72
CA GLY C 250 -15.38 29.19 -27.85
C GLY C 250 -15.20 28.74 -26.42
N ILE C 251 -14.01 28.97 -25.88
CA ILE C 251 -13.69 28.65 -24.51
C ILE C 251 -13.89 29.93 -23.69
N PRO C 252 -14.93 29.95 -22.81
CA PRO C 252 -15.06 31.07 -21.90
C PRO C 252 -13.90 31.16 -20.93
N PHE C 253 -13.45 32.39 -20.72
CA PHE C 253 -12.39 32.67 -19.77
C PHE C 253 -12.54 34.08 -19.30
N ASP C 254 -11.80 34.39 -18.25
CA ASP C 254 -11.69 35.71 -17.74
C ASP C 254 -10.23 35.96 -17.43
N LYS C 255 -9.91 37.22 -17.15
CA LYS C 255 -8.53 37.66 -16.78
C LYS C 255 -8.59 38.60 -15.59
N VAL C 256 -7.49 38.72 -14.86
CA VAL C 256 -7.36 39.71 -13.80
C VAL C 256 -5.89 39.90 -13.45
N THR C 257 -5.54 41.11 -12.98
CA THR C 257 -4.18 41.42 -12.61
C THR C 257 -4.06 41.50 -11.05
N GLN C 258 -3.06 40.82 -10.49
CA GLN C 258 -2.86 40.75 -9.07
C GLN C 258 -1.75 41.74 -8.81
N GLU C 259 -1.95 42.59 -7.80
CA GLU C 259 -0.97 43.56 -7.40
C GLU C 259 -0.40 43.22 -6.09
N ALA C 260 0.75 43.81 -5.82
CA ALA C 260 1.47 43.52 -4.61
C ALA C 260 0.54 43.70 -3.42
N GLY C 261 0.58 42.76 -2.48
CA GLY C 261 -0.31 42.84 -1.35
C GLY C 261 -1.66 42.23 -1.54
N GLU C 262 -1.94 41.60 -2.68
CA GLU C 262 -3.22 40.87 -2.87
C GLU C 262 -3.04 39.37 -2.98
N PHE C 263 -4.09 38.65 -2.55
CA PHE C 263 -4.20 37.19 -2.60
C PHE C 263 -5.00 36.75 -3.79
N MET C 264 -4.59 35.66 -4.45
CA MET C 264 -5.43 34.98 -5.44
C MET C 264 -5.70 33.59 -4.94
N ILE C 265 -6.95 33.14 -5.08
CA ILE C 265 -7.36 31.81 -4.71
C ILE C 265 -7.74 31.07 -5.99
N THR C 266 -7.21 29.88 -6.23
CA THR C 266 -7.74 29.04 -7.31
C THR C 266 -8.53 27.89 -6.73
N PHE C 267 -9.53 27.43 -7.46
CA PHE C 267 -10.53 26.47 -6.99
C PHE C 267 -10.36 25.17 -7.70
N PRO C 268 -10.86 24.08 -7.07
CA PRO C 268 -10.67 22.78 -7.68
C PRO C 268 -11.10 22.76 -9.11
N TYR C 269 -10.28 22.12 -9.92
CA TYR C 269 -10.47 22.00 -11.30
C TYR C 269 -10.55 23.35 -12.08
N GLY C 270 -10.04 24.42 -11.49
CA GLY C 270 -9.94 25.74 -12.18
C GLY C 270 -8.64 25.87 -12.99
N TYR C 271 -8.70 25.71 -14.32
CA TYR C 271 -7.52 25.86 -15.17
C TYR C 271 -7.12 27.31 -15.10
N HIS C 272 -5.85 27.57 -14.85
CA HIS C 272 -5.27 28.95 -14.87
C HIS C 272 -3.92 29.02 -15.56
N ALA C 273 -3.60 30.19 -16.08
CA ALA C 273 -2.31 30.44 -16.71
C ALA C 273 -2.01 31.92 -16.48
N GLY C 274 -0.76 32.34 -16.65
CA GLY C 274 -0.50 33.72 -16.45
C GLY C 274 0.93 34.15 -16.69
N PHE C 275 1.21 35.45 -16.47
CA PHE C 275 2.59 35.94 -16.58
C PHE C 275 2.86 37.09 -15.62
N ASN C 276 4.14 37.31 -15.39
CA ASN C 276 4.62 38.35 -14.51
C ASN C 276 5.02 39.61 -15.29
N HIS C 277 4.64 40.77 -14.76
CA HIS C 277 4.91 42.08 -15.37
C HIS C 277 6.38 42.47 -15.20
N GLY C 278 7.07 41.91 -14.20
CA GLY C 278 8.40 42.41 -13.86
C GLY C 278 8.91 41.73 -12.63
N PHE C 279 9.95 42.33 -12.02
CA PHE C 279 10.54 41.81 -10.86
C PHE C 279 9.49 41.75 -9.74
N ASN C 280 9.25 40.56 -9.16
CA ASN C 280 8.31 40.41 -8.06
C ASN C 280 8.59 39.12 -7.28
N CYS C 281 7.82 38.92 -6.25
CA CYS C 281 7.97 37.80 -5.33
C CYS C 281 6.61 37.37 -4.81
N ALA C 282 6.20 36.16 -5.16
CA ALA C 282 4.93 35.55 -4.68
C ALA C 282 5.23 34.32 -3.85
N GLU C 283 4.24 33.96 -3.01
CA GLU C 283 4.28 32.77 -2.18
C GLU C 283 2.98 31.97 -2.37
N SER C 284 3.08 30.66 -2.50
CA SER C 284 1.90 29.86 -2.69
C SER C 284 1.99 28.51 -2.04
N THR C 285 0.83 27.91 -1.88
CA THR C 285 0.71 26.54 -1.50
C THR C 285 -0.71 26.03 -1.86
N ASN C 286 -0.99 24.76 -1.63
CA ASN C 286 -2.30 24.22 -1.87
C ASN C 286 -3.04 24.08 -0.56
N PHE C 287 -4.34 23.94 -0.63
CA PHE C 287 -5.18 23.76 0.54
C PHE C 287 -6.42 23.06 0.05
N ALA C 288 -7.27 22.70 0.99
CA ALA C 288 -8.49 21.93 0.65
C ALA C 288 -9.63 22.27 1.61
N THR C 289 -10.84 21.94 1.13
CA THR C 289 -12.06 21.97 1.94
C THR C 289 -12.80 20.64 1.72
N ARG C 290 -13.98 20.48 2.33
CA ARG C 290 -14.78 19.24 2.17
C ARG C 290 -15.14 19.02 0.72
N ARG C 291 -15.44 20.12 0.03
CA ARG C 291 -15.82 20.07 -1.35
C ARG C 291 -14.77 19.47 -2.21
N TRP C 292 -13.50 19.69 -1.87
CA TRP C 292 -12.43 19.15 -2.69
C TRP C 292 -12.39 17.63 -2.75
N ILE C 293 -12.90 16.99 -1.70
CA ILE C 293 -12.71 15.56 -1.51
C ILE C 293 -13.15 14.76 -2.75
N GLU C 294 -14.29 15.09 -3.31
CA GLU C 294 -14.76 14.41 -4.53
C GLU C 294 -13.96 14.73 -5.83
N TYR C 295 -13.35 15.93 -5.84
CA TYR C 295 -12.35 16.29 -6.85
C TYR C 295 -11.09 15.43 -6.69
N GLY C 296 -10.59 15.36 -5.47
CA GLY C 296 -9.48 14.44 -5.13
C GLY C 296 -9.68 13.04 -5.70
N LYS C 297 -10.89 12.52 -5.53
CA LYS C 297 -11.21 11.16 -5.90
C LYS C 297 -11.36 10.98 -7.38
N GLN C 298 -11.58 12.05 -8.14
CA GLN C 298 -11.81 11.94 -9.59
C GLN C 298 -10.69 12.53 -10.47
N ALA C 299 -9.64 13.08 -9.83
CA ALA C 299 -8.52 13.74 -10.54
C ALA C 299 -7.88 12.80 -11.49
N VAL C 300 -7.77 13.17 -12.78
CA VAL C 300 -7.04 12.39 -13.73
C VAL C 300 -5.59 12.86 -13.55
N LEU C 301 -4.70 11.94 -13.18
CA LEU C 301 -3.30 12.27 -12.88
C LEU C 301 -2.36 11.94 -14.04
N CYS C 302 -1.16 12.51 -13.97
CA CYS C 302 -0.12 12.26 -14.95
C CYS C 302 0.27 10.76 -14.86
N SER C 303 0.19 10.04 -15.98
CA SER C 303 0.48 8.62 -16.01
C SER C 303 1.90 8.35 -16.56
N CYS C 304 2.76 9.38 -16.71
CA CYS C 304 4.02 9.25 -17.47
C CYS C 304 5.38 9.57 -16.71
N ARG C 305 5.38 9.66 -15.37
CA ARG C 305 6.60 10.10 -14.58
C ARG C 305 6.79 9.37 -13.24
N LYS C 310 0.66 12.73 -6.57
CA LYS C 310 -0.37 11.77 -6.07
C LYS C 310 -0.63 11.61 -4.53
N ILE C 311 -1.86 11.88 -4.09
CA ILE C 311 -2.25 11.80 -2.68
C ILE C 311 -3.33 10.73 -2.56
N SER C 312 -3.22 9.99 -1.47
CA SER C 312 -4.07 8.86 -1.29
C SER C 312 -5.27 9.42 -0.54
N MET C 313 -6.45 9.14 -1.08
CA MET C 313 -7.69 9.72 -0.58
C MET C 313 -8.30 8.98 0.63
N ASP C 314 -7.84 7.76 0.88
CA ASP C 314 -8.44 6.84 1.87
C ASP C 314 -8.87 7.55 3.15
N VAL C 315 -7.93 8.28 3.77
CA VAL C 315 -8.21 9.00 5.02
C VAL C 315 -9.34 10.02 4.95
N PHE C 316 -9.43 10.71 3.81
CA PHE C 316 -10.45 11.75 3.60
C PHE C 316 -11.83 11.09 3.48
N VAL C 317 -11.89 10.00 2.73
CA VAL C 317 -13.13 9.30 2.55
C VAL C 317 -13.61 8.73 3.92
N ARG C 318 -12.75 7.98 4.62
CA ARG C 318 -13.11 7.39 5.93
C ARG C 318 -13.62 8.40 6.96
N LYS C 319 -13.10 9.62 6.95
CA LYS C 319 -13.45 10.60 7.97
C LYS C 319 -14.71 11.41 7.67
N PHE C 320 -14.92 11.70 6.38
CA PHE C 320 -15.94 12.67 5.91
C PHE C 320 -17.03 12.07 5.05
N GLN C 321 -16.78 10.92 4.42
CA GLN C 321 -17.80 10.18 3.69
C GLN C 321 -17.76 8.71 4.13
N PRO C 322 -17.85 8.44 5.47
CA PRO C 322 -17.64 7.06 5.96
C PRO C 322 -18.59 6.03 5.33
N GLU C 323 -19.88 6.36 5.32
CA GLU C 323 -20.94 5.67 4.56
C GLU C 323 -20.59 5.22 3.12
N ARG C 324 -19.77 6.00 2.41
CA ARG C 324 -19.34 5.70 1.04
C ARG C 324 -17.97 4.98 0.93
N TYR C 325 -17.26 4.75 2.05
CA TYR C 325 -15.90 4.17 2.00
C TYR C 325 -15.86 2.77 1.38
N LYS C 326 -16.94 2.01 1.62
CA LYS C 326 -17.02 0.63 1.18
C LYS C 326 -17.27 0.62 -0.33
N LEU C 327 -18.32 1.32 -0.76
CA LEU C 327 -18.58 1.58 -2.20
C LEU C 327 -17.30 2.06 -2.92
N TRP C 328 -16.66 3.10 -2.38
CA TRP C 328 -15.53 3.74 -3.05
C TRP C 328 -14.38 2.74 -3.29
N LYS C 329 -14.07 1.92 -2.28
CA LYS C 329 -13.07 0.84 -2.44
C LYS C 329 -13.46 -0.24 -3.44
N ALA C 330 -14.77 -0.45 -3.64
CA ALA C 330 -15.26 -1.28 -4.76
C ALA C 330 -15.02 -0.63 -6.14
N GLY C 331 -15.50 0.60 -6.30
CA GLY C 331 -15.57 1.26 -7.63
C GLY C 331 -17.01 1.58 -7.99
N LYS C 332 -17.71 2.26 -7.08
CA LYS C 332 -19.06 2.77 -7.30
C LYS C 332 -19.09 4.22 -6.84
N THR C 335 -20.70 9.01 -8.58
CA THR C 335 -21.00 10.43 -8.40
C THR C 335 -20.55 11.27 -9.61
N VAL C 336 -21.46 12.10 -10.12
CA VAL C 336 -21.12 13.22 -11.00
C VAL C 336 -20.92 14.43 -10.09
N ILE C 337 -19.84 15.20 -10.31
CA ILE C 337 -19.58 16.45 -9.54
C ILE C 337 -20.38 17.59 -10.19
N ASP C 338 -21.01 18.42 -9.37
CA ASP C 338 -21.67 19.64 -9.83
C ASP C 338 -20.79 20.83 -9.43
N HIS C 339 -20.13 21.40 -10.43
CA HIS C 339 -19.14 22.48 -10.23
C HIS C 339 -19.74 23.77 -9.68
N THR C 340 -21.07 23.90 -9.73
CA THR C 340 -21.77 25.09 -9.17
C THR C 340 -22.01 25.02 -7.66
N LEU C 341 -21.94 23.83 -7.08
CA LEU C 341 -22.26 23.70 -5.65
C LEU C 341 -21.22 24.34 -4.68
N PRO C 342 -21.69 25.21 -3.76
CA PRO C 342 -20.79 25.63 -2.68
C PRO C 342 -20.39 24.51 -1.73
N THR C 343 -19.20 24.64 -1.15
CA THR C 343 -18.70 23.67 -0.20
C THR C 343 -19.70 23.57 0.97
N PRO C 344 -19.95 22.34 1.48
CA PRO C 344 -20.86 22.11 2.63
C PRO C 344 -20.79 23.11 3.79
N GLU C 345 -19.56 23.53 4.14
CA GLU C 345 -19.28 24.50 5.24
C GLU C 345 -20.00 25.87 5.05
N ALA C 346 -20.37 26.17 3.80
CA ALA C 346 -21.07 27.40 3.45
C ALA C 346 -22.56 27.49 3.92
N ALA C 347 -23.19 26.36 4.30
CA ALA C 347 -24.63 26.28 4.72
C ALA C 347 -25.05 27.31 5.79
N GLU C 348 -24.12 27.62 6.70
CA GLU C 348 -24.32 28.71 7.66
C GLU C 348 -24.45 30.14 7.05
N PHE C 349 -24.01 30.33 5.79
CA PHE C 349 -24.27 31.59 5.04
C PHE C 349 -25.49 31.49 4.09
N LEU C 350 -26.27 30.40 4.15
CA LEU C 350 -27.29 30.05 3.14
C LEU C 350 -28.59 29.56 3.76
N SER D 1 50.92 35.92 -53.49
CA SER D 1 50.00 35.14 -52.59
C SER D 1 48.60 35.80 -52.42
N GLU D 2 48.54 37.13 -52.54
CA GLU D 2 47.27 37.88 -52.68
C GLU D 2 46.68 37.79 -54.12
N THR D 3 47.48 37.24 -55.04
CA THR D 3 47.05 36.90 -56.39
C THR D 3 46.18 35.63 -56.43
N LEU D 4 46.37 34.75 -55.43
CA LEU D 4 45.73 33.42 -55.40
C LEU D 4 44.36 33.44 -54.72
N ASN D 5 43.38 32.83 -55.39
CA ASN D 5 41.95 32.86 -55.03
C ASN D 5 41.59 34.28 -54.56
N PRO D 6 41.70 35.25 -55.49
CA PRO D 6 41.48 36.66 -55.11
C PRO D 6 40.06 36.96 -54.61
N SER D 7 39.05 36.27 -55.15
CA SER D 7 37.64 36.41 -54.64
C SER D 7 37.38 35.66 -53.30
N ALA D 8 38.39 34.97 -52.78
CA ALA D 8 38.29 34.15 -51.58
C ALA D 8 37.08 33.19 -51.57
N ARG D 9 36.81 32.57 -52.73
CA ARG D 9 35.70 31.62 -52.88
C ARG D 9 36.08 30.23 -52.40
N ILE D 10 35.06 29.46 -52.02
CA ILE D 10 35.28 28.10 -51.51
C ILE D 10 35.74 27.26 -52.69
N MET D 11 36.90 26.64 -52.57
CA MET D 11 37.44 25.81 -53.60
C MET D 11 37.16 24.36 -53.28
N THR D 12 37.11 23.54 -54.34
CA THR D 12 36.92 22.12 -54.23
C THR D 12 38.11 21.46 -54.89
N PHE D 13 38.62 20.38 -54.30
CA PHE D 13 39.74 19.63 -54.84
C PHE D 13 39.46 18.16 -55.02
N TYR D 14 40.00 17.59 -56.11
CA TYR D 14 39.89 16.16 -56.43
C TYR D 14 41.24 15.43 -56.49
N PRO D 15 41.91 15.22 -55.33
CA PRO D 15 43.17 14.50 -55.32
C PRO D 15 43.12 13.07 -55.88
N THR D 16 44.22 12.68 -56.52
CA THR D 16 44.47 11.30 -56.93
C THR D 16 44.86 10.54 -55.68
N MET D 17 44.78 9.23 -55.76
CA MET D 17 45.24 8.41 -54.66
C MET D 17 46.66 8.80 -54.22
N GLU D 18 47.58 8.99 -55.15
CA GLU D 18 48.95 9.39 -54.79
C GLU D 18 49.00 10.69 -53.93
N GLU D 19 48.31 11.75 -54.37
CA GLU D 19 48.25 13.04 -53.61
C GLU D 19 47.61 12.88 -52.22
N PHE D 20 46.55 12.09 -52.17
CA PHE D 20 45.74 11.89 -50.98
C PHE D 20 46.50 11.28 -49.81
N ARG D 21 47.50 10.45 -50.09
CA ARG D 21 48.21 9.65 -49.07
C ARG D 21 48.77 10.43 -47.91
N ASN D 22 49.37 11.58 -48.17
CA ASN D 22 50.03 12.37 -47.13
C ASN D 22 49.16 13.59 -46.81
N PHE D 23 48.44 13.49 -45.70
CA PHE D 23 47.47 14.51 -45.29
C PHE D 23 48.08 15.89 -45.21
N SER D 24 49.15 16.03 -44.44
CA SER D 24 49.75 17.34 -44.16
C SER D 24 50.32 18.04 -45.37
N ARG D 25 50.91 17.23 -46.27
CA ARG D 25 51.39 17.71 -47.53
C ARG D 25 50.22 18.27 -48.33
N TYR D 26 49.07 17.58 -48.37
CA TYR D 26 47.98 18.02 -49.23
C TYR D 26 47.38 19.29 -48.72
N ILE D 27 47.34 19.45 -47.40
CA ILE D 27 46.88 20.70 -46.83
C ILE D 27 47.75 21.83 -47.26
N ALA D 28 49.05 21.63 -47.24
CA ALA D 28 49.99 22.67 -47.70
C ALA D 28 49.69 22.99 -49.17
N TYR D 29 49.38 21.94 -49.94
CA TYR D 29 49.08 22.14 -51.34
C TYR D 29 47.79 22.96 -51.57
N ILE D 30 46.70 22.65 -50.83
CA ILE D 30 45.50 23.47 -51.03
C ILE D 30 45.76 24.91 -50.60
N GLU D 31 46.61 25.10 -49.59
CA GLU D 31 47.01 26.42 -49.17
C GLU D 31 47.84 27.08 -50.26
N SER D 32 48.71 26.36 -50.97
CA SER D 32 49.46 26.97 -52.11
C SER D 32 48.55 27.58 -53.21
N GLN D 33 47.36 27.00 -53.37
CA GLN D 33 46.35 27.45 -54.29
C GLN D 33 45.39 28.50 -53.71
N GLY D 34 45.62 29.04 -52.51
CA GLY D 34 44.71 30.04 -51.90
C GLY D 34 43.38 29.54 -51.26
N ALA D 35 43.25 28.21 -51.05
CA ALA D 35 42.01 27.62 -50.47
C ALA D 35 41.66 28.22 -49.09
N HIS D 36 42.69 28.47 -48.33
CA HIS D 36 42.55 29.03 -47.01
C HIS D 36 41.81 30.36 -46.97
N ARG D 37 41.85 31.11 -48.06
CA ARG D 37 41.24 32.42 -48.08
C ARG D 37 39.74 32.40 -47.86
N ALA D 38 39.04 31.37 -48.32
CA ALA D 38 37.57 31.28 -48.09
C ALA D 38 37.20 30.93 -46.65
N GLY D 39 38.18 30.36 -45.92
CA GLY D 39 38.01 29.79 -44.59
C GLY D 39 37.48 28.36 -44.55
N LEU D 40 37.15 27.78 -45.71
CA LEU D 40 36.51 26.48 -45.82
C LEU D 40 36.84 25.95 -47.19
N ALA D 41 37.12 24.66 -47.30
CA ALA D 41 37.45 23.98 -48.53
C ALA D 41 36.85 22.59 -48.52
N LYS D 42 36.50 22.08 -49.70
CA LYS D 42 35.96 20.74 -49.88
C LYS D 42 37.02 19.88 -50.57
N VAL D 43 37.24 18.67 -50.07
CA VAL D 43 38.14 17.68 -50.71
C VAL D 43 37.35 16.40 -50.96
N VAL D 44 37.25 16.03 -52.23
CA VAL D 44 36.55 14.84 -52.67
C VAL D 44 37.59 13.78 -52.83
N PRO D 45 37.56 12.79 -51.93
CA PRO D 45 38.63 11.79 -52.01
C PRO D 45 38.45 10.90 -53.27
N PRO D 46 39.51 10.20 -53.70
CA PRO D 46 39.45 9.29 -54.89
C PRO D 46 38.44 8.16 -54.67
N LYS D 47 37.79 7.68 -55.71
CA LYS D 47 36.65 6.75 -55.56
C LYS D 47 37.11 5.45 -54.91
N GLU D 48 38.37 5.10 -55.14
CA GLU D 48 39.02 3.90 -54.58
C GLU D 48 39.01 3.81 -53.02
N TRP D 49 39.19 4.95 -52.35
CA TRP D 49 39.22 5.03 -50.88
C TRP D 49 37.84 4.98 -50.20
N LYS D 50 37.73 4.06 -49.22
CA LYS D 50 36.57 3.89 -48.32
C LYS D 50 37.18 3.90 -46.94
N PRO D 51 36.62 4.67 -46.00
CA PRO D 51 37.13 4.57 -44.63
C PRO D 51 36.56 3.38 -43.84
N ARG D 52 35.52 2.76 -44.33
CA ARG D 52 34.83 1.64 -43.66
C ARG D 52 34.10 0.83 -44.75
N ALA D 53 34.01 -0.51 -44.65
CA ALA D 53 33.40 -1.31 -45.80
C ALA D 53 31.90 -1.12 -45.91
N SER D 54 31.25 -1.05 -44.74
CA SER D 54 29.87 -0.69 -44.73
C SER D 54 29.44 -0.11 -43.38
N TYR D 55 28.32 0.64 -43.43
CA TYR D 55 27.73 1.24 -42.23
C TYR D 55 26.55 0.46 -41.59
N ASP D 56 26.34 -0.79 -41.98
CA ASP D 56 25.18 -1.53 -41.48
C ASP D 56 25.35 -2.17 -40.10
N ASP D 57 26.46 -1.91 -39.41
CA ASP D 57 26.79 -2.52 -38.11
C ASP D 57 27.08 -1.51 -36.97
N ILE D 58 26.46 -0.34 -37.06
CA ILE D 58 26.66 0.68 -36.03
C ILE D 58 25.42 0.91 -35.17
N ASP D 59 24.39 0.07 -35.31
CA ASP D 59 23.12 0.37 -34.64
C ASP D 59 23.14 0.39 -33.15
N ASP D 60 24.07 -0.34 -32.54
CA ASP D 60 24.24 -0.34 -31.10
C ASP D 60 25.11 0.82 -30.58
N LEU D 61 25.68 1.60 -31.48
CA LEU D 61 26.43 2.80 -31.06
C LEU D 61 25.54 3.69 -30.18
N VAL D 62 26.10 4.16 -29.08
CA VAL D 62 25.37 4.95 -28.11
C VAL D 62 25.75 6.43 -28.27
N ILE D 63 24.74 7.27 -28.32
CA ILE D 63 24.79 8.71 -28.27
C ILE D 63 24.42 9.01 -26.79
N PRO D 64 25.44 9.28 -25.94
CA PRO D 64 25.15 9.46 -24.48
C PRO D 64 24.45 10.76 -24.09
N ALA D 65 24.65 11.84 -24.85
CA ALA D 65 24.06 13.17 -24.55
C ALA D 65 23.48 13.85 -25.79
N PRO D 66 22.39 13.31 -26.35
CA PRO D 66 21.80 13.97 -27.50
C PRO D 66 21.26 15.30 -27.08
N ILE D 67 21.22 16.22 -27.99
CA ILE D 67 20.95 17.59 -27.59
C ILE D 67 19.73 18.06 -28.40
N GLN D 68 18.66 18.47 -27.71
CA GLN D 68 17.50 19.04 -28.40
C GLN D 68 17.78 20.52 -28.63
N GLN D 69 17.69 20.95 -29.88
CA GLN D 69 18.09 22.34 -30.18
C GLN D 69 16.86 23.24 -30.25
N LEU D 70 16.62 23.97 -29.16
CA LEU D 70 15.57 24.98 -29.12
C LEU D 70 16.12 26.36 -29.59
N VAL D 71 15.59 26.84 -30.72
CA VAL D 71 16.03 28.06 -31.34
C VAL D 71 15.02 29.14 -31.10
N THR D 72 15.52 30.30 -30.66
CA THR D 72 14.71 31.48 -30.48
C THR D 72 15.21 32.69 -31.29
N GLY D 73 14.26 33.51 -31.76
CA GLY D 73 14.55 34.66 -32.58
C GLY D 73 13.61 34.87 -33.73
N GLN D 74 14.00 35.86 -34.54
CA GLN D 74 13.25 36.23 -35.73
C GLN D 74 14.10 37.04 -36.71
N SER D 75 13.71 36.99 -37.99
CA SER D 75 14.18 37.96 -38.99
C SER D 75 15.71 37.84 -39.07
N GLY D 76 16.12 36.60 -39.30
CA GLY D 76 17.52 36.19 -39.42
C GLY D 76 18.50 36.26 -38.27
N LEU D 77 18.04 36.57 -37.06
CA LEU D 77 18.89 36.52 -35.86
C LEU D 77 18.31 35.58 -34.86
N PHE D 78 19.14 34.67 -34.35
CA PHE D 78 18.69 33.68 -33.42
C PHE D 78 19.70 33.28 -32.46
N THR D 79 19.20 32.83 -31.32
CA THR D 79 20.04 32.20 -30.33
C THR D 79 19.52 30.77 -30.14
N GLN D 80 20.46 29.83 -30.12
CA GLN D 80 20.16 28.44 -29.98
C GLN D 80 20.42 27.98 -28.57
N TYR D 81 19.41 27.42 -27.92
CA TYR D 81 19.52 26.81 -26.60
C TYR D 81 19.47 25.27 -26.65
N ASN D 82 20.24 24.63 -25.77
CA ASN D 82 20.33 23.15 -25.68
C ASN D 82 19.53 22.59 -24.52
N ILE D 83 18.82 21.51 -24.81
CA ILE D 83 18.16 20.75 -23.76
C ILE D 83 18.86 19.41 -23.80
N GLN D 84 19.46 18.96 -22.71
CA GLN D 84 20.06 17.63 -22.75
C GLN D 84 18.99 16.57 -22.66
N LYS D 85 19.06 15.60 -23.56
CA LYS D 85 18.15 14.44 -23.56
C LYS D 85 18.88 13.21 -23.04
N LYS D 86 18.10 12.20 -22.69
CA LYS D 86 18.68 10.95 -22.20
C LYS D 86 19.36 10.17 -23.32
N ALA D 87 20.34 9.36 -22.96
CA ALA D 87 21.07 8.55 -23.93
C ALA D 87 20.19 7.68 -24.86
N MET D 88 20.68 7.49 -26.08
CA MET D 88 20.00 6.66 -27.05
C MET D 88 20.98 6.01 -27.99
N THR D 89 20.52 4.98 -28.71
CA THR D 89 21.33 4.29 -29.70
C THR D 89 21.13 4.95 -31.05
N VAL D 90 22.01 4.66 -31.97
CA VAL D 90 21.87 5.07 -33.35
C VAL D 90 20.63 4.50 -33.94
N ARG D 91 20.26 3.27 -33.60
CA ARG D 91 19.00 2.66 -34.11
C ARG D 91 17.79 3.52 -33.73
N GLU D 92 17.71 3.88 -32.46
CA GLU D 92 16.63 4.74 -31.93
C GLU D 92 16.70 6.12 -32.52
N PHE D 93 17.93 6.62 -32.67
CA PHE D 93 18.09 7.97 -33.22
C PHE D 93 17.55 8.02 -34.66
N ARG D 94 17.98 7.07 -35.50
CA ARG D 94 17.59 7.01 -36.93
C ARG D 94 16.05 6.93 -37.08
N LYS D 95 15.44 6.13 -36.23
CA LYS D 95 14.00 5.98 -36.17
C LYS D 95 13.31 7.34 -36.00
N ILE D 96 13.65 8.06 -34.93
CA ILE D 96 13.17 9.43 -34.70
C ILE D 96 13.46 10.34 -35.90
N ALA D 97 14.70 10.37 -36.34
CA ALA D 97 15.08 11.26 -37.46
C ALA D 97 14.26 11.00 -38.72
N ASN D 98 13.98 9.71 -38.96
CA ASN D 98 13.21 9.33 -40.13
C ASN D 98 11.70 9.41 -39.93
N SER D 99 11.20 9.65 -38.72
CA SER D 99 9.75 9.73 -38.48
C SER D 99 9.10 10.94 -39.19
N ASP D 100 7.78 10.85 -39.36
CA ASP D 100 6.97 11.96 -39.87
C ASP D 100 7.11 13.23 -39.08
N LYS D 101 7.26 13.12 -37.77
CA LYS D 101 7.44 14.31 -36.98
C LYS D 101 8.75 15.10 -37.32
N TYR D 102 9.85 14.40 -37.67
CA TYR D 102 11.14 15.04 -37.76
C TYR D 102 11.80 15.03 -39.09
N CYS D 103 11.22 14.38 -40.12
CA CYS D 103 11.99 14.15 -41.34
C CYS D 103 11.99 15.35 -42.26
N THR D 104 12.94 15.31 -43.18
CA THR D 104 13.14 16.31 -44.20
C THR D 104 11.86 16.63 -44.97
N PRO D 105 11.47 17.92 -45.07
CA PRO D 105 10.32 18.19 -45.93
C PRO D 105 10.61 17.92 -47.39
N ARG D 106 9.54 17.70 -48.13
CA ARG D 106 9.61 17.59 -49.58
C ARG D 106 10.07 18.94 -50.15
N TYR D 107 11.03 18.91 -51.07
CA TYR D 107 11.46 20.11 -51.77
C TYR D 107 11.91 19.78 -53.20
N SER D 108 12.24 20.80 -54.01
CA SER D 108 12.76 20.60 -55.38
C SER D 108 14.27 20.86 -55.43
N GLU D 109 14.66 22.10 -55.16
CA GLU D 109 16.04 22.57 -55.25
C GLU D 109 16.55 22.92 -53.87
N PHE D 110 17.87 22.95 -53.73
CA PHE D 110 18.53 23.41 -52.51
C PHE D 110 17.96 24.74 -51.94
N GLU D 111 17.88 25.77 -52.74
CA GLU D 111 17.35 27.07 -52.30
C GLU D 111 15.96 27.02 -51.62
N GLU D 112 15.11 26.08 -52.05
CA GLU D 112 13.80 25.86 -51.45
C GLU D 112 13.96 25.31 -50.03
N LEU D 113 14.90 24.36 -49.89
CA LEU D 113 15.15 23.72 -48.60
C LEU D 113 15.78 24.71 -47.62
N GLU D 114 16.74 25.50 -48.11
CA GLU D 114 17.33 26.59 -47.33
C GLU D 114 16.27 27.60 -46.84
N ARG D 115 15.32 27.96 -47.71
CA ARG D 115 14.18 28.81 -47.28
C ARG D 115 13.39 28.17 -46.15
N LYS D 116 13.06 26.89 -46.35
CA LYS D 116 12.38 26.13 -45.31
C LYS D 116 13.09 26.11 -43.96
N TYR D 117 14.42 25.96 -43.98
CA TYR D 117 15.24 25.93 -42.76
C TYR D 117 15.14 27.27 -42.01
N TRP D 118 15.42 28.37 -42.71
CA TRP D 118 15.35 29.72 -42.12
C TRP D 118 13.93 30.16 -41.77
N LYS D 119 12.90 29.59 -42.36
CA LYS D 119 11.55 29.88 -41.91
C LYS D 119 11.18 29.02 -40.68
N ASN D 120 11.62 27.77 -40.64
CA ASN D 120 11.06 26.84 -39.66
C ASN D 120 11.95 26.45 -38.56
N LEU D 121 13.14 27.04 -38.52
CA LEU D 121 14.11 26.59 -37.52
C LEU D 121 13.68 26.79 -36.04
N THR D 122 12.82 27.75 -35.74
CA THR D 122 12.33 27.92 -34.35
C THR D 122 11.11 27.02 -33.98
N PHE D 123 10.69 26.14 -34.88
CA PHE D 123 9.52 25.26 -34.65
C PHE D 123 9.94 23.81 -34.57
N ASN D 124 9.24 23.02 -33.76
CA ASN D 124 9.47 21.58 -33.66
C ASN D 124 10.95 21.20 -33.45
N PRO D 125 11.48 21.50 -32.25
CA PRO D 125 12.91 21.42 -31.98
C PRO D 125 13.50 20.02 -32.17
N PRO D 126 14.51 19.93 -33.02
CA PRO D 126 14.99 18.63 -33.44
C PRO D 126 16.07 18.18 -32.48
N ILE D 127 16.52 16.94 -32.64
CA ILE D 127 17.53 16.36 -31.76
C ILE D 127 18.84 16.09 -32.50
N TYR D 128 19.95 16.54 -31.92
CA TYR D 128 21.32 16.47 -32.54
C TYR D 128 22.13 15.48 -31.73
N GLY D 129 22.53 14.36 -32.33
CA GLY D 129 23.34 13.43 -31.60
C GLY D 129 24.75 13.93 -31.76
N ALA D 130 25.12 15.01 -31.05
CA ALA D 130 26.37 15.72 -31.25
C ALA D 130 27.43 15.35 -30.26
N ASP D 131 28.69 15.66 -30.60
CA ASP D 131 29.84 15.48 -29.69
C ASP D 131 29.98 14.05 -29.14
N VAL D 132 29.82 13.03 -30.01
CA VAL D 132 29.94 11.65 -29.54
C VAL D 132 31.39 11.25 -29.67
N ASN D 133 32.00 10.78 -28.60
CA ASN D 133 33.40 10.34 -28.70
C ASN D 133 33.40 9.05 -29.46
N GLY D 134 34.08 9.02 -30.58
CA GLY D 134 34.23 7.82 -31.35
C GLY D 134 34.67 8.07 -32.76
N THR D 135 34.93 6.99 -33.46
CA THR D 135 35.25 7.01 -34.89
C THR D 135 34.49 5.89 -35.56
N LEU D 136 34.28 6.05 -36.86
CA LEU D 136 33.72 5.02 -37.74
C LEU D 136 34.72 4.45 -38.70
N TYR D 137 35.95 4.95 -38.68
CA TYR D 137 37.02 4.45 -39.54
C TYR D 137 37.39 3.03 -39.06
N GLU D 138 37.72 2.12 -39.96
CA GLU D 138 38.37 0.86 -39.59
C GLU D 138 39.86 1.08 -39.24
N LYS D 139 40.34 0.24 -38.32
CA LYS D 139 41.69 0.35 -37.77
C LYS D 139 42.78 0.61 -38.82
N HIS D 140 42.68 -0.11 -39.94
CA HIS D 140 43.75 -0.20 -40.94
C HIS D 140 43.82 1.00 -41.93
N VAL D 141 42.84 1.89 -41.90
CA VAL D 141 42.86 3.00 -42.85
C VAL D 141 43.96 4.02 -42.45
N ASP D 142 44.92 4.19 -43.35
CA ASP D 142 46.10 5.02 -43.09
C ASP D 142 45.98 6.45 -43.67
N GLU D 143 44.99 6.66 -44.54
CA GLU D 143 44.82 7.92 -45.24
C GLU D 143 43.64 8.73 -44.64
N TRP D 144 43.97 9.95 -44.22
CA TRP D 144 43.02 10.92 -43.68
C TRP D 144 42.18 10.30 -42.58
N ASN D 145 42.84 9.54 -41.71
CA ASN D 145 42.22 8.92 -40.58
C ASN D 145 42.11 9.98 -39.48
N ILE D 146 40.92 10.51 -39.38
CA ILE D 146 40.54 11.57 -38.44
C ILE D 146 40.93 11.24 -37.00
N GLY D 147 40.91 9.97 -36.65
CA GLY D 147 41.41 9.49 -35.36
C GLY D 147 42.89 9.58 -35.10
N ARG D 148 43.71 9.88 -36.11
CA ARG D 148 45.15 9.95 -35.95
C ARG D 148 45.78 10.59 -37.22
N LEU D 149 45.54 11.89 -37.41
CA LEU D 149 46.11 12.60 -38.55
C LEU D 149 47.62 12.94 -38.40
N ARG D 150 48.18 12.82 -37.20
CA ARG D 150 49.62 13.03 -37.01
C ARG D 150 50.12 14.44 -37.43
N THR D 151 49.54 15.49 -36.85
CA THR D 151 49.97 16.88 -37.17
C THR D 151 50.68 17.38 -35.93
N ILE D 152 51.20 18.58 -36.04
CA ILE D 152 51.85 19.18 -34.88
C ILE D 152 50.92 19.42 -33.73
N LEU D 153 49.61 19.37 -33.97
CA LEU D 153 48.69 19.42 -32.85
C LEU D 153 49.00 18.32 -31.86
N ASP D 154 49.65 17.25 -32.31
CA ASP D 154 50.08 16.16 -31.43
C ASP D 154 51.06 16.53 -30.32
N LEU D 155 51.80 17.64 -30.41
CA LEU D 155 52.59 18.05 -29.24
C LEU D 155 51.83 18.24 -27.93
N VAL D 156 50.58 18.67 -28.00
CA VAL D 156 49.83 18.92 -26.78
C VAL D 156 49.81 17.63 -25.95
N GLU D 157 49.65 16.49 -26.63
CA GLU D 157 49.53 15.19 -25.96
C GLU D 157 50.86 14.45 -25.86
N LYS D 158 51.58 14.33 -26.97
CA LYS D 158 52.83 13.53 -27.09
C LYS D 158 53.94 14.09 -26.19
N GLU D 159 53.97 15.41 -26.11
CA GLU D 159 54.90 16.14 -25.27
C GLU D 159 54.30 16.71 -23.95
N SER D 160 52.97 16.79 -23.81
CA SER D 160 52.35 17.29 -22.55
C SER D 160 51.21 16.44 -21.93
N GLY D 161 51.05 15.18 -22.38
CA GLY D 161 50.07 14.25 -21.78
C GLY D 161 48.60 14.36 -22.21
N VAL D 167 40.22 17.33 -28.26
CA VAL D 167 40.34 18.26 -29.44
C VAL D 167 41.30 17.65 -30.49
N ASN D 168 42.18 16.81 -29.99
CA ASN D 168 43.01 15.95 -30.74
C ASN D 168 42.43 14.54 -30.67
N THR D 169 41.10 14.38 -30.63
CA THR D 169 40.44 13.04 -30.71
C THR D 169 39.18 13.23 -31.55
N PRO D 170 38.65 12.14 -32.16
CA PRO D 170 37.56 12.28 -33.08
C PRO D 170 36.20 12.33 -32.44
N TYR D 171 35.32 13.09 -33.07
CA TYR D 171 33.93 13.23 -32.62
C TYR D 171 33.01 12.85 -33.77
N LEU D 172 31.93 12.20 -33.45
CA LEU D 172 30.86 11.91 -34.38
C LEU D 172 29.64 12.78 -34.13
N TYR D 173 28.99 13.15 -35.22
CA TYR D 173 27.77 13.96 -35.20
C TYR D 173 26.72 13.24 -35.98
N PHE D 174 25.65 12.87 -35.30
CA PHE D 174 24.51 12.24 -35.93
C PHE D 174 23.42 13.29 -36.11
N GLY D 175 23.14 13.62 -37.37
CA GLY D 175 22.18 14.69 -37.67
C GLY D 175 20.77 14.24 -38.00
N MET D 176 19.84 15.18 -37.94
CA MET D 176 18.50 15.00 -38.55
C MET D 176 18.14 16.35 -39.16
N TRP D 177 17.11 16.38 -39.98
CA TRP D 177 16.60 17.62 -40.49
C TRP D 177 16.61 18.74 -39.47
N LYS D 178 17.30 19.78 -39.89
CA LYS D 178 17.47 21.07 -39.25
C LYS D 178 18.10 21.22 -37.93
N THR D 179 18.91 20.23 -37.60
CA THR D 179 19.92 20.39 -36.61
C THR D 179 20.94 21.31 -37.22
N SER D 180 21.50 22.12 -36.35
CA SER D 180 22.32 23.28 -36.75
C SER D 180 23.66 23.31 -36.05
N PHE D 181 24.61 23.92 -36.69
CA PHE D 181 25.76 24.43 -35.95
C PHE D 181 25.87 25.94 -36.15
N ALA D 182 25.96 26.65 -35.03
CA ALA D 182 26.00 28.09 -35.02
C ALA D 182 27.33 28.64 -35.43
N TRP D 183 27.37 29.93 -35.64
CA TRP D 183 28.60 30.62 -36.06
C TRP D 183 29.74 30.52 -35.06
N HIS D 184 30.86 30.01 -35.56
CA HIS D 184 32.03 29.89 -34.78
C HIS D 184 33.29 29.69 -35.60
N THR D 185 34.42 29.99 -34.97
CA THR D 185 35.71 29.41 -35.34
C THR D 185 36.00 28.28 -34.34
N GLU D 186 36.98 27.46 -34.69
CA GLU D 186 37.45 26.39 -33.79
C GLU D 186 38.12 26.89 -32.53
N ASP D 187 38.14 26.04 -31.53
CA ASP D 187 38.91 26.32 -30.33
C ASP D 187 40.38 26.63 -30.71
N MET D 188 40.90 27.66 -30.05
CA MET D 188 42.27 28.13 -30.23
C MET D 188 42.57 28.56 -31.67
N ASP D 189 41.49 28.91 -32.37
CA ASP D 189 41.46 29.11 -33.84
C ASP D 189 42.19 28.06 -34.65
N LEU D 190 42.03 26.80 -34.23
CA LEU D 190 42.57 25.67 -35.01
C LEU D 190 41.89 25.44 -36.37
N TYR D 191 42.46 24.54 -37.13
CA TYR D 191 41.83 23.96 -38.32
C TYR D 191 40.84 22.88 -37.88
N SER D 192 39.87 22.56 -38.73
CA SER D 192 39.13 21.34 -38.55
C SER D 192 39.00 20.56 -39.82
N ILE D 193 38.70 19.29 -39.63
CA ILE D 193 38.37 18.39 -40.74
C ILE D 193 37.06 17.69 -40.36
N ASN D 194 36.15 17.50 -41.33
CA ASN D 194 34.81 16.93 -41.12
C ASN D 194 34.61 16.03 -42.31
N TYR D 195 34.36 14.77 -42.07
CA TYR D 195 34.02 13.80 -43.09
C TYR D 195 32.58 13.40 -42.95
N LEU D 196 31.79 13.50 -43.99
CA LEU D 196 30.41 12.98 -43.95
C LEU D 196 30.35 11.48 -44.36
N HIS D 197 30.11 10.60 -43.37
CA HIS D 197 30.23 9.16 -43.58
C HIS D 197 29.09 8.70 -44.47
N PHE D 198 27.87 9.10 -44.15
CA PHE D 198 26.72 8.66 -44.91
C PHE D 198 25.57 9.58 -44.61
N GLY D 199 24.54 9.46 -45.40
CA GLY D 199 23.27 10.08 -45.12
C GLY D 199 23.02 11.32 -45.97
N GLU D 200 22.08 12.09 -45.50
CA GLU D 200 21.69 13.30 -46.18
C GLU D 200 22.78 14.42 -46.01
N PRO D 201 22.77 15.44 -46.87
CA PRO D 201 23.85 16.40 -46.84
C PRO D 201 23.89 17.33 -45.64
N LYS D 202 24.99 18.07 -45.56
CA LYS D 202 25.22 19.12 -44.56
C LYS D 202 25.59 20.37 -45.40
N SER D 203 24.82 21.44 -45.23
CA SER D 203 25.09 22.73 -45.86
C SER D 203 25.85 23.64 -44.88
N TRP D 204 26.82 24.38 -45.44
CA TRP D 204 27.76 25.18 -44.70
C TRP D 204 27.74 26.59 -45.23
N TYR D 205 27.91 27.52 -44.31
CA TYR D 205 28.19 28.91 -44.60
C TYR D 205 29.56 29.22 -44.05
N SER D 206 30.34 30.04 -44.74
CA SER D 206 31.66 30.48 -44.28
C SER D 206 31.90 31.98 -44.48
N VAL D 207 32.66 32.62 -43.60
CA VAL D 207 33.17 33.99 -43.79
C VAL D 207 34.69 33.95 -43.94
N PRO D 208 35.25 34.53 -45.02
CA PRO D 208 36.71 34.54 -45.22
C PRO D 208 37.44 35.05 -43.99
N PRO D 209 38.52 34.39 -43.55
CA PRO D 209 39.22 34.85 -42.40
C PRO D 209 39.68 36.34 -42.48
N GLU D 210 40.00 36.86 -43.67
CA GLU D 210 40.29 38.29 -43.79
C GLU D 210 39.10 39.18 -43.48
N HIS D 211 37.88 38.62 -43.35
CA HIS D 211 36.70 39.43 -43.00
C HIS D 211 36.04 39.01 -41.71
N GLY D 212 36.66 38.12 -40.95
CA GLY D 212 36.10 37.61 -39.71
C GLY D 212 35.75 38.67 -38.69
N LYS D 213 36.62 39.70 -38.54
CA LYS D 213 36.36 40.74 -37.55
C LYS D 213 35.07 41.47 -37.86
N ARG D 214 34.70 41.57 -39.12
CA ARG D 214 33.42 42.21 -39.51
C ARG D 214 32.20 41.39 -39.11
N LEU D 215 32.33 40.07 -39.14
CA LEU D 215 31.26 39.22 -38.62
C LEU D 215 31.14 39.50 -37.14
N GLU D 216 32.28 39.52 -36.45
CA GLU D 216 32.29 39.72 -34.99
C GLU D 216 31.68 41.05 -34.65
N ARG D 217 32.00 42.10 -35.40
CA ARG D 217 31.46 43.44 -35.07
C ARG D 217 29.95 43.47 -35.28
N LEU D 218 29.46 42.83 -36.35
CA LEU D 218 28.03 42.68 -36.56
C LEU D 218 27.37 41.91 -35.38
N ALA D 219 27.98 40.80 -34.93
CA ALA D 219 27.35 39.98 -33.91
C ALA D 219 27.30 40.74 -32.61
N LYS D 220 28.40 41.39 -32.28
CA LYS D 220 28.45 42.26 -31.09
C LYS D 220 27.36 43.35 -31.03
N GLY D 221 27.13 44.01 -32.15
CA GLY D 221 26.10 45.01 -32.28
C GLY D 221 24.73 44.46 -31.99
N PHE D 222 24.40 43.29 -32.60
CA PHE D 222 23.13 42.60 -32.33
C PHE D 222 22.94 42.02 -30.96
N PHE D 223 24.01 41.60 -30.27
CA PHE D 223 23.85 41.00 -28.93
C PHE D 223 24.76 41.67 -27.96
N PRO D 224 24.52 42.96 -27.72
CA PRO D 224 25.46 43.71 -26.90
C PRO D 224 25.46 43.23 -25.42
N GLY D 225 24.34 42.70 -24.92
CA GLY D 225 24.36 42.05 -23.56
C GLY D 225 25.32 40.82 -23.49
N SER D 226 25.28 39.97 -24.53
CA SER D 226 26.19 38.83 -24.64
C SER D 226 27.69 39.25 -24.75
N ALA D 227 28.02 40.27 -25.53
CA ALA D 227 29.42 40.76 -25.63
C ALA D 227 29.91 41.43 -24.35
N GLN D 228 29.05 42.18 -23.69
CA GLN D 228 29.33 42.65 -22.34
C GLN D 228 29.83 41.52 -21.41
N SER D 229 29.15 40.37 -21.43
CA SER D 229 29.46 39.29 -20.47
C SER D 229 30.73 38.49 -20.77
N CYS D 230 31.17 38.46 -22.02
CA CYS D 230 32.28 37.63 -22.48
C CYS D 230 32.76 38.15 -23.87
N GLU D 231 34.04 38.39 -24.07
CA GLU D 231 34.51 38.89 -25.37
C GLU D 231 34.11 37.90 -26.45
N ALA D 232 34.56 36.65 -26.26
CA ALA D 232 34.40 35.63 -27.28
C ALA D 232 33.05 34.92 -27.19
N PHE D 233 31.91 35.63 -27.15
CA PHE D 233 30.65 34.93 -26.90
C PHE D 233 30.26 34.02 -28.07
N LEU D 234 30.79 34.27 -29.28
CA LEU D 234 30.58 33.36 -30.38
C LEU D 234 31.06 31.94 -30.08
N ARG D 235 32.07 31.80 -29.21
CA ARG D 235 32.56 30.48 -28.77
C ARG D 235 31.52 29.65 -27.99
N HIS D 236 30.45 30.24 -27.46
CA HIS D 236 29.40 29.48 -26.84
C HIS D 236 28.58 28.71 -27.91
N LYS D 237 28.75 29.01 -29.20
CA LYS D 237 28.08 28.28 -30.28
C LYS D 237 26.55 28.31 -30.20
N MET D 238 26.02 29.47 -29.86
CA MET D 238 24.59 29.63 -29.72
C MET D 238 24.07 30.62 -30.73
N THR D 239 24.93 31.28 -31.49
CA THR D 239 24.48 32.43 -32.33
C THR D 239 24.26 32.01 -33.80
N LEU D 240 23.04 32.19 -34.29
CA LEU D 240 22.68 31.89 -35.68
C LEU D 240 22.39 33.19 -36.35
N ILE D 241 22.89 33.36 -37.56
CA ILE D 241 22.67 34.61 -38.31
C ILE D 241 22.50 34.20 -39.73
N SER D 242 21.38 34.57 -40.33
CA SER D 242 21.06 34.00 -41.64
C SER D 242 21.92 34.65 -42.72
N PRO D 243 22.12 33.96 -43.85
CA PRO D 243 22.81 34.56 -44.99
C PRO D 243 22.18 35.87 -45.47
N LEU D 244 20.86 35.97 -45.42
CA LEU D 244 20.18 37.19 -45.81
C LEU D 244 20.54 38.38 -44.89
N MET D 245 20.65 38.15 -43.59
CA MET D 245 21.18 39.19 -42.71
C MET D 245 22.62 39.60 -43.07
N LEU D 246 23.45 38.64 -43.46
CA LEU D 246 24.84 38.98 -43.79
C LEU D 246 24.96 39.85 -45.05
N LYS D 247 24.14 39.51 -46.00
CA LYS D 247 24.01 40.20 -47.27
C LYS D 247 23.47 41.63 -47.07
N LYS D 248 22.46 41.76 -46.24
CA LYS D 248 21.91 43.07 -45.83
C LYS D 248 22.98 44.03 -45.25
N TYR D 249 23.94 43.49 -44.48
CA TYR D 249 25.02 44.28 -43.92
C TYR D 249 26.36 44.18 -44.62
N GLY D 250 26.38 43.67 -45.85
CA GLY D 250 27.60 43.65 -46.61
C GLY D 250 28.74 42.74 -46.15
N ILE D 251 28.46 41.75 -45.28
CA ILE D 251 29.48 40.77 -44.83
C ILE D 251 29.68 39.74 -46.01
N PRO D 252 30.91 39.58 -46.51
CA PRO D 252 31.06 38.58 -47.55
C PRO D 252 30.96 37.18 -46.92
N PHE D 253 30.36 36.23 -47.61
CA PHE D 253 30.36 34.86 -47.15
C PHE D 253 30.22 33.99 -48.41
N ASP D 254 30.47 32.69 -48.30
CA ASP D 254 30.19 31.79 -49.36
C ASP D 254 29.38 30.65 -48.76
N LYS D 255 28.78 29.85 -49.62
CA LYS D 255 28.13 28.65 -49.21
C LYS D 255 28.48 27.40 -50.04
N VAL D 256 28.26 26.24 -49.43
CA VAL D 256 28.62 24.98 -49.99
C VAL D 256 27.87 23.87 -49.26
N THR D 257 27.46 22.87 -50.02
CA THR D 257 26.72 21.72 -49.53
C THR D 257 27.71 20.54 -49.56
N GLN D 258 27.88 19.86 -48.45
CA GLN D 258 28.74 18.74 -48.34
C GLN D 258 27.88 17.47 -48.41
N GLU D 259 28.25 16.62 -49.37
CA GLU D 259 27.58 15.36 -49.64
C GLU D 259 28.34 14.21 -49.06
N ALA D 260 27.65 13.05 -48.97
CA ALA D 260 28.24 11.88 -48.31
C ALA D 260 29.47 11.44 -49.07
N GLY D 261 30.54 11.05 -48.37
CA GLY D 261 31.80 10.76 -49.02
C GLY D 261 32.75 11.96 -49.17
N GLU D 262 32.39 13.15 -48.66
CA GLU D 262 33.24 14.36 -48.88
C GLU D 262 33.83 14.90 -47.60
N PHE D 263 35.10 15.34 -47.63
CA PHE D 263 35.71 16.11 -46.53
C PHE D 263 35.50 17.61 -46.66
N MET D 264 35.19 18.27 -45.54
CA MET D 264 35.29 19.72 -45.48
C MET D 264 36.42 20.10 -44.52
N ILE D 265 37.26 21.05 -44.91
CA ILE D 265 38.34 21.56 -44.05
C ILE D 265 38.04 23.00 -43.64
N THR D 266 38.07 23.32 -42.35
CA THR D 266 37.95 24.70 -41.94
C THR D 266 39.36 25.19 -41.57
N PHE D 267 39.58 26.48 -41.82
CA PHE D 267 40.90 27.04 -41.68
C PHE D 267 40.93 27.96 -40.47
N PRO D 268 42.13 28.33 -40.00
CA PRO D 268 42.21 29.13 -38.78
C PRO D 268 41.48 30.43 -38.91
N TYR D 269 40.69 30.76 -37.91
CA TYR D 269 39.92 31.99 -37.97
C TYR D 269 38.81 32.09 -39.04
N GLY D 270 38.43 30.92 -39.63
CA GLY D 270 37.36 30.82 -40.61
C GLY D 270 36.04 30.63 -39.84
N TYR D 271 35.20 31.67 -39.80
CA TYR D 271 33.84 31.49 -39.20
C TYR D 271 33.03 30.60 -40.10
N HIS D 272 32.37 29.62 -39.50
CA HIS D 272 31.44 28.77 -40.23
C HIS D 272 30.18 28.46 -39.39
N ALA D 273 29.09 28.14 -40.10
CA ALA D 273 27.78 27.77 -39.56
C ALA D 273 27.14 26.84 -40.54
N GLY D 274 26.15 26.06 -40.09
CA GLY D 274 25.29 25.38 -41.10
C GLY D 274 24.21 24.48 -40.55
N PHE D 275 23.74 23.53 -41.35
CA PHE D 275 22.62 22.69 -40.92
C PHE D 275 22.60 21.36 -41.69
N ASN D 276 21.89 20.40 -41.15
CA ASN D 276 21.80 19.11 -41.75
C ASN D 276 20.47 18.98 -42.48
N HIS D 277 20.51 18.32 -43.62
CA HIS D 277 19.33 18.08 -44.44
C HIS D 277 18.40 16.96 -43.99
N GLY D 278 18.90 16.03 -43.20
CA GLY D 278 18.19 14.78 -42.88
C GLY D 278 19.18 13.96 -42.04
N PHE D 279 18.85 12.71 -41.82
CA PHE D 279 19.66 11.80 -41.05
C PHE D 279 21.03 11.58 -41.70
N ASN D 280 22.10 11.81 -40.95
CA ASN D 280 23.45 11.65 -41.50
C ASN D 280 24.41 11.43 -40.37
N CYS D 281 25.68 11.17 -40.66
CA CYS D 281 26.69 11.09 -39.61
C CYS D 281 28.06 11.61 -40.12
N ALA D 282 28.59 12.62 -39.42
CA ALA D 282 29.87 13.23 -39.75
C ALA D 282 30.83 12.91 -38.66
N GLU D 283 32.10 12.80 -39.03
CA GLU D 283 33.15 12.63 -38.07
C GLU D 283 34.08 13.84 -38.19
N SER D 284 34.51 14.37 -37.08
CA SER D 284 35.40 15.55 -37.15
C SER D 284 36.42 15.56 -36.05
N THR D 285 37.46 16.37 -36.25
CA THR D 285 38.49 16.66 -35.25
C THR D 285 39.18 17.93 -35.62
N ASN D 286 39.98 18.44 -34.70
CA ASN D 286 40.85 19.59 -34.97
C ASN D 286 42.27 19.17 -35.39
N PHE D 287 42.94 20.00 -36.16
CA PHE D 287 44.37 19.74 -36.42
C PHE D 287 45.10 21.09 -36.58
N ALA D 288 46.42 21.00 -36.74
CA ALA D 288 47.23 22.22 -36.89
C ALA D 288 48.35 22.07 -37.94
N THR D 289 48.81 23.20 -38.47
CA THR D 289 49.98 23.30 -39.32
C THR D 289 50.82 24.35 -38.66
N ARG D 290 52.07 24.52 -39.14
CA ARG D 290 52.95 25.56 -38.60
C ARG D 290 52.32 26.98 -38.67
N ARG D 291 51.50 27.24 -39.70
CA ARG D 291 50.81 28.53 -39.77
C ARG D 291 49.93 28.83 -38.55
N TRP D 292 49.30 27.78 -38.01
CA TRP D 292 48.34 27.94 -36.96
C TRP D 292 48.96 28.60 -35.74
N ILE D 293 50.26 28.42 -35.51
CA ILE D 293 50.85 28.77 -34.22
C ILE D 293 50.59 30.21 -33.80
N GLU D 294 50.73 31.11 -34.77
CA GLU D 294 50.48 32.53 -34.53
C GLU D 294 48.99 32.80 -34.23
N TYR D 295 48.08 32.12 -34.94
CA TYR D 295 46.64 32.13 -34.64
C TYR D 295 46.32 31.68 -33.23
N GLY D 296 46.97 30.60 -32.77
CA GLY D 296 46.79 30.15 -31.40
C GLY D 296 47.30 31.15 -30.36
N LYS D 297 48.41 31.81 -30.68
CA LYS D 297 48.98 32.83 -29.77
C LYS D 297 48.03 34.01 -29.62
N GLN D 298 47.34 34.34 -30.71
CA GLN D 298 46.47 35.53 -30.72
C GLN D 298 44.98 35.25 -30.51
N ALA D 299 44.58 33.98 -30.40
CA ALA D 299 43.16 33.66 -30.25
C ALA D 299 42.51 34.33 -29.03
N VAL D 300 41.37 34.98 -29.23
CA VAL D 300 40.58 35.56 -28.13
C VAL D 300 39.65 34.48 -27.57
N LEU D 301 39.78 34.17 -26.29
CA LEU D 301 39.08 33.05 -25.63
C LEU D 301 37.90 33.48 -24.75
N CYS D 302 37.00 32.53 -24.54
CA CYS D 302 35.82 32.77 -23.75
C CYS D 302 36.31 32.87 -22.33
N SER D 303 35.95 33.96 -21.65
CA SER D 303 36.28 34.19 -20.23
C SER D 303 35.39 33.30 -19.35
N CYS D 304 34.08 33.59 -19.47
CA CYS D 304 33.00 33.32 -18.51
C CYS D 304 32.72 31.87 -18.01
N ARG D 305 33.56 30.91 -18.37
CA ARG D 305 33.34 29.49 -18.04
C ARG D 305 34.69 28.83 -17.71
N VAL D 309 38.45 25.49 -21.96
CA VAL D 309 38.59 25.27 -23.42
C VAL D 309 39.93 25.84 -23.98
N LYS D 310 41.09 25.41 -23.47
CA LYS D 310 42.35 26.23 -23.57
C LYS D 310 43.71 25.49 -23.62
N ILE D 311 44.46 25.74 -24.69
CA ILE D 311 45.72 25.05 -24.96
C ILE D 311 46.86 25.98 -24.60
N SER D 312 47.80 25.47 -23.85
CA SER D 312 49.01 26.22 -23.55
C SER D 312 49.88 26.31 -24.82
N MET D 313 50.19 27.53 -25.28
CA MET D 313 50.99 27.71 -26.47
C MET D 313 52.50 27.58 -26.28
N ASP D 314 52.94 27.59 -25.03
CA ASP D 314 54.35 27.61 -24.59
C ASP D 314 55.15 26.49 -25.31
N VAL D 315 54.61 25.29 -25.33
CA VAL D 315 55.26 24.14 -25.95
C VAL D 315 55.49 24.39 -27.43
N PHE D 316 54.55 25.07 -28.09
CA PHE D 316 54.70 25.44 -29.49
C PHE D 316 55.72 26.54 -29.75
N VAL D 317 55.76 27.55 -28.88
CA VAL D 317 56.61 28.70 -29.09
C VAL D 317 58.07 28.24 -28.90
N ARG D 318 58.35 27.50 -27.81
CA ARG D 318 59.65 26.86 -27.50
C ARG D 318 60.18 26.06 -28.68
N LYS D 319 59.30 25.27 -29.31
CA LYS D 319 59.75 24.36 -30.37
C LYS D 319 60.01 25.04 -31.70
N PHE D 320 59.04 25.84 -32.17
CA PHE D 320 59.09 26.42 -33.50
C PHE D 320 59.55 27.85 -33.58
N GLN D 321 59.49 28.58 -32.47
CA GLN D 321 59.94 29.98 -32.42
C GLN D 321 60.85 30.21 -31.15
N PRO D 322 61.89 29.38 -30.94
CA PRO D 322 62.74 29.54 -29.70
C PRO D 322 63.37 30.93 -29.50
N GLU D 323 63.69 31.58 -30.61
CA GLU D 323 64.20 32.93 -30.63
C GLU D 323 63.17 33.96 -30.16
N ARG D 324 61.89 33.74 -30.48
CA ARG D 324 60.82 34.67 -30.06
C ARG D 324 60.25 34.38 -28.67
N TYR D 325 60.77 33.35 -28.00
CA TYR D 325 60.16 32.88 -26.76
C TYR D 325 60.20 33.95 -25.71
N LYS D 326 61.37 34.54 -25.53
CA LYS D 326 61.58 35.51 -24.44
C LYS D 326 60.67 36.72 -24.66
N LEU D 327 60.66 37.19 -25.91
CA LEU D 327 59.86 38.31 -26.37
C LEU D 327 58.37 38.04 -26.03
N TRP D 328 57.88 36.86 -26.46
CA TRP D 328 56.46 36.43 -26.28
C TRP D 328 56.06 36.24 -24.82
N LYS D 329 56.97 35.63 -24.09
CA LYS D 329 56.82 35.50 -22.67
C LYS D 329 56.63 36.90 -22.04
N ALA D 330 57.34 37.91 -22.55
CA ALA D 330 57.28 39.29 -22.02
C ALA D 330 56.08 40.19 -22.45
N GLY D 331 55.25 39.75 -23.39
CA GLY D 331 54.14 40.57 -23.93
C GLY D 331 54.55 41.37 -25.17
N LYS D 332 55.84 41.39 -25.51
CA LYS D 332 56.38 42.19 -26.60
C LYS D 332 56.27 41.55 -28.01
N ASP D 333 55.69 40.36 -28.13
CA ASP D 333 55.45 39.80 -29.47
C ASP D 333 54.10 40.30 -30.00
N ASN D 334 54.17 41.08 -31.06
CA ASN D 334 53.03 41.80 -31.61
C ASN D 334 53.04 41.66 -33.15
N THR D 335 53.34 40.44 -33.60
CA THR D 335 53.13 39.98 -34.96
C THR D 335 51.69 40.25 -35.42
N VAL D 336 51.58 40.73 -36.65
CA VAL D 336 50.33 40.98 -37.30
C VAL D 336 50.17 39.76 -38.18
N ILE D 337 49.06 39.05 -37.99
CA ILE D 337 48.71 37.93 -38.88
C ILE D 337 48.29 38.49 -40.24
N ASP D 338 48.84 37.96 -41.32
CA ASP D 338 48.29 38.19 -42.69
C ASP D 338 47.53 36.90 -43.16
N HIS D 339 46.21 36.98 -43.20
CA HIS D 339 45.40 35.79 -43.52
C HIS D 339 45.55 35.25 -44.95
N THR D 340 46.21 35.98 -45.85
CA THR D 340 46.34 35.51 -47.22
C THR D 340 47.52 34.56 -47.42
N LEU D 341 48.46 34.57 -46.49
CA LEU D 341 49.75 33.90 -46.65
C LEU D 341 49.58 32.40 -46.46
N PRO D 342 50.06 31.57 -47.41
CA PRO D 342 49.92 30.11 -47.22
C PRO D 342 50.89 29.65 -46.16
N THR D 343 50.67 28.44 -45.63
CA THR D 343 51.51 27.88 -44.52
C THR D 343 52.95 27.71 -45.04
N PRO D 344 53.98 27.86 -44.17
CA PRO D 344 55.39 27.73 -44.65
C PRO D 344 55.73 26.40 -45.38
N GLU D 345 55.05 25.31 -44.99
CA GLU D 345 55.23 23.97 -45.62
C GLU D 345 54.80 23.90 -47.12
N ALA D 346 54.04 24.90 -47.57
CA ALA D 346 53.64 25.09 -48.97
C ALA D 346 54.73 25.60 -49.96
N ALA D 347 55.97 25.81 -49.46
CA ALA D 347 57.12 26.35 -50.25
C ALA D 347 57.41 25.50 -51.49
N GLU D 348 57.45 24.18 -51.30
CA GLU D 348 57.71 23.22 -52.42
C GLU D 348 56.73 23.27 -53.62
N PHE D 349 55.58 23.94 -53.44
CA PHE D 349 54.67 24.32 -54.53
C PHE D 349 54.76 25.86 -54.65
#